data_7YPV
#
_entry.id   7YPV
#
_cell.length_a   48.714
_cell.length_b   77.826
_cell.length_c   108.990
_cell.angle_alpha   89.945
_cell.angle_beta   90.043
_cell.angle_gamma   89.991
#
_symmetry.space_group_name_H-M   'P 1'
#
loop_
_entity.id
_entity.type
_entity.pdbx_description
1 polymer Acetyltransferase
2 non-polymer 'Streptothricin F'
3 water water
#
_entity_poly.entity_id   1
_entity_poly.type   'polypeptide(L)'
_entity_poly.pdbx_seq_one_letter_code
;MGSSHHHHHHSSGLVPRGSHMTTTHDTTYAFRVARPEDVEAIAAIDGSFTTGTVFQVAVAPDGFTLREVAVDPPLVKVFP
EDDGSHDAEGEDGDRRTYVAVGAGGAVAGFTAVSYTPWNGRLTIEDIEVAPGHRGRGIGRGLMERAADFARERGAGHLWL
EVTNVNAPAIHAYLRLGFTFCGLDTALYLGTESEGEQALYMSMPCP
;
_entity_poly.pdbx_strand_id   A,B,C,D,E,F,G,H
#
loop_
_chem_comp.id
_chem_comp.type
_chem_comp.name
_chem_comp.formula
OI9 non-polymer 'Streptothricin F' 'C19 H34 N8 O8'
#
# COMPACT_ATOMS: atom_id res chain seq x y z
N THR A 27 -21.14 -6.25 0.56
CA THR A 27 -20.95 -6.96 -0.74
C THR A 27 -22.22 -6.80 -1.62
N THR A 28 -22.95 -5.68 -1.48
CA THR A 28 -24.14 -5.36 -2.31
C THR A 28 -23.80 -5.54 -3.79
N TYR A 29 -22.57 -5.17 -4.20
CA TYR A 29 -22.09 -5.22 -5.61
C TYR A 29 -20.76 -5.97 -5.68
N ALA A 30 -20.66 -6.88 -6.64
CA ALA A 30 -19.40 -7.58 -7.02
C ALA A 30 -18.77 -6.86 -8.22
N PHE A 31 -17.44 -6.91 -8.34
CA PHE A 31 -16.67 -6.35 -9.45
C PHE A 31 -15.85 -7.45 -10.13
N ARG A 32 -15.79 -7.41 -11.47
CA ARG A 32 -15.03 -8.40 -12.27
C ARG A 32 -14.74 -7.79 -13.64
N VAL A 33 -13.79 -8.41 -14.37
CA VAL A 33 -13.53 -8.10 -15.80
C VAL A 33 -14.83 -8.34 -16.56
N ALA A 34 -15.14 -7.47 -17.53
CA ALA A 34 -16.36 -7.56 -18.38
C ALA A 34 -16.24 -8.76 -19.32
N ARG A 35 -17.37 -9.43 -19.57
CA ARG A 35 -17.49 -10.59 -20.48
C ARG A 35 -18.48 -10.21 -21.58
N PRO A 36 -18.49 -10.92 -22.74
CA PRO A 36 -19.32 -10.55 -23.89
C PRO A 36 -20.79 -10.15 -23.60
N GLU A 37 -21.42 -10.78 -22.60
CA GLU A 37 -22.85 -10.54 -22.24
C GLU A 37 -23.01 -9.19 -21.53
N ASP A 38 -21.91 -8.63 -21.02
CA ASP A 38 -21.89 -7.31 -20.29
C ASP A 38 -21.79 -6.15 -21.30
N VAL A 39 -21.25 -6.40 -22.49
CA VAL A 39 -20.94 -5.37 -23.53
C VAL A 39 -22.23 -4.62 -23.89
N GLU A 40 -23.34 -5.33 -24.02
CA GLU A 40 -24.64 -4.74 -24.45
C GLU A 40 -25.22 -3.91 -23.30
N ALA A 41 -25.05 -4.35 -22.06
CA ALA A 41 -25.50 -3.62 -20.84
C ALA A 41 -24.66 -2.34 -20.67
N ILE A 42 -23.34 -2.42 -20.91
CA ILE A 42 -22.38 -1.29 -20.84
C ILE A 42 -22.83 -0.19 -21.82
N ALA A 43 -23.26 -0.58 -23.02
CA ALA A 43 -23.66 0.34 -24.13
C ALA A 43 -24.86 1.21 -23.71
N ALA A 44 -25.79 0.65 -22.94
CA ALA A 44 -27.02 1.33 -22.47
C ALA A 44 -26.71 2.40 -21.42
N ILE A 45 -25.57 2.28 -20.72
CA ILE A 45 -25.09 3.26 -19.70
C ILE A 45 -24.23 4.31 -20.40
N ASP A 46 -24.88 5.30 -21.01
CA ASP A 46 -24.28 6.29 -21.95
C ASP A 46 -23.66 7.46 -21.18
N GLY A 47 -24.06 7.67 -19.91
CA GLY A 47 -23.46 8.64 -18.99
C GLY A 47 -24.17 9.98 -19.05
N SER A 48 -25.30 10.07 -19.78
CA SER A 48 -26.16 11.27 -19.85
C SER A 48 -26.49 11.73 -18.44
N PHE A 49 -26.44 13.04 -18.21
CA PHE A 49 -26.60 13.64 -16.87
C PHE A 49 -27.34 14.98 -16.98
N THR A 50 -27.85 15.43 -15.84
CA THR A 50 -28.40 16.78 -15.61
C THR A 50 -27.50 17.43 -14.55
N THR A 51 -27.28 18.75 -14.66
CA THR A 51 -26.41 19.52 -13.74
C THR A 51 -27.00 20.92 -13.57
N GLY A 52 -27.00 21.41 -12.33
CA GLY A 52 -27.37 22.80 -11.98
C GLY A 52 -26.15 23.72 -11.99
N THR A 53 -24.96 23.18 -12.24
CA THR A 53 -23.69 23.95 -12.29
C THR A 53 -22.83 23.47 -13.46
N VAL A 54 -21.98 24.36 -13.97
CA VAL A 54 -20.91 24.04 -14.95
C VAL A 54 -19.62 24.70 -14.45
N PHE A 55 -18.46 24.20 -14.90
CA PHE A 55 -17.15 24.84 -14.67
C PHE A 55 -16.87 25.77 -15.85
N GLN A 56 -16.92 27.08 -15.61
CA GLN A 56 -16.60 28.13 -16.61
C GLN A 56 -15.08 28.21 -16.77
N VAL A 57 -14.59 28.17 -18.02
CA VAL A 57 -13.15 28.32 -18.35
C VAL A 57 -12.93 29.76 -18.82
N ALA A 58 -12.09 30.51 -18.10
CA ALA A 58 -11.65 31.88 -18.45
C ALA A 58 -10.24 31.80 -19.06
N VAL A 59 -10.09 32.24 -20.30
CA VAL A 59 -8.81 32.20 -21.08
C VAL A 59 -8.19 33.59 -21.03
N ALA A 60 -6.99 33.69 -20.43
CA ALA A 60 -6.09 34.85 -20.51
C ALA A 60 -4.91 34.49 -21.40
N PRO A 61 -4.12 35.47 -21.90
CA PRO A 61 -2.91 35.18 -22.67
C PRO A 61 -1.88 34.35 -21.90
N ASP A 62 -1.94 34.40 -20.56
CA ASP A 62 -0.92 33.80 -19.64
C ASP A 62 -1.54 32.69 -18.76
N GLY A 63 -2.79 32.27 -18.98
CA GLY A 63 -3.34 31.15 -18.18
C GLY A 63 -4.82 30.90 -18.34
N PHE A 64 -5.34 29.97 -17.53
CA PHE A 64 -6.72 29.44 -17.56
C PHE A 64 -7.23 29.33 -16.12
N THR A 65 -8.47 29.75 -15.88
CA THR A 65 -9.15 29.72 -14.55
C THR A 65 -10.47 28.95 -14.72
N LEU A 66 -10.77 28.07 -13.75
CA LEU A 66 -12.01 27.28 -13.64
C LEU A 66 -12.80 27.81 -12.44
N ARG A 67 -14.04 28.25 -12.66
CA ARG A 67 -14.95 28.64 -11.55
C ARG A 67 -16.30 27.95 -11.79
N GLU A 68 -16.77 27.21 -10.79
CA GLU A 68 -18.10 26.55 -10.82
C GLU A 68 -19.17 27.64 -10.75
N VAL A 69 -20.12 27.63 -11.67
CA VAL A 69 -21.22 28.64 -11.79
C VAL A 69 -22.55 27.88 -11.90
N ALA A 70 -23.56 28.35 -11.17
CA ALA A 70 -24.95 27.83 -11.25
C ALA A 70 -25.52 28.18 -12.62
N VAL A 71 -26.30 27.27 -13.20
CA VAL A 71 -27.04 27.50 -14.48
C VAL A 71 -28.51 27.15 -14.24
N ASP A 72 -29.41 27.98 -14.79
CA ASP A 72 -30.87 27.91 -14.58
C ASP A 72 -31.53 28.18 -15.93
N PRO A 73 -32.35 27.26 -16.50
CA PRO A 73 -32.62 25.95 -15.89
C PRO A 73 -31.46 24.97 -16.01
N PRO A 74 -31.54 23.79 -15.36
CA PRO A 74 -30.47 22.79 -15.40
C PRO A 74 -30.13 22.35 -16.83
N LEU A 75 -28.83 22.20 -17.11
CA LEU A 75 -28.31 21.64 -18.39
C LEU A 75 -28.57 20.13 -18.41
N VAL A 76 -29.18 19.65 -19.50
CA VAL A 76 -29.31 18.20 -19.83
C VAL A 76 -28.26 17.88 -20.89
N LYS A 77 -27.29 17.02 -20.57
CA LYS A 77 -26.16 16.65 -21.46
C LYS A 77 -26.33 15.17 -21.86
N VAL A 78 -26.61 14.93 -23.14
CA VAL A 78 -26.57 13.58 -23.77
C VAL A 78 -25.25 13.55 -24.55
N PHE A 79 -24.42 12.54 -24.29
CA PHE A 79 -23.14 12.32 -25.02
C PHE A 79 -23.48 11.87 -26.45
N PRO A 80 -22.76 12.37 -27.47
CA PRO A 80 -23.02 11.99 -28.86
C PRO A 80 -22.65 10.52 -29.14
N GLU A 81 -23.32 9.90 -30.11
CA GLU A 81 -23.02 8.51 -30.57
C GLU A 81 -21.63 8.48 -31.22
N ASP A 82 -21.24 9.56 -31.89
CA ASP A 82 -19.89 9.77 -32.49
C ASP A 82 -19.02 10.59 -31.53
N ASP A 83 -18.13 9.93 -30.79
CA ASP A 83 -17.20 10.56 -29.80
C ASP A 83 -15.86 10.87 -30.49
N GLY A 84 -15.70 10.52 -31.76
CA GLY A 84 -14.50 10.82 -32.57
C GLY A 84 -13.44 9.72 -32.53
N SER A 85 -13.75 8.57 -31.93
CA SER A 85 -12.87 7.37 -31.84
C SER A 85 -13.32 6.30 -32.84
N GLY A 93 -4.51 -6.40 -23.98
CA GLY A 93 -3.37 -6.53 -23.04
C GLY A 93 -3.08 -5.23 -22.31
N ASP A 94 -3.17 -4.09 -23.03
CA ASP A 94 -3.03 -2.72 -22.48
C ASP A 94 -4.43 -2.09 -22.29
N ARG A 95 -5.49 -2.74 -22.81
CA ARG A 95 -6.92 -2.37 -22.60
C ARG A 95 -7.55 -3.31 -21.57
N ARG A 96 -8.60 -2.84 -20.90
CA ARG A 96 -9.39 -3.64 -19.93
C ARG A 96 -10.70 -2.89 -19.60
N THR A 97 -11.80 -3.64 -19.46
CA THR A 97 -13.13 -3.15 -19.01
C THR A 97 -13.53 -3.89 -17.73
N TYR A 98 -13.80 -3.14 -16.66
CA TYR A 98 -14.34 -3.66 -15.38
C TYR A 98 -15.82 -3.30 -15.28
N VAL A 99 -16.56 -4.08 -14.51
CA VAL A 99 -18.04 -4.01 -14.41
C VAL A 99 -18.42 -4.26 -12.95
N ALA A 100 -19.35 -3.46 -12.43
CA ALA A 100 -20.02 -3.65 -11.12
C ALA A 100 -21.35 -4.34 -11.37
N VAL A 101 -21.61 -5.44 -10.66
CA VAL A 101 -22.80 -6.32 -10.85
C VAL A 101 -23.56 -6.43 -9.54
N GLY A 102 -24.88 -6.24 -9.58
CA GLY A 102 -25.80 -6.42 -8.44
C GLY A 102 -26.30 -7.85 -8.34
N ALA A 103 -27.18 -8.12 -7.38
CA ALA A 103 -27.61 -9.48 -7.00
C ALA A 103 -28.38 -10.13 -8.16
N GLY A 104 -29.12 -9.37 -8.97
CA GLY A 104 -29.92 -9.89 -10.09
C GLY A 104 -29.14 -9.95 -11.40
N GLY A 105 -27.83 -9.68 -11.36
CA GLY A 105 -26.87 -9.88 -12.46
C GLY A 105 -26.84 -8.72 -13.43
N ALA A 106 -27.49 -7.60 -13.10
CA ALA A 106 -27.50 -6.37 -13.90
C ALA A 106 -26.19 -5.60 -13.64
N VAL A 107 -25.61 -5.03 -14.70
CA VAL A 107 -24.44 -4.12 -14.61
C VAL A 107 -24.92 -2.81 -13.98
N ALA A 108 -24.36 -2.46 -12.82
CA ALA A 108 -24.70 -1.22 -12.05
C ALA A 108 -23.68 -0.12 -12.36
N GLY A 109 -22.59 -0.47 -13.06
CA GLY A 109 -21.52 0.47 -13.40
C GLY A 109 -20.40 -0.23 -14.17
N PHE A 110 -19.56 0.54 -14.85
CA PHE A 110 -18.38 0.04 -15.60
C PHE A 110 -17.30 1.11 -15.65
N THR A 111 -16.08 0.67 -15.93
CA THR A 111 -14.93 1.54 -16.33
C THR A 111 -14.15 0.80 -17.42
N ALA A 112 -13.83 1.52 -18.50
CA ALA A 112 -12.92 1.09 -19.58
C ALA A 112 -11.62 1.88 -19.41
N VAL A 113 -10.49 1.18 -19.29
CA VAL A 113 -9.15 1.79 -19.08
C VAL A 113 -8.22 1.36 -20.21
N SER A 114 -7.15 2.12 -20.42
CA SER A 114 -6.24 2.04 -21.58
C SER A 114 -4.84 2.49 -21.15
N TYR A 115 -3.83 1.64 -21.34
CA TYR A 115 -2.44 1.90 -20.92
C TYR A 115 -1.57 2.28 -22.13
N THR A 116 -0.79 3.34 -21.99
CA THR A 116 0.26 3.77 -22.96
C THR A 116 1.61 3.68 -22.26
N PRO A 117 2.47 2.69 -22.61
CA PRO A 117 3.77 2.52 -21.93
C PRO A 117 4.67 3.76 -22.02
N TRP A 118 4.55 4.50 -23.13
CA TRP A 118 5.41 5.67 -23.46
C TRP A 118 5.54 6.62 -22.26
N ASN A 119 4.41 6.98 -21.63
CA ASN A 119 4.36 7.94 -20.49
C ASN A 119 3.70 7.30 -19.27
N GLY A 120 3.59 5.96 -19.24
CA GLY A 120 3.08 5.20 -18.08
C GLY A 120 1.69 5.64 -17.66
N ARG A 121 0.88 6.12 -18.60
CA ARG A 121 -0.47 6.71 -18.34
C ARG A 121 -1.53 5.62 -18.49
N LEU A 122 -2.29 5.34 -17.42
CA LEU A 122 -3.58 4.61 -17.54
C LEU A 122 -4.69 5.65 -17.74
N THR A 123 -5.21 5.73 -18.97
CA THR A 123 -6.36 6.58 -19.37
C THR A 123 -7.65 5.90 -18.89
N ILE A 124 -8.41 6.54 -18.00
CA ILE A 124 -9.80 6.15 -17.66
C ILE A 124 -10.68 6.63 -18.82
N GLU A 125 -10.79 5.81 -19.88
CA GLU A 125 -11.49 6.14 -21.15
C GLU A 125 -12.98 6.34 -20.87
N ASP A 126 -13.56 5.61 -19.92
CA ASP A 126 -14.94 5.85 -19.43
C ASP A 126 -15.11 5.25 -18.03
N ILE A 127 -15.93 5.88 -17.21
CA ILE A 127 -16.38 5.35 -15.88
C ILE A 127 -17.79 5.89 -15.65
N GLU A 128 -18.77 5.00 -15.53
CA GLU A 128 -20.19 5.36 -15.33
C GLU A 128 -20.80 4.45 -14.25
N VAL A 129 -21.66 5.02 -13.41
CA VAL A 129 -22.55 4.28 -12.48
C VAL A 129 -23.98 4.48 -12.98
N ALA A 130 -24.75 3.39 -13.09
CA ALA A 130 -26.16 3.37 -13.57
C ALA A 130 -26.98 4.36 -12.75
N PRO A 131 -27.92 5.10 -13.40
CA PRO A 131 -28.72 6.12 -12.71
C PRO A 131 -29.20 5.81 -11.28
N GLY A 132 -29.70 4.60 -11.02
CA GLY A 132 -30.36 4.28 -9.73
C GLY A 132 -29.44 3.65 -8.69
N HIS A 133 -28.11 3.68 -8.87
CA HIS A 133 -27.15 2.88 -8.06
C HIS A 133 -26.03 3.74 -7.47
N ARG A 134 -26.21 5.07 -7.42
CA ARG A 134 -25.20 6.02 -6.89
C ARG A 134 -25.22 6.00 -5.35
N GLY A 135 -24.12 6.45 -4.74
CA GLY A 135 -23.95 6.54 -3.27
C GLY A 135 -23.78 5.18 -2.61
N ARG A 136 -23.31 4.18 -3.35
CA ARG A 136 -23.12 2.78 -2.86
C ARG A 136 -21.68 2.30 -3.10
N GLY A 137 -20.74 3.22 -3.34
CA GLY A 137 -19.30 2.93 -3.44
C GLY A 137 -18.92 2.22 -4.73
N ILE A 138 -19.75 2.27 -5.76
CA ILE A 138 -19.47 1.63 -7.09
C ILE A 138 -18.36 2.42 -7.79
N GLY A 139 -18.46 3.76 -7.82
CA GLY A 139 -17.44 4.63 -8.42
C GLY A 139 -16.05 4.29 -7.91
N ARG A 140 -15.91 4.32 -6.58
CA ARG A 140 -14.67 4.03 -5.82
C ARG A 140 -14.18 2.62 -6.16
N GLY A 141 -15.07 1.64 -6.13
CA GLY A 141 -14.78 0.22 -6.43
C GLY A 141 -14.21 0.04 -7.82
N LEU A 142 -14.84 0.65 -8.83
CA LEU A 142 -14.40 0.59 -10.25
C LEU A 142 -13.01 1.24 -10.39
N MET A 143 -12.81 2.40 -9.77
CA MET A 143 -11.51 3.15 -9.82
C MET A 143 -10.42 2.35 -9.10
N GLU A 144 -10.77 1.61 -8.04
CA GLU A 144 -9.83 0.73 -7.30
C GLU A 144 -9.37 -0.41 -8.22
N ARG A 145 -10.26 -0.94 -9.06
CA ARG A 145 -9.94 -2.00 -10.06
C ARG A 145 -9.06 -1.40 -11.16
N ALA A 146 -9.31 -0.15 -11.57
CA ALA A 146 -8.47 0.60 -12.52
C ALA A 146 -7.06 0.75 -11.94
N ALA A 147 -6.96 1.14 -10.66
CA ALA A 147 -5.69 1.31 -9.92
C ALA A 147 -4.92 0.00 -9.87
N ASP A 148 -5.60 -1.13 -9.64
CA ASP A 148 -5.01 -2.49 -9.59
C ASP A 148 -4.35 -2.80 -10.95
N PHE A 149 -5.04 -2.49 -12.05
CA PHE A 149 -4.53 -2.70 -13.43
C PHE A 149 -3.32 -1.80 -13.69
N ALA A 150 -3.36 -0.55 -13.21
CA ALA A 150 -2.27 0.44 -13.35
C ALA A 150 -1.00 -0.12 -12.71
N ARG A 151 -1.07 -0.59 -11.46
CA ARG A 151 0.10 -1.11 -10.71
C ARG A 151 0.58 -2.42 -11.35
N GLU A 152 -0.34 -3.20 -11.92
CA GLU A 152 -0.04 -4.46 -12.67
C GLU A 152 0.81 -4.14 -13.90
N ARG A 153 0.56 -3.01 -14.57
CA ARG A 153 1.24 -2.60 -15.83
C ARG A 153 2.43 -1.67 -15.54
N GLY A 154 2.59 -1.22 -14.29
CA GLY A 154 3.69 -0.34 -13.83
C GLY A 154 3.44 1.13 -14.15
N ALA A 155 2.17 1.53 -14.33
CA ALA A 155 1.74 2.91 -14.64
C ALA A 155 2.24 3.88 -13.56
N GLY A 156 2.53 5.12 -13.95
CA GLY A 156 2.94 6.21 -13.04
C GLY A 156 1.76 7.09 -12.63
N HIS A 157 0.72 7.18 -13.45
CA HIS A 157 -0.47 8.03 -13.15
C HIS A 157 -1.72 7.54 -13.88
N LEU A 158 -2.89 7.82 -13.30
CA LEU A 158 -4.21 7.71 -13.98
C LEU A 158 -4.53 9.08 -14.58
N TRP A 159 -5.29 9.08 -15.68
CA TRP A 159 -5.63 10.30 -16.45
C TRP A 159 -7.01 10.14 -17.08
N LEU A 160 -7.82 11.21 -17.10
CA LEU A 160 -9.15 11.19 -17.76
C LEU A 160 -9.42 12.55 -18.40
N GLU A 161 -10.31 12.54 -19.39
CA GLU A 161 -10.91 13.74 -20.02
C GLU A 161 -12.31 13.92 -19.45
N VAL A 162 -12.68 15.15 -19.11
CA VAL A 162 -14.05 15.49 -18.65
C VAL A 162 -14.42 16.85 -19.23
N THR A 163 -15.59 16.95 -19.87
CA THR A 163 -16.13 18.23 -20.37
C THR A 163 -16.41 19.13 -19.17
N ASN A 164 -16.16 20.42 -19.33
CA ASN A 164 -16.31 21.46 -18.28
C ASN A 164 -17.75 21.49 -17.75
N VAL A 165 -18.75 21.07 -18.54
CA VAL A 165 -20.19 21.11 -18.14
C VAL A 165 -20.52 19.92 -17.20
N ASN A 166 -19.67 18.88 -17.17
CA ASN A 166 -19.94 17.65 -16.37
C ASN A 166 -19.46 17.86 -14.92
N ALA A 167 -20.10 18.80 -14.21
CA ALA A 167 -19.82 19.15 -12.80
C ALA A 167 -20.00 17.92 -11.89
N PRO A 168 -21.05 17.10 -12.08
CA PRO A 168 -21.24 15.91 -11.25
C PRO A 168 -20.04 14.96 -11.30
N ALA A 169 -19.55 14.65 -12.51
CA ALA A 169 -18.37 13.79 -12.73
C ALA A 169 -17.13 14.44 -12.12
N ILE A 170 -16.93 15.74 -12.34
CA ILE A 170 -15.75 16.50 -11.82
C ILE A 170 -15.71 16.36 -10.29
N HIS A 171 -16.86 16.54 -9.62
CA HIS A 171 -16.97 16.40 -8.15
C HIS A 171 -16.64 14.95 -7.74
N ALA A 172 -17.17 13.97 -8.46
CA ALA A 172 -16.89 12.52 -8.26
C ALA A 172 -15.38 12.29 -8.38
N TYR A 173 -14.74 12.81 -9.43
CA TYR A 173 -13.30 12.56 -9.71
C TYR A 173 -12.44 13.23 -8.63
N LEU A 174 -12.79 14.45 -8.20
CA LEU A 174 -12.09 15.17 -7.10
C LEU A 174 -12.15 14.34 -5.82
N ARG A 175 -13.33 13.80 -5.50
CA ARG A 175 -13.58 12.92 -4.32
C ARG A 175 -12.64 11.71 -4.35
N LEU A 176 -12.38 11.13 -5.53
CA LEU A 176 -11.58 9.90 -5.71
C LEU A 176 -10.08 10.21 -5.76
N GLY A 177 -9.68 11.48 -5.71
CA GLY A 177 -8.27 11.90 -5.57
C GLY A 177 -7.67 12.53 -6.82
N PHE A 178 -8.44 12.65 -7.91
CA PHE A 178 -8.00 13.33 -9.15
C PHE A 178 -7.91 14.85 -8.91
N THR A 179 -6.96 15.50 -9.58
CA THR A 179 -6.81 16.97 -9.64
C THR A 179 -6.64 17.37 -11.11
N PHE A 180 -6.99 18.61 -11.46
CA PHE A 180 -6.83 19.14 -12.84
C PHE A 180 -5.33 19.19 -13.17
N CYS A 181 -4.92 18.57 -14.27
CA CYS A 181 -3.53 18.58 -14.78
C CYS A 181 -3.45 19.33 -16.11
N GLY A 182 -4.58 19.80 -16.64
CA GLY A 182 -4.61 20.66 -17.83
C GLY A 182 -5.98 20.72 -18.47
N LEU A 183 -6.01 21.13 -19.74
CA LEU A 183 -7.24 21.27 -20.55
C LEU A 183 -6.85 21.52 -22.01
N ASP A 184 -7.83 21.44 -22.91
CA ASP A 184 -7.72 21.86 -24.33
C ASP A 184 -9.04 22.53 -24.70
N THR A 185 -9.06 23.86 -24.76
CA THR A 185 -10.28 24.67 -25.02
C THR A 185 -10.70 24.55 -26.49
N ALA A 186 -9.86 23.96 -27.34
CA ALA A 186 -10.07 23.84 -28.80
C ALA A 186 -10.51 22.43 -29.21
N LEU A 187 -10.53 21.46 -28.28
CA LEU A 187 -10.70 20.01 -28.64
C LEU A 187 -12.07 19.76 -29.26
N TYR A 188 -13.11 20.44 -28.78
CA TYR A 188 -14.53 20.18 -29.16
C TYR A 188 -15.00 21.13 -30.27
N LEU A 189 -14.12 22.01 -30.76
CA LEU A 189 -14.44 22.91 -31.90
C LEU A 189 -14.83 22.04 -33.09
N GLY A 190 -15.91 22.40 -33.79
CA GLY A 190 -16.40 21.67 -34.98
C GLY A 190 -17.12 20.37 -34.63
N THR A 191 -17.31 20.05 -33.34
CA THR A 191 -18.03 18.84 -32.86
C THR A 191 -19.44 19.24 -32.41
N GLU A 192 -20.27 18.23 -32.12
CA GLU A 192 -21.62 18.39 -31.50
C GLU A 192 -21.49 19.12 -30.14
N SER A 193 -20.31 19.04 -29.49
CA SER A 193 -20.06 19.59 -28.13
C SER A 193 -19.37 20.96 -28.18
N GLU A 194 -19.30 21.61 -29.35
CA GLU A 194 -18.71 22.97 -29.50
C GLU A 194 -19.39 23.91 -28.49
N GLY A 195 -18.61 24.78 -27.84
CA GLY A 195 -19.03 25.61 -26.70
C GLY A 195 -18.52 25.06 -25.38
N GLU A 196 -18.20 23.76 -25.32
CA GLU A 196 -17.61 23.10 -24.14
C GLU A 196 -16.09 23.06 -24.30
N GLN A 197 -15.37 22.86 -23.19
CA GLN A 197 -13.91 22.70 -23.14
C GLN A 197 -13.58 21.33 -22.54
N ALA A 198 -12.61 20.64 -23.11
CA ALA A 198 -12.07 19.38 -22.58
C ALA A 198 -11.15 19.71 -21.41
N LEU A 199 -11.50 19.28 -20.19
CA LEU A 199 -10.62 19.41 -19.00
C LEU A 199 -9.93 18.07 -18.75
N TYR A 200 -8.66 18.11 -18.35
CA TYR A 200 -7.81 16.92 -18.10
C TYR A 200 -7.52 16.85 -16.61
N MET A 201 -7.68 15.66 -16.03
CA MET A 201 -7.42 15.39 -14.60
C MET A 201 -6.52 14.15 -14.53
N SER A 202 -5.68 14.10 -13.50
CA SER A 202 -4.73 12.98 -13.27
C SER A 202 -4.64 12.71 -11.77
N MET A 203 -4.07 11.57 -11.42
CA MET A 203 -3.60 11.28 -10.04
C MET A 203 -2.48 10.25 -10.12
N PRO A 204 -1.47 10.32 -9.22
CA PRO A 204 -0.40 9.33 -9.18
C PRO A 204 -0.91 7.96 -8.70
N CYS A 205 -0.11 6.90 -8.89
CA CYS A 205 -0.27 5.59 -8.21
C CYS A 205 1.12 4.97 -7.98
N THR B 28 14.54 33.35 -51.82
CA THR B 28 15.75 32.59 -51.36
C THR B 28 15.38 31.11 -51.19
N TYR B 29 14.16 30.80 -50.73
CA TYR B 29 13.68 29.43 -50.43
C TYR B 29 12.34 29.14 -51.12
N ALA B 30 12.26 27.99 -51.79
CA ALA B 30 11.04 27.45 -52.42
C ALA B 30 10.43 26.39 -51.50
N PHE B 31 9.11 26.19 -51.60
CA PHE B 31 8.34 25.20 -50.79
C PHE B 31 7.64 24.21 -51.73
N ARG B 32 7.62 22.94 -51.34
CA ARG B 32 6.92 21.86 -52.08
C ARG B 32 6.56 20.72 -51.13
N VAL B 33 5.65 19.85 -51.55
CA VAL B 33 5.36 18.55 -50.88
C VAL B 33 6.67 17.75 -50.83
N ALA B 34 6.92 17.09 -49.70
CA ALA B 34 8.15 16.30 -49.44
C ALA B 34 8.09 15.01 -50.28
N ARG B 35 9.25 14.56 -50.76
CA ARG B 35 9.39 13.33 -51.59
C ARG B 35 10.30 12.37 -50.84
N PRO B 36 10.27 11.06 -51.16
CA PRO B 36 11.08 10.04 -50.47
C PRO B 36 12.56 10.40 -50.22
N GLU B 37 13.20 11.14 -51.12
CA GLU B 37 14.65 11.51 -51.00
C GLU B 37 14.85 12.59 -49.93
N ASP B 38 13.77 13.27 -49.52
CA ASP B 38 13.79 14.34 -48.48
C ASP B 38 13.72 13.73 -47.08
N VAL B 39 13.21 12.49 -46.95
CA VAL B 39 12.93 11.81 -45.65
C VAL B 39 14.19 11.79 -44.78
N GLU B 40 15.36 11.52 -45.36
CA GLU B 40 16.63 11.37 -44.60
C GLU B 40 17.11 12.75 -44.13
N ALA B 41 16.91 13.80 -44.95
CA ALA B 41 17.25 15.20 -44.62
C ALA B 41 16.33 15.71 -43.50
N ILE B 42 15.04 15.37 -43.59
CA ILE B 42 13.99 15.74 -42.58
C ILE B 42 14.39 15.19 -41.21
N ALA B 43 14.89 13.95 -41.17
CA ALA B 43 15.27 13.21 -39.93
C ALA B 43 16.38 13.95 -39.17
N ALA B 44 17.32 14.56 -39.89
CA ALA B 44 18.49 15.27 -39.32
C ALA B 44 18.06 16.58 -38.65
N ILE B 45 16.93 17.15 -39.07
CA ILE B 45 16.39 18.44 -38.53
C ILE B 45 15.47 18.11 -37.35
N ASP B 46 16.02 17.86 -36.16
CA ASP B 46 15.27 17.34 -34.97
C ASP B 46 14.72 18.53 -34.16
N GLY B 47 15.26 19.73 -34.34
CA GLY B 47 14.76 20.96 -33.70
C GLY B 47 15.41 21.23 -32.34
N SER B 48 16.45 20.48 -32.00
CA SER B 48 17.24 20.68 -30.75
C SER B 48 17.68 22.15 -30.65
N PHE B 49 17.59 22.75 -29.47
CA PHE B 49 17.76 24.21 -29.26
C PHE B 49 18.43 24.51 -27.91
N THR B 50 18.91 25.75 -27.78
CA THR B 50 19.35 26.40 -26.52
C THR B 50 18.40 27.56 -26.27
N THR B 51 18.12 27.86 -25.01
CA THR B 51 17.20 28.95 -24.58
C THR B 51 17.69 29.56 -23.28
N GLY B 52 17.62 30.89 -23.17
CA GLY B 52 17.90 31.65 -21.94
C GLY B 52 16.64 31.87 -21.12
N THR B 53 15.48 31.42 -21.61
CA THR B 53 14.18 31.53 -20.89
C THR B 53 13.38 30.24 -21.05
N VAL B 54 12.48 29.98 -20.10
CA VAL B 54 11.45 28.90 -20.16
C VAL B 54 10.12 29.49 -19.74
N PHE B 55 9.01 28.87 -20.15
CA PHE B 55 7.65 29.21 -19.65
C PHE B 55 7.37 28.33 -18.43
N GLN B 56 7.37 28.94 -17.25
CA GLN B 56 7.10 28.26 -15.95
C GLN B 56 5.60 28.06 -15.81
N VAL B 57 5.18 26.84 -15.49
CA VAL B 57 3.74 26.48 -15.29
C VAL B 57 3.47 26.44 -13.78
N ALA B 58 2.56 27.28 -13.30
CA ALA B 58 2.05 27.26 -11.91
C ALA B 58 0.69 26.56 -11.91
N VAL B 59 0.56 25.48 -11.13
CA VAL B 59 -0.71 24.70 -10.97
C VAL B 59 -1.38 25.13 -9.67
N ALA B 60 -2.58 25.70 -9.78
CA ALA B 60 -3.51 25.98 -8.66
C ALA B 60 -4.67 24.99 -8.75
N PRO B 61 -5.47 24.81 -7.66
CA PRO B 61 -6.67 23.97 -7.72
C PRO B 61 -7.70 24.45 -8.76
N ASP B 62 -7.65 25.73 -9.13
CA ASP B 62 -8.66 26.41 -9.98
C ASP B 62 -8.04 26.91 -11.31
N GLY B 63 -6.79 26.57 -11.62
CA GLY B 63 -6.23 26.97 -12.94
C GLY B 63 -4.73 26.81 -13.09
N PHE B 64 -4.22 27.37 -14.18
CA PHE B 64 -2.81 27.26 -14.64
C PHE B 64 -2.34 28.64 -15.12
N THR B 65 -1.13 29.03 -14.74
CA THR B 65 -0.48 30.30 -15.13
C THR B 65 0.85 29.98 -15.81
N LEU B 66 1.11 30.64 -16.94
CA LEU B 66 2.39 30.57 -17.72
C LEU B 66 3.10 31.91 -17.59
N ARG B 67 4.32 31.92 -17.09
CA ARG B 67 5.15 33.14 -16.98
C ARG B 67 6.53 32.80 -17.55
N GLU B 68 6.99 33.58 -18.53
CA GLU B 68 8.36 33.43 -19.09
C GLU B 68 9.36 33.89 -18.03
N VAL B 69 10.35 33.05 -17.73
CA VAL B 69 11.38 33.28 -16.69
C VAL B 69 12.75 33.01 -17.31
N ALA B 70 13.74 33.85 -17.02
CA ALA B 70 15.15 33.67 -17.44
C ALA B 70 15.72 32.45 -16.71
N VAL B 71 16.56 31.69 -17.38
CA VAL B 71 17.36 30.58 -16.77
C VAL B 71 18.84 30.82 -17.09
N ASP B 72 19.69 30.61 -16.09
CA ASP B 72 21.15 30.84 -16.13
C ASP B 72 21.83 29.69 -15.41
N PRO B 73 22.69 28.88 -16.07
CA PRO B 73 23.05 29.05 -17.48
C PRO B 73 21.95 28.59 -18.45
N PRO B 74 22.13 28.85 -19.77
CA PRO B 74 21.13 28.46 -20.77
C PRO B 74 20.81 26.96 -20.75
N LEU B 75 19.52 26.62 -20.89
CA LEU B 75 19.05 25.23 -21.06
C LEU B 75 19.38 24.74 -22.46
N VAL B 76 20.00 23.56 -22.56
CA VAL B 76 20.20 22.80 -23.82
C VAL B 76 19.13 21.70 -23.85
N LYS B 77 18.25 21.73 -24.86
CA LYS B 77 17.20 20.70 -25.06
C LYS B 77 17.52 19.90 -26.32
N VAL B 78 17.86 18.62 -26.17
CA VAL B 78 17.93 17.65 -27.30
C VAL B 78 16.66 16.82 -27.27
N PHE B 79 15.90 16.81 -28.37
CA PHE B 79 14.66 16.02 -28.49
C PHE B 79 15.03 14.54 -28.54
N PRO B 80 14.27 13.65 -27.87
CA PRO B 80 14.56 12.22 -27.89
C PRO B 80 14.29 11.60 -29.27
N GLU B 81 14.99 10.51 -29.59
CA GLU B 81 14.82 9.74 -30.85
C GLU B 81 13.44 9.07 -30.82
N ASP B 82 12.98 8.66 -29.64
CA ASP B 82 11.65 8.03 -29.39
C ASP B 82 10.69 9.12 -28.86
N ASP B 83 9.81 9.62 -29.73
CA ASP B 83 8.81 10.67 -29.39
C ASP B 83 7.49 10.05 -28.89
N GLY B 84 7.39 8.71 -28.89
CA GLY B 84 6.25 7.95 -28.35
C GLY B 84 5.17 7.67 -29.37
N SER B 85 5.44 7.95 -30.66
CA SER B 85 4.49 7.75 -31.79
C SER B 85 4.90 6.51 -32.60
N GLY B 93 -4.07 11.46 -47.47
CA GLY B 93 -5.23 12.31 -47.82
C GLY B 93 -5.51 13.35 -46.74
N ASP B 94 -5.42 12.94 -45.48
CA ASP B 94 -5.58 13.82 -44.28
C ASP B 94 -4.19 14.14 -43.70
N ARG B 95 -3.13 13.47 -44.18
CA ARG B 95 -1.71 13.72 -43.82
C ARG B 95 -1.03 14.49 -44.96
N ARG B 96 0.01 15.27 -44.65
CA ARG B 96 0.85 15.97 -45.66
C ARG B 96 2.14 16.46 -44.99
N THR B 97 3.26 16.36 -45.71
CA THR B 97 4.60 16.87 -45.30
C THR B 97 5.08 17.89 -46.33
N TYR B 98 5.38 19.11 -45.90
CA TYR B 98 5.96 20.18 -46.74
C TYR B 98 7.44 20.34 -46.36
N VAL B 99 8.22 20.87 -47.29
CA VAL B 99 9.69 21.01 -47.19
C VAL B 99 10.07 22.37 -47.79
N ALA B 100 10.98 23.09 -47.13
CA ALA B 100 11.62 24.33 -47.63
C ALA B 100 12.97 23.94 -48.23
N VAL B 101 13.23 24.38 -49.47
CA VAL B 101 14.42 24.02 -50.29
C VAL B 101 15.17 25.30 -50.68
N GLY B 102 16.49 25.29 -50.51
CA GLY B 102 17.40 26.38 -50.93
C GLY B 102 17.88 26.17 -52.36
N ALA B 103 18.72 27.09 -52.83
CA ALA B 103 19.58 26.88 -54.02
C ALA B 103 20.50 25.69 -53.72
N GLY B 104 20.62 24.78 -54.69
CA GLY B 104 21.34 23.50 -54.52
C GLY B 104 20.43 22.39 -54.02
N GLY B 105 19.18 22.70 -53.63
CA GLY B 105 18.13 21.67 -53.48
C GLY B 105 18.10 21.01 -52.11
N ALA B 106 18.89 21.53 -51.16
CA ALA B 106 18.97 21.02 -49.77
C ALA B 106 17.75 21.50 -48.97
N VAL B 107 17.20 20.61 -48.13
CA VAL B 107 16.07 20.90 -47.23
C VAL B 107 16.57 21.85 -46.13
N ALA B 108 16.00 23.06 -46.05
CA ALA B 108 16.29 24.09 -45.02
C ALA B 108 15.26 24.02 -43.89
N GLY B 109 14.19 23.24 -44.06
CA GLY B 109 13.15 23.04 -43.04
C GLY B 109 11.97 22.23 -43.56
N PHE B 110 11.07 21.82 -42.67
CA PHE B 110 9.89 20.99 -43.00
C PHE B 110 8.75 21.22 -41.99
N THR B 111 7.54 20.83 -42.38
CA THR B 111 6.37 20.71 -41.49
C THR B 111 5.58 19.46 -41.90
N ALA B 112 5.22 18.63 -40.93
CA ALA B 112 4.29 17.50 -41.08
C ALA B 112 2.97 17.90 -40.41
N VAL B 113 1.86 17.83 -41.15
CA VAL B 113 0.51 18.23 -40.66
C VAL B 113 -0.44 17.02 -40.80
N SER B 114 -1.51 17.04 -40.02
CA SER B 114 -2.45 15.90 -39.83
C SER B 114 -3.85 16.44 -39.55
N TYR B 115 -4.83 16.03 -40.36
CA TYR B 115 -6.23 16.52 -40.25
C TYR B 115 -7.10 15.45 -39.59
N THR B 116 -7.92 15.86 -38.62
CA THR B 116 -8.98 15.05 -37.98
C THR B 116 -10.33 15.70 -38.28
N PRO B 117 -11.18 15.12 -39.17
CA PRO B 117 -12.46 15.73 -39.53
C PRO B 117 -13.37 15.95 -38.32
N TRP B 118 -13.28 15.07 -37.31
CA TRP B 118 -14.11 15.04 -36.09
C TRP B 118 -14.26 16.43 -35.48
N ASN B 119 -13.15 17.15 -35.30
CA ASN B 119 -13.12 18.51 -34.66
C ASN B 119 -12.45 19.53 -35.60
N GLY B 120 -12.32 19.20 -36.89
CA GLY B 120 -11.79 20.11 -37.92
C GLY B 120 -10.41 20.65 -37.58
N ARG B 121 -9.61 19.87 -36.86
CA ARG B 121 -8.28 20.27 -36.33
C ARG B 121 -7.19 19.84 -37.32
N LEU B 122 -6.42 20.79 -37.86
CA LEU B 122 -5.11 20.49 -38.50
C LEU B 122 -4.02 20.57 -37.43
N THR B 123 -3.53 19.41 -37.00
CA THR B 123 -2.39 19.27 -36.05
C THR B 123 -1.09 19.54 -36.81
N ILE B 124 -0.34 20.57 -36.42
CA ILE B 124 1.07 20.77 -36.87
C ILE B 124 1.91 19.79 -36.05
N GLU B 125 2.04 18.55 -36.53
CA GLU B 125 2.70 17.42 -35.84
C GLU B 125 4.20 17.73 -35.66
N ASP B 126 4.80 18.43 -36.61
CA ASP B 126 6.18 18.96 -36.47
C ASP B 126 6.38 20.14 -37.44
N ILE B 127 7.19 21.10 -37.03
CA ILE B 127 7.69 22.21 -37.90
C ILE B 127 9.07 22.60 -37.40
N GLU B 128 10.09 22.44 -38.25
CA GLU B 128 11.50 22.70 -37.89
C GLU B 128 12.19 23.44 -39.04
N VAL B 129 13.09 24.36 -38.70
CA VAL B 129 14.02 25.05 -39.63
C VAL B 129 15.44 24.57 -39.27
N ALA B 130 16.22 24.19 -40.28
CA ALA B 130 17.61 23.71 -40.15
C ALA B 130 18.45 24.72 -39.36
N PRO B 131 19.37 24.28 -38.48
CA PRO B 131 20.19 25.15 -37.66
C PRO B 131 20.68 26.48 -38.30
N GLY B 132 21.19 26.44 -39.53
CA GLY B 132 21.88 27.59 -40.15
C GLY B 132 20.99 28.47 -41.02
N HIS B 133 19.65 28.31 -40.96
CA HIS B 133 18.72 28.92 -41.95
C HIS B 133 17.58 29.70 -41.26
N ARG B 134 17.75 30.06 -39.98
CA ARG B 134 16.70 30.79 -39.20
C ARG B 134 16.72 32.28 -39.56
N GLY B 135 15.61 32.98 -39.29
CA GLY B 135 15.44 34.43 -39.54
C GLY B 135 15.31 34.75 -41.02
N ARG B 136 14.85 33.80 -41.84
CA ARG B 136 14.71 33.95 -43.32
C ARG B 136 13.28 33.63 -43.78
N GLY B 137 12.31 33.60 -42.86
CA GLY B 137 10.87 33.43 -43.17
C GLY B 137 10.52 32.03 -43.64
N ILE B 138 11.33 31.03 -43.29
CA ILE B 138 11.04 29.59 -43.60
C ILE B 138 9.88 29.12 -42.71
N GLY B 139 9.94 29.42 -41.41
CA GLY B 139 8.86 29.12 -40.45
C GLY B 139 7.51 29.55 -40.99
N ARG B 140 7.39 30.85 -41.30
CA ARG B 140 6.19 31.53 -41.87
C ARG B 140 5.74 30.81 -43.14
N GLY B 141 6.67 30.55 -44.06
CA GLY B 141 6.40 29.90 -45.35
C GLY B 141 5.79 28.51 -45.17
N LEU B 142 6.38 27.70 -44.29
CA LEU B 142 5.93 26.32 -43.98
C LEU B 142 4.52 26.37 -43.37
N MET B 143 4.29 27.30 -42.43
CA MET B 143 2.99 27.45 -41.73
C MET B 143 1.93 27.95 -42.72
N GLU B 144 2.31 28.76 -43.71
CA GLU B 144 1.40 29.26 -44.78
C GLU B 144 0.94 28.07 -45.64
N ARG B 145 1.84 27.11 -45.90
CA ARG B 145 1.53 25.86 -46.65
C ARG B 145 0.60 24.97 -45.81
N ALA B 146 0.82 24.91 -44.49
CA ALA B 146 -0.07 24.20 -43.54
C ALA B 146 -1.46 24.83 -43.59
N ALA B 147 -1.55 26.17 -43.56
CA ALA B 147 -2.80 26.95 -43.61
C ALA B 147 -3.55 26.66 -44.92
N ASP B 148 -2.83 26.57 -46.04
CA ASP B 148 -3.40 26.27 -47.39
C ASP B 148 -4.07 24.90 -47.35
N PHE B 149 -3.42 23.91 -46.75
CA PHE B 149 -3.94 22.53 -46.61
C PHE B 149 -5.17 22.52 -45.70
N ALA B 150 -5.15 23.31 -44.62
CA ALA B 150 -6.27 23.45 -43.65
C ALA B 150 -7.52 23.93 -44.40
N ARG B 151 -7.41 25.02 -45.18
CA ARG B 151 -8.57 25.61 -45.92
C ARG B 151 -9.02 24.64 -47.01
N GLU B 152 -8.09 23.89 -47.60
CA GLU B 152 -8.38 22.84 -48.62
C GLU B 152 -9.25 21.74 -48.01
N ARG B 153 -9.04 21.39 -46.73
CA ARG B 153 -9.74 20.27 -46.02
C ARG B 153 -10.95 20.80 -45.24
N GLY B 154 -11.11 22.13 -45.14
CA GLY B 154 -12.22 22.80 -44.43
C GLY B 154 -12.02 22.86 -42.93
N ALA B 155 -10.76 22.78 -42.47
CA ALA B 155 -10.36 22.84 -41.04
C ALA B 155 -10.88 24.13 -40.40
N GLY B 156 -11.21 24.07 -39.11
CA GLY B 156 -11.65 25.24 -38.31
C GLY B 156 -10.50 25.87 -37.54
N HIS B 157 -9.45 25.10 -37.21
CA HIS B 157 -8.29 25.63 -36.46
C HIS B 157 -7.03 24.79 -36.73
N LEU B 158 -5.87 25.43 -36.59
CA LEU B 158 -4.54 24.76 -36.49
C LEU B 158 -4.24 24.56 -35.01
N TRP B 159 -3.47 23.52 -34.69
CA TRP B 159 -3.16 23.11 -33.29
C TRP B 159 -1.76 22.49 -33.27
N LEU B 160 -0.99 22.78 -32.22
CA LEU B 160 0.35 22.17 -32.02
C LEU B 160 0.60 21.94 -30.54
N GLU B 161 1.50 21.01 -30.25
CA GLU B 161 2.09 20.74 -28.93
C GLU B 161 3.47 21.38 -28.89
N VAL B 162 3.83 22.02 -27.77
CA VAL B 162 5.18 22.60 -27.55
C VAL B 162 5.53 22.46 -26.07
N THR B 163 6.71 21.92 -25.76
CA THR B 163 7.21 21.81 -24.37
C THR B 163 7.40 23.22 -23.82
N ASN B 164 7.11 23.40 -22.54
CA ASN B 164 7.16 24.71 -21.83
C ASN B 164 8.57 25.30 -21.91
N VAL B 165 9.61 24.48 -22.05
CA VAL B 165 11.03 24.95 -22.07
C VAL B 165 11.38 25.52 -23.45
N ASN B 166 10.60 25.23 -24.49
CA ASN B 166 10.90 25.66 -25.89
C ASN B 166 10.37 27.08 -26.12
N ALA B 167 10.94 28.06 -25.41
CA ALA B 167 10.60 29.50 -25.50
C ALA B 167 10.84 30.03 -26.92
N PRO B 168 11.94 29.65 -27.61
CA PRO B 168 12.17 30.11 -28.98
C PRO B 168 11.01 29.72 -29.93
N ALA B 169 10.57 28.48 -29.89
CA ALA B 169 9.44 27.97 -30.71
C ALA B 169 8.15 28.71 -30.31
N ILE B 170 7.89 28.86 -29.00
CA ILE B 170 6.67 29.53 -28.47
C ILE B 170 6.62 30.95 -29.04
N HIS B 171 7.72 31.68 -29.01
CA HIS B 171 7.83 33.06 -29.56
C HIS B 171 7.57 33.03 -31.07
N ALA B 172 8.15 32.07 -31.79
CA ALA B 172 7.91 31.85 -33.24
C ALA B 172 6.42 31.63 -33.48
N TYR B 173 5.77 30.75 -32.70
CA TYR B 173 4.34 30.38 -32.89
C TYR B 173 3.46 31.59 -32.58
N LEU B 174 3.76 32.36 -31.51
CA LEU B 174 3.03 33.61 -31.14
C LEU B 174 3.10 34.62 -32.30
N ARG B 175 4.29 34.78 -32.89
CA ARG B 175 4.55 35.67 -34.06
C ARG B 175 3.64 35.27 -35.23
N LEU B 176 3.41 33.97 -35.45
CA LEU B 176 2.63 33.42 -36.59
C LEU B 176 1.12 33.44 -36.29
N GLY B 177 0.70 33.85 -35.10
CA GLY B 177 -0.72 34.08 -34.75
C GLY B 177 -1.30 33.06 -33.80
N PHE B 178 -0.53 32.06 -33.36
CA PHE B 178 -0.97 31.04 -32.37
C PHE B 178 -1.09 31.70 -30.99
N THR B 179 -2.06 31.21 -30.19
CA THR B 179 -2.24 31.55 -28.76
C THR B 179 -2.40 30.22 -27.99
N PHE B 180 -2.11 30.22 -26.68
CA PHE B 180 -2.28 29.04 -25.80
C PHE B 180 -3.78 28.71 -25.72
N CYS B 181 -4.13 27.46 -26.01
CA CYS B 181 -5.51 26.93 -25.88
C CYS B 181 -5.57 25.86 -24.79
N GLY B 182 -4.43 25.53 -24.17
CA GLY B 182 -4.40 24.64 -23.00
C GLY B 182 -3.03 24.05 -22.74
N LEU B 183 -3.00 22.93 -22.01
CA LEU B 183 -1.76 22.22 -21.62
C LEU B 183 -2.13 20.88 -20.99
N ASP B 184 -1.13 20.01 -20.80
CA ASP B 184 -1.23 18.75 -20.02
C ASP B 184 0.08 18.62 -19.25
N THR B 185 0.07 18.91 -17.95
CA THR B 185 1.26 18.92 -17.06
C THR B 185 1.71 17.47 -16.77
N ALA B 186 0.91 16.47 -17.15
CA ALA B 186 1.14 15.04 -16.85
C ALA B 186 1.62 14.28 -18.09
N LEU B 187 1.66 14.92 -19.28
CA LEU B 187 1.88 14.20 -20.57
C LEU B 187 3.28 13.57 -20.62
N TYR B 188 4.29 14.24 -20.05
CA TYR B 188 5.71 13.85 -20.15
C TYR B 188 6.16 13.02 -18.94
N LEU B 189 5.27 12.75 -17.98
CA LEU B 189 5.56 11.89 -16.81
C LEU B 189 6.00 10.52 -17.34
N GLY B 190 7.09 9.96 -16.79
CA GLY B 190 7.62 8.65 -17.19
C GLY B 190 8.37 8.67 -18.52
N THR B 191 8.54 9.84 -19.14
CA THR B 191 9.30 10.01 -20.43
C THR B 191 10.69 10.58 -20.12
N GLU B 192 11.55 10.64 -21.13
CA GLU B 192 12.87 11.32 -21.11
C GLU B 192 12.68 12.81 -20.76
N SER B 193 11.51 13.39 -21.02
CA SER B 193 11.22 14.83 -20.86
C SER B 193 10.48 15.13 -19.54
N GLU B 194 10.41 14.16 -18.61
CA GLU B 194 9.79 14.35 -17.27
C GLU B 194 10.39 15.60 -16.61
N GLY B 195 9.55 16.43 -15.98
CA GLY B 195 9.92 17.76 -15.45
C GLY B 195 9.41 18.88 -16.33
N GLU B 196 9.15 18.60 -17.61
CA GLU B 196 8.57 19.56 -18.59
C GLU B 196 7.05 19.37 -18.64
N GLN B 197 6.34 20.36 -19.16
CA GLN B 197 4.87 20.32 -19.37
C GLN B 197 4.60 20.50 -20.86
N ALA B 198 3.66 19.73 -21.41
CA ALA B 198 3.16 19.87 -22.79
C ALA B 198 2.19 21.06 -22.82
N LEU B 199 2.54 22.12 -23.55
CA LEU B 199 1.64 23.28 -23.77
C LEU B 199 0.98 23.14 -25.14
N TYR B 200 -0.30 23.51 -25.24
CA TYR B 200 -1.11 23.40 -26.46
C TYR B 200 -1.42 24.82 -26.95
N MET B 201 -1.22 25.04 -28.24
CA MET B 201 -1.51 26.33 -28.91
C MET B 201 -2.38 26.05 -30.13
N SER B 202 -3.22 27.01 -30.48
CA SER B 202 -4.16 26.92 -31.63
C SER B 202 -4.26 28.28 -32.31
N MET B 203 -4.80 28.29 -33.52
CA MET B 203 -5.26 29.54 -34.18
C MET B 203 -6.37 29.17 -35.16
N PRO B 204 -7.39 30.03 -35.34
CA PRO B 204 -8.44 29.80 -36.32
C PRO B 204 -7.92 29.91 -37.77
N CYS B 205 -8.69 29.42 -38.75
CA CYS B 205 -8.40 29.54 -40.20
C CYS B 205 -9.22 30.66 -40.80
N THR C 28 -11.96 22.08 -1.02
CA THR C 28 -13.28 22.56 -1.58
C THR C 28 -14.30 22.76 -0.45
N TYR C 29 -14.24 21.93 0.61
CA TYR C 29 -14.96 22.12 1.90
C TYR C 29 -13.99 22.04 3.08
N ALA C 30 -14.08 23.00 3.99
CA ALA C 30 -13.33 23.08 5.26
C ALA C 30 -14.25 22.61 6.40
N PHE C 31 -13.66 22.08 7.47
CA PHE C 31 -14.39 21.57 8.67
C PHE C 31 -13.92 22.33 9.91
N ARG C 32 -14.85 22.65 10.80
CA ARG C 32 -14.55 23.33 12.10
C ARG C 32 -15.66 23.01 13.10
N VAL C 33 -15.38 23.24 14.39
CA VAL C 33 -16.41 23.23 15.48
C VAL C 33 -17.47 24.26 15.12
N ALA C 34 -18.74 23.91 15.35
CA ALA C 34 -19.91 24.76 15.02
C ALA C 34 -19.97 25.92 16.01
N ARG C 35 -20.41 27.10 15.54
CA ARG C 35 -20.56 28.31 16.36
C ARG C 35 -22.04 28.72 16.36
N PRO C 36 -22.48 29.53 17.34
CA PRO C 36 -23.89 29.94 17.45
C PRO C 36 -24.58 30.38 16.15
N GLU C 37 -23.83 31.04 15.23
CA GLU C 37 -24.35 31.56 13.93
C GLU C 37 -24.67 30.40 12.97
N ASP C 38 -24.11 29.20 13.22
CA ASP C 38 -24.30 27.99 12.37
C ASP C 38 -25.59 27.25 12.76
N VAL C 39 -26.09 27.48 13.98
CA VAL C 39 -27.25 26.73 14.59
C VAL C 39 -28.47 26.79 13.66
N GLU C 40 -28.75 27.95 13.05
CA GLU C 40 -29.95 28.15 12.21
C GLU C 40 -29.78 27.41 10.88
N ALA C 41 -28.56 27.38 10.33
CA ALA C 41 -28.22 26.66 9.08
C ALA C 41 -28.30 25.15 9.33
N ILE C 42 -27.80 24.69 10.48
CA ILE C 42 -27.83 23.26 10.92
C ILE C 42 -29.28 22.76 10.95
N ALA C 43 -30.20 23.58 11.46
CA ALA C 43 -31.63 23.26 11.65
C ALA C 43 -32.31 22.95 10.30
N ALA C 44 -31.92 23.67 9.24
CA ALA C 44 -32.51 23.54 7.88
C ALA C 44 -32.09 22.21 7.23
N ILE C 45 -30.96 21.63 7.66
CA ILE C 45 -30.42 20.36 7.12
C ILE C 45 -30.99 19.19 7.95
N ASP C 46 -32.23 18.78 7.66
CA ASP C 46 -32.98 17.79 8.48
C ASP C 46 -32.66 16.35 8.01
N GLY C 47 -32.15 16.19 6.79
CA GLY C 47 -31.73 14.88 6.24
C GLY C 47 -32.85 14.13 5.55
N SER C 48 -33.98 14.79 5.30
CA SER C 48 -35.14 14.23 4.53
C SER C 48 -34.63 13.69 3.20
N PHE C 49 -35.13 12.52 2.78
CA PHE C 49 -34.59 11.75 1.62
C PHE C 49 -35.70 11.02 0.87
N THR C 50 -35.38 10.59 -0.35
CA THR C 50 -36.14 9.63 -1.17
C THR C 50 -35.26 8.38 -1.34
N THR C 51 -35.87 7.20 -1.41
CA THR C 51 -35.15 5.91 -1.54
C THR C 51 -36.00 4.96 -2.40
N GLY C 52 -35.34 4.21 -3.29
CA GLY C 52 -35.93 3.13 -4.08
C GLY C 52 -35.80 1.78 -3.39
N THR C 53 -35.15 1.73 -2.23
CA THR C 53 -34.96 0.49 -1.42
C THR C 53 -35.15 0.79 0.08
N VAL C 54 -35.54 -0.21 0.84
CA VAL C 54 -35.57 -0.20 2.33
C VAL C 54 -34.91 -1.49 2.84
N PHE C 55 -34.44 -1.48 4.08
CA PHE C 55 -33.96 -2.70 4.78
C PHE C 55 -35.16 -3.30 5.54
N GLN C 56 -35.67 -4.42 5.05
CA GLN C 56 -36.81 -5.17 5.65
C GLN C 56 -36.29 -5.94 6.85
N VAL C 57 -36.97 -5.81 7.99
CA VAL C 57 -36.62 -6.54 9.25
C VAL C 57 -37.58 -7.72 9.39
N ALA C 58 -37.05 -8.94 9.42
CA ALA C 58 -37.79 -10.18 9.71
C ALA C 58 -37.52 -10.59 11.16
N VAL C 59 -38.58 -10.68 11.97
CA VAL C 59 -38.51 -11.06 13.41
C VAL C 59 -38.89 -12.54 13.52
N ALA C 60 -37.96 -13.38 13.99
CA ALA C 60 -38.17 -14.77 14.42
C ALA C 60 -38.08 -14.83 15.93
N PRO C 61 -38.57 -15.92 16.58
CA PRO C 61 -38.41 -16.10 18.03
C PRO C 61 -36.95 -16.13 18.47
N ASP C 62 -36.03 -16.48 17.55
CA ASP C 62 -34.60 -16.72 17.85
C ASP C 62 -33.68 -15.72 17.12
N GLY C 63 -34.21 -14.68 16.47
CA GLY C 63 -33.32 -13.67 15.84
C GLY C 63 -34.01 -12.71 14.89
N PHE C 64 -33.19 -11.93 14.19
CA PHE C 64 -33.58 -10.82 13.28
C PHE C 64 -32.74 -10.89 12.01
N THR C 65 -33.37 -10.70 10.86
CA THR C 65 -32.72 -10.69 9.53
C THR C 65 -33.04 -9.36 8.85
N LEU C 66 -32.01 -8.74 8.25
CA LEU C 66 -32.11 -7.49 7.45
C LEU C 66 -31.83 -7.84 6.00
N ARG C 67 -32.76 -7.56 5.09
CA ARG C 67 -32.57 -7.78 3.63
C ARG C 67 -33.02 -6.48 2.94
N GLU C 68 -32.15 -5.91 2.11
CA GLU C 68 -32.48 -4.73 1.27
C GLU C 68 -33.46 -5.18 0.19
N VAL C 69 -34.59 -4.47 0.07
CA VAL C 69 -35.69 -4.78 -0.88
C VAL C 69 -36.03 -3.49 -1.63
N ALA C 70 -36.27 -3.59 -2.94
CA ALA C 70 -36.73 -2.47 -3.78
C ALA C 70 -38.16 -2.11 -3.36
N VAL C 71 -38.50 -0.82 -3.39
CA VAL C 71 -39.89 -0.31 -3.21
C VAL C 71 -40.23 0.57 -4.41
N ASP C 72 -41.45 0.42 -4.92
CA ASP C 72 -41.99 1.11 -6.11
C ASP C 72 -43.43 1.51 -5.81
N PRO C 73 -43.80 2.81 -5.82
CA PRO C 73 -42.89 3.92 -6.10
C PRO C 73 -41.93 4.24 -4.96
N PRO C 74 -40.94 5.13 -5.19
CA PRO C 74 -39.97 5.51 -4.16
C PRO C 74 -40.62 6.04 -2.87
N LEU C 75 -40.08 5.62 -1.72
CA LEU C 75 -40.47 6.15 -0.40
C LEU C 75 -39.90 7.56 -0.23
N VAL C 76 -40.74 8.51 0.18
CA VAL C 76 -40.35 9.87 0.64
C VAL C 76 -40.38 9.86 2.17
N LYS C 77 -39.24 10.11 2.81
CA LYS C 77 -39.15 10.19 4.29
C LYS C 77 -38.81 11.63 4.70
N VAL C 78 -39.74 12.31 5.35
CA VAL C 78 -39.49 13.61 6.02
C VAL C 78 -39.34 13.32 7.51
N PHE C 79 -38.22 13.70 8.11
CA PHE C 79 -37.96 13.52 9.56
C PHE C 79 -38.87 14.46 10.34
N PRO C 80 -39.45 14.01 11.47
CA PRO C 80 -40.30 14.87 12.29
C PRO C 80 -39.50 15.99 12.98
N GLU C 81 -40.16 17.13 13.26
CA GLU C 81 -39.54 18.27 13.99
C GLU C 81 -39.27 17.83 15.44
N ASP C 82 -40.14 16.98 16.00
CA ASP C 82 -40.02 16.41 17.36
C ASP C 82 -39.44 15.00 17.26
N ASP C 83 -38.13 14.85 17.55
CA ASP C 83 -37.42 13.55 17.48
C ASP C 83 -37.49 12.81 18.83
N GLY C 84 -38.09 13.43 19.86
CA GLY C 84 -38.32 12.83 21.18
C GLY C 84 -37.18 13.07 22.17
N SER C 85 -36.23 13.94 21.82
CA SER C 85 -35.04 14.29 22.66
C SER C 85 -35.23 15.67 23.29
N GLY C 93 -18.08 19.25 26.96
CA GLY C 93 -16.82 18.49 27.18
C GLY C 93 -16.91 17.08 26.59
N ASP C 94 -18.06 16.42 26.75
CA ASP C 94 -18.36 15.08 26.18
C ASP C 94 -19.26 15.25 24.95
N ARG C 95 -19.78 16.46 24.70
CA ARG C 95 -20.59 16.83 23.51
C ARG C 95 -19.70 17.64 22.55
N ARG C 96 -20.01 17.59 21.25
CA ARG C 96 -19.32 18.40 20.20
C ARG C 96 -20.15 18.38 18.92
N THR C 97 -20.22 19.52 18.23
CA THR C 97 -20.88 19.69 16.91
C THR C 97 -19.84 20.20 15.90
N TYR C 98 -19.64 19.47 14.81
CA TYR C 98 -18.76 19.85 13.67
C TYR C 98 -19.65 20.29 12.51
N VAL C 99 -19.07 21.11 11.63
CA VAL C 99 -19.78 21.74 10.49
C VAL C 99 -18.82 21.71 9.29
N ALA C 100 -19.34 21.38 8.11
CA ALA C 100 -18.64 21.48 6.81
C ALA C 100 -19.06 22.80 6.16
N VAL C 101 -18.07 23.60 5.73
CA VAL C 101 -18.25 24.98 5.18
C VAL C 101 -17.65 25.03 3.77
N GLY C 102 -18.39 25.62 2.82
CA GLY C 102 -17.94 25.87 1.44
C GLY C 102 -17.25 27.22 1.32
N ALA C 103 -16.79 27.56 0.11
CA ALA C 103 -16.44 28.94 -0.26
C ALA C 103 -17.71 29.79 -0.15
N GLY C 104 -17.59 30.96 0.46
CA GLY C 104 -18.74 31.83 0.80
C GLY C 104 -19.30 31.52 2.19
N GLY C 105 -18.82 30.45 2.86
CA GLY C 105 -18.99 30.30 4.33
C GLY C 105 -20.30 29.63 4.73
N ALA C 106 -21.05 29.11 3.77
CA ALA C 106 -22.34 28.42 4.01
C ALA C 106 -22.07 26.99 4.52
N VAL C 107 -22.87 26.55 5.49
CA VAL C 107 -22.82 25.16 6.05
C VAL C 107 -23.34 24.20 4.98
N ALA C 108 -22.49 23.27 4.53
CA ALA C 108 -22.81 22.22 3.54
C ALA C 108 -23.17 20.90 4.26
N GLY C 109 -22.95 20.83 5.57
CA GLY C 109 -23.32 19.67 6.41
C GLY C 109 -22.78 19.80 7.83
N PHE C 110 -23.20 18.89 8.72
CA PHE C 110 -22.84 18.89 10.16
C PHE C 110 -22.89 17.47 10.72
N THR C 111 -22.25 17.29 11.88
CA THR C 111 -22.39 16.10 12.75
C THR C 111 -22.38 16.57 14.21
N ALA C 112 -23.34 16.10 15.00
CA ALA C 112 -23.38 16.25 16.47
C ALA C 112 -23.02 14.90 17.09
N VAL C 113 -22.00 14.87 17.94
CA VAL C 113 -21.51 13.62 18.60
C VAL C 113 -21.59 13.81 20.12
N SER C 114 -21.61 12.68 20.84
CA SER C 114 -21.91 12.60 22.29
C SER C 114 -21.16 11.41 22.88
N TYR C 115 -20.33 11.65 23.90
CA TYR C 115 -19.48 10.62 24.54
C TYR C 115 -20.10 10.20 25.88
N THR C 116 -20.18 8.89 26.12
CA THR C 116 -20.56 8.27 27.42
C THR C 116 -19.36 7.46 27.91
N PRO C 117 -18.64 7.93 28.97
CA PRO C 117 -17.46 7.21 29.46
C PRO C 117 -17.76 5.76 29.90
N TRP C 118 -18.98 5.54 30.39
CA TRP C 118 -19.46 4.26 30.95
C TRP C 118 -19.09 3.09 30.04
N ASN C 119 -19.38 3.19 28.73
CA ASN C 119 -19.13 2.12 27.73
C ASN C 119 -18.25 2.64 26.59
N GLY C 120 -17.57 3.77 26.79
CA GLY C 120 -16.61 4.35 25.82
C GLY C 120 -17.22 4.58 24.45
N ARG C 121 -18.52 4.85 24.40
CA ARG C 121 -19.31 5.00 23.15
C ARG C 121 -19.36 6.46 22.73
N LEU C 122 -18.84 6.80 21.54
CA LEU C 122 -19.17 8.07 20.87
C LEU C 122 -20.40 7.85 19.98
N THR C 123 -21.55 8.36 20.44
CA THR C 123 -22.83 8.36 19.68
C THR C 123 -22.77 9.45 18.61
N ILE C 124 -22.87 9.06 17.33
CA ILE C 124 -23.11 10.03 16.22
C ILE C 124 -24.61 10.35 16.29
N GLU C 125 -24.97 11.36 17.10
CA GLU C 125 -26.38 11.76 17.38
C GLU C 125 -27.04 12.27 16.10
N ASP C 126 -26.29 12.92 15.22
CA ASP C 126 -26.76 13.29 13.86
C ASP C 126 -25.56 13.53 12.95
N ILE C 127 -25.72 13.20 11.67
CA ILE C 127 -24.76 13.55 10.58
C ILE C 127 -25.57 13.74 9.30
N GLU C 128 -25.54 14.95 8.74
CA GLU C 128 -26.32 15.32 7.53
C GLU C 128 -25.44 16.14 6.59
N VAL C 129 -25.62 15.93 5.28
CA VAL C 129 -25.05 16.76 4.19
C VAL C 129 -26.21 17.47 3.51
N ALA C 130 -26.07 18.78 3.28
CA ALA C 130 -27.09 19.65 2.63
C ALA C 130 -27.50 19.05 1.28
N PRO C 131 -28.80 19.13 0.91
CA PRO C 131 -29.30 18.56 -0.34
C PRO C 131 -28.40 18.64 -1.58
N GLY C 132 -27.79 19.81 -1.85
CA GLY C 132 -27.08 20.06 -3.12
C GLY C 132 -25.58 19.79 -3.07
N HIS C 133 -25.06 19.13 -2.02
CA HIS C 133 -23.60 19.04 -1.74
C HIS C 133 -23.15 17.59 -1.52
N ARG C 134 -23.94 16.60 -1.96
CA ARG C 134 -23.62 15.15 -1.76
C ARG C 134 -22.59 14.70 -2.82
N GLY C 135 -21.89 13.60 -2.53
CA GLY C 135 -20.87 12.99 -3.42
C GLY C 135 -19.60 13.82 -3.50
N ARG C 136 -19.29 14.61 -2.45
CA ARG C 136 -18.10 15.50 -2.39
C ARG C 136 -17.27 15.23 -1.13
N GLY C 137 -17.46 14.08 -0.48
CA GLY C 137 -16.64 13.62 0.67
C GLY C 137 -16.89 14.42 1.93
N ILE C 138 -18.05 15.07 2.05
CA ILE C 138 -18.45 15.82 3.29
C ILE C 138 -18.78 14.82 4.39
N GLY C 139 -19.57 13.78 4.08
CA GLY C 139 -19.89 12.69 5.01
C GLY C 139 -18.64 12.15 5.69
N ARG C 140 -17.68 11.68 4.88
CA ARG C 140 -16.35 11.13 5.27
C ARG C 140 -15.62 12.14 6.16
N GLY C 141 -15.55 13.41 5.73
CA GLY C 141 -14.85 14.48 6.45
C GLY C 141 -15.42 14.69 7.84
N LEU C 142 -16.75 14.77 7.95
CA LEU C 142 -17.48 14.96 9.23
C LEU C 142 -17.22 13.77 10.16
N MET C 143 -17.29 12.55 9.63
CA MET C 143 -17.08 11.29 10.40
C MET C 143 -15.62 11.21 10.85
N GLU C 144 -14.68 11.71 10.05
CA GLU C 144 -13.23 11.75 10.40
C GLU C 144 -13.03 12.69 11.59
N ARG C 145 -13.77 13.80 11.66
CA ARG C 145 -13.74 14.77 12.79
C ARG C 145 -14.37 14.11 14.03
N ALA C 146 -15.43 13.31 13.86
CA ALA C 146 -16.05 12.52 14.93
C ALA C 146 -15.02 11.52 15.47
N ALA C 147 -14.30 10.83 14.59
CA ALA C 147 -13.26 9.82 14.93
C ALA C 147 -12.13 10.50 15.73
N ASP C 148 -11.73 11.71 15.33
CA ASP C 148 -10.66 12.50 16.01
C ASP C 148 -11.09 12.78 17.45
N PHE C 149 -12.35 13.17 17.66
CA PHE C 149 -12.93 13.45 19.01
C PHE C 149 -12.98 12.15 19.83
N ALA C 150 -13.34 11.03 19.21
CA ALA C 150 -13.42 9.70 19.85
C ALA C 150 -12.05 9.34 20.43
N ARG C 151 -10.98 9.43 19.62
CA ARG C 151 -9.60 9.06 20.04
C ARG C 151 -9.11 10.05 21.11
N GLU C 152 -9.54 11.32 21.02
CA GLU C 152 -9.23 12.39 22.02
C GLU C 152 -9.83 12.02 23.38
N ARG C 153 -11.01 11.39 23.41
CA ARG C 153 -11.76 11.06 24.66
C ARG C 153 -11.46 9.61 25.10
N GLY C 154 -10.76 8.84 24.26
CA GLY C 154 -10.38 7.44 24.55
C GLY C 154 -11.51 6.45 24.28
N ALA C 155 -12.48 6.81 23.42
CA ALA C 155 -13.65 6.00 23.04
C ALA C 155 -13.18 4.66 22.47
N GLY C 156 -13.97 3.59 22.68
CA GLY C 156 -13.71 2.26 22.13
C GLY C 156 -14.47 2.01 20.83
N HIS C 157 -15.60 2.69 20.61
CA HIS C 157 -16.41 2.52 19.39
C HIS C 157 -17.26 3.77 19.10
N LEU C 158 -17.57 3.97 17.82
CA LEU C 158 -18.62 4.92 17.35
C LEU C 158 -19.91 4.13 17.21
N TRP C 159 -21.05 4.80 17.39
CA TRP C 159 -22.39 4.17 17.38
C TRP C 159 -23.41 5.18 16.84
N LEU C 160 -24.36 4.72 16.03
CA LEU C 160 -25.45 5.58 15.51
C LEU C 160 -26.74 4.76 15.41
N GLU C 161 -27.87 5.48 15.42
CA GLU C 161 -29.22 4.97 15.13
C GLU C 161 -29.57 5.36 13.69
N VAL C 162 -30.18 4.45 12.94
CA VAL C 162 -30.68 4.72 11.57
C VAL C 162 -31.97 3.93 11.36
N THR C 163 -33.02 4.59 10.90
CA THR C 163 -34.31 3.92 10.55
C THR C 163 -34.04 2.96 9.39
N ASN C 164 -34.71 1.82 9.40
CA ASN C 164 -34.56 0.73 8.40
C ASN C 164 -34.86 1.24 6.99
N VAL C 165 -35.68 2.28 6.84
CA VAL C 165 -36.11 2.81 5.51
C VAL C 165 -34.99 3.70 4.93
N ASN C 166 -34.04 4.16 5.74
CA ASN C 166 -32.97 5.09 5.30
C ASN C 166 -31.81 4.30 4.68
N ALA C 167 -32.07 3.63 3.55
CA ALA C 167 -31.08 2.82 2.78
C ALA C 167 -29.92 3.70 2.31
N PRO C 168 -30.15 4.95 1.83
CA PRO C 168 -29.05 5.82 1.41
C PRO C 168 -28.04 6.06 2.53
N ALA C 169 -28.51 6.40 3.74
CA ALA C 169 -27.66 6.63 4.93
C ALA C 169 -26.94 5.33 5.30
N ILE C 170 -27.66 4.20 5.31
CA ILE C 170 -27.10 2.86 5.67
C ILE C 170 -25.93 2.56 4.74
N HIS C 171 -26.09 2.77 3.44
CA HIS C 171 -25.02 2.56 2.43
C HIS C 171 -23.86 3.51 2.70
N ALA C 172 -24.12 4.77 3.00
CA ALA C 172 -23.11 5.78 3.39
C ALA C 172 -22.34 5.27 4.62
N TYR C 173 -23.04 4.81 5.65
CA TYR C 173 -22.41 4.36 6.94
C TYR C 173 -21.58 3.10 6.69
N LEU C 174 -22.08 2.14 5.89
CA LEU C 174 -21.34 0.90 5.50
C LEU C 174 -20.03 1.28 4.80
N ARG C 175 -20.08 2.23 3.87
CA ARG C 175 -18.93 2.80 3.12
C ARG C 175 -17.86 3.33 4.10
N LEU C 176 -18.30 3.98 5.19
CA LEU C 176 -17.40 4.63 6.18
C LEU C 176 -16.88 3.63 7.22
N GLY C 177 -17.31 2.36 7.16
CA GLY C 177 -16.76 1.27 7.99
C GLY C 177 -17.70 0.77 9.08
N PHE C 178 -18.89 1.34 9.22
CA PHE C 178 -19.93 0.89 10.18
C PHE C 178 -20.50 -0.46 9.76
N THR C 179 -20.85 -1.29 10.73
CA THR C 179 -21.61 -2.56 10.56
C THR C 179 -22.77 -2.56 11.56
N PHE C 180 -23.83 -3.33 11.29
CA PHE C 180 -24.99 -3.47 12.20
C PHE C 180 -24.51 -4.16 13.48
N CYS C 181 -24.79 -3.55 14.64
CA CYS C 181 -24.51 -4.12 15.98
C CYS C 181 -25.82 -4.41 16.72
N GLY C 182 -26.97 -4.09 16.11
CA GLY C 182 -28.28 -4.50 16.65
C GLY C 182 -29.42 -3.66 16.11
N LEU C 183 -30.54 -3.63 16.83
CA LEU C 183 -31.78 -2.92 16.45
C LEU C 183 -32.75 -2.92 17.63
N ASP C 184 -33.81 -2.12 17.53
CA ASP C 184 -34.98 -2.13 18.45
C ASP C 184 -36.22 -1.91 17.58
N THR C 185 -36.97 -2.98 17.32
CA THR C 185 -38.16 -2.99 16.42
C THR C 185 -39.34 -2.27 17.11
N ALA C 186 -39.22 -1.94 18.40
CA ALA C 186 -40.29 -1.36 19.23
C ALA C 186 -40.04 0.14 19.49
N LEU C 187 -38.89 0.69 19.08
CA LEU C 187 -38.46 2.06 19.49
C LEU C 187 -39.41 3.12 18.94
N TYR C 188 -39.95 2.93 17.74
CA TYR C 188 -40.75 3.94 17.02
C TYR C 188 -42.26 3.71 17.22
N LEU C 189 -42.64 2.69 17.98
CA LEU C 189 -44.07 2.45 18.34
C LEU C 189 -44.61 3.70 19.03
N GLY C 190 -45.80 4.15 18.64
CA GLY C 190 -46.47 5.34 19.22
C GLY C 190 -45.87 6.66 18.73
N THR C 191 -44.89 6.63 17.81
CA THR C 191 -44.27 7.85 17.23
C THR C 191 -44.85 8.08 15.83
N GLU C 192 -44.52 9.23 15.23
CA GLU C 192 -44.82 9.58 13.82
C GLU C 192 -44.19 8.55 12.87
N SER C 193 -43.14 7.84 13.30
CA SER C 193 -42.36 6.89 12.48
C SER C 193 -42.78 5.42 12.72
N GLU C 194 -43.91 5.19 13.40
CA GLU C 194 -44.46 3.82 13.64
C GLU C 194 -44.56 3.08 12.30
N GLY C 195 -44.18 1.81 12.27
CA GLY C 195 -44.02 1.00 11.04
C GLY C 195 -42.56 0.82 10.65
N GLU C 196 -41.69 1.72 11.10
CA GLU C 196 -40.21 1.64 10.87
C GLU C 196 -39.56 0.96 12.09
N GLN C 197 -38.34 0.47 11.92
CA GLN C 197 -37.52 -0.13 13.00
C GLN C 197 -36.24 0.70 13.15
N ALA C 198 -35.82 0.95 14.38
CA ALA C 198 -34.52 1.61 14.69
C ALA C 198 -33.42 0.55 14.54
N LEU C 199 -32.50 0.74 13.58
CA LEU C 199 -31.31 -0.12 13.41
C LEU C 199 -30.10 0.57 14.04
N TYR C 200 -29.24 -0.20 14.68
CA TYR C 200 -28.04 0.27 15.39
C TYR C 200 -26.81 -0.22 14.64
N MET C 201 -25.87 0.70 14.40
CA MET C 201 -24.58 0.40 13.73
C MET C 201 -23.45 0.94 14.60
N SER C 202 -22.31 0.29 14.54
CA SER C 202 -21.10 0.65 15.33
C SER C 202 -19.86 0.44 14.47
N MET C 203 -18.74 1.00 14.89
CA MET C 203 -17.40 0.63 14.38
C MET C 203 -16.37 0.92 15.48
N PRO C 204 -15.31 0.10 15.60
CA PRO C 204 -14.24 0.36 16.55
C PRO C 204 -13.41 1.60 16.16
N CYS C 205 -12.61 2.12 17.10
CA CYS C 205 -11.66 3.26 16.88
C CYS C 205 -10.25 2.73 16.67
N THR D 27 -52.76 -14.78 48.41
CA THR D 27 -52.82 -14.08 49.73
C THR D 27 -51.43 -14.06 50.40
N THR D 28 -50.57 -15.05 50.10
CA THR D 28 -49.24 -15.23 50.75
C THR D 28 -48.46 -13.90 50.69
N TYR D 29 -48.57 -13.15 49.59
CA TYR D 29 -47.83 -11.88 49.35
C TYR D 29 -48.80 -10.77 48.93
N ALA D 30 -48.65 -9.61 49.56
CA ALA D 30 -49.34 -8.35 49.18
C ALA D 30 -48.41 -7.51 48.30
N PHE D 31 -48.99 -6.71 47.41
CA PHE D 31 -48.27 -5.78 46.51
C PHE D 31 -48.76 -4.35 46.75
N ARG D 32 -47.84 -3.39 46.74
CA ARG D 32 -48.14 -1.95 46.94
C ARG D 32 -47.00 -1.12 46.38
N VAL D 33 -47.25 0.18 46.18
CA VAL D 33 -46.20 1.18 45.86
C VAL D 33 -45.18 1.15 46.98
N ALA D 34 -43.89 1.27 46.65
CA ALA D 34 -42.77 1.26 47.61
C ALA D 34 -42.78 2.56 48.42
N ARG D 35 -42.44 2.46 49.71
CA ARG D 35 -42.34 3.60 50.65
C ARG D 35 -40.90 3.69 51.13
N PRO D 36 -40.46 4.83 51.71
CA PRO D 36 -39.06 5.03 52.10
C PRO D 36 -38.37 3.87 52.83
N GLU D 37 -39.09 3.12 53.67
CA GLU D 37 -38.51 2.01 54.50
C GLU D 37 -38.24 0.78 53.61
N ASP D 38 -38.84 0.73 52.42
CA ASP D 38 -38.66 -0.39 51.45
C ASP D 38 -37.40 -0.18 50.59
N VAL D 39 -36.94 1.07 50.46
CA VAL D 39 -35.82 1.47 49.56
C VAL D 39 -34.55 0.70 49.96
N GLU D 40 -34.30 0.54 51.26
CA GLU D 40 -33.08 -0.11 51.79
C GLU D 40 -33.17 -1.62 51.55
N ALA D 41 -34.37 -2.21 51.66
CA ALA D 41 -34.63 -3.65 51.40
C ALA D 41 -34.47 -3.94 49.90
N ILE D 42 -34.97 -3.04 49.05
CA ILE D 42 -34.87 -3.11 47.55
C ILE D 42 -33.39 -3.17 47.15
N ALA D 43 -32.54 -2.37 47.80
CA ALA D 43 -31.09 -2.23 47.50
C ALA D 43 -30.36 -3.56 47.71
N ALA D 44 -30.76 -4.34 48.72
CA ALA D 44 -30.14 -5.65 49.08
C ALA D 44 -30.46 -6.73 48.04
N ILE D 45 -31.56 -6.57 47.28
CA ILE D 45 -31.99 -7.51 46.21
C ILE D 45 -31.34 -7.04 44.89
N ASP D 46 -30.08 -7.44 44.68
CA ASP D 46 -29.18 -6.92 43.61
C ASP D 46 -29.41 -7.70 42.30
N GLY D 47 -30.01 -8.89 42.38
CA GLY D 47 -30.43 -9.69 41.21
C GLY D 47 -29.35 -10.66 40.78
N SER D 48 -28.26 -10.78 41.54
CA SER D 48 -27.18 -11.75 41.32
C SER D 48 -27.78 -13.15 41.15
N PHE D 49 -27.28 -13.91 40.18
CA PHE D 49 -27.84 -15.23 39.81
C PHE D 49 -26.72 -16.18 39.40
N THR D 50 -27.05 -17.47 39.39
CA THR D 50 -26.25 -18.57 38.81
C THR D 50 -27.07 -19.15 37.65
N THR D 51 -26.40 -19.58 36.58
CA THR D 51 -27.07 -20.14 35.38
C THR D 51 -26.17 -21.24 34.79
N GLY D 52 -26.78 -22.35 34.39
CA GLY D 52 -26.13 -23.45 33.65
C GLY D 52 -26.22 -23.26 32.14
N THR D 53 -26.88 -22.19 31.69
CA THR D 53 -27.04 -21.86 30.25
C THR D 53 -26.88 -20.35 30.04
N VAL D 54 -26.46 -19.97 28.83
CA VAL D 54 -26.44 -18.56 28.34
C VAL D 54 -27.06 -18.55 26.95
N PHE D 55 -27.55 -17.39 26.51
CA PHE D 55 -28.01 -17.17 25.12
C PHE D 55 -26.81 -16.64 24.33
N GLN D 56 -26.27 -17.46 23.43
CA GLN D 56 -25.16 -17.08 22.50
C GLN D 56 -25.73 -16.20 21.39
N VAL D 57 -25.10 -15.05 21.14
CA VAL D 57 -25.47 -14.13 20.03
C VAL D 57 -24.49 -14.36 18.87
N ALA D 58 -25.00 -14.77 17.71
CA ALA D 58 -24.24 -14.92 16.45
C ALA D 58 -24.53 -13.71 15.55
N VAL D 59 -23.48 -12.95 15.20
CA VAL D 59 -23.58 -11.74 14.35
C VAL D 59 -23.19 -12.12 12.92
N ALA D 60 -24.12 -11.97 11.98
CA ALA D 60 -23.90 -12.03 10.52
C ALA D 60 -24.02 -10.61 9.96
N PRO D 61 -23.54 -10.35 8.73
CA PRO D 61 -23.71 -9.05 8.09
C PRO D 61 -25.19 -8.67 7.91
N ASP D 62 -26.08 -9.65 7.88
CA ASP D 62 -27.53 -9.48 7.55
C ASP D 62 -28.43 -9.85 8.74
N GLY D 63 -27.91 -10.13 9.94
CA GLY D 63 -28.78 -10.43 11.08
C GLY D 63 -28.10 -10.97 12.32
N PHE D 64 -28.91 -11.37 13.29
CA PHE D 64 -28.50 -11.82 14.65
C PHE D 64 -29.34 -13.05 15.04
N THR D 65 -28.69 -14.06 15.60
CA THR D 65 -29.31 -15.34 16.02
C THR D 65 -28.99 -15.57 17.50
N LEU D 66 -29.98 -15.99 18.27
CA LEU D 66 -29.89 -16.35 19.72
C LEU D 66 -30.08 -17.86 19.85
N ARG D 67 -29.11 -18.58 20.41
CA ARG D 67 -29.26 -20.02 20.73
C ARG D 67 -28.81 -20.23 22.18
N GLU D 68 -29.68 -20.84 22.98
CA GLU D 68 -29.38 -21.19 24.39
C GLU D 68 -28.36 -22.33 24.37
N VAL D 69 -27.25 -22.17 25.10
CA VAL D 69 -26.13 -23.14 25.17
C VAL D 69 -25.82 -23.40 26.65
N ALA D 70 -25.61 -24.69 27.01
CA ALA D 70 -25.17 -25.11 28.36
C ALA D 70 -23.75 -24.61 28.57
N VAL D 71 -23.43 -24.17 29.80
CA VAL D 71 -22.06 -23.78 30.22
C VAL D 71 -21.72 -24.55 31.50
N ASP D 72 -20.48 -25.03 31.58
CA ASP D 72 -19.97 -25.91 32.65
C ASP D 72 -18.55 -25.45 33.00
N PRO D 73 -18.25 -25.02 34.24
CA PRO D 73 -19.23 -24.95 35.34
C PRO D 73 -20.21 -23.79 35.21
N PRO D 74 -21.26 -23.73 36.07
CA PRO D 74 -22.25 -22.66 36.02
C PRO D 74 -21.62 -21.26 36.15
N LEU D 75 -22.12 -20.31 35.35
CA LEU D 75 -21.76 -18.87 35.45
C LEU D 75 -22.42 -18.28 36.70
N VAL D 76 -21.61 -17.60 37.53
CA VAL D 76 -22.07 -16.74 38.66
C VAL D 76 -21.99 -15.29 38.18
N LYS D 77 -23.13 -14.61 38.09
CA LYS D 77 -23.22 -13.20 37.60
C LYS D 77 -23.63 -12.31 38.77
N VAL D 78 -22.73 -11.43 39.20
CA VAL D 78 -23.00 -10.32 40.15
C VAL D 78 -23.10 -9.06 39.28
N PHE D 79 -24.20 -8.33 39.40
CA PHE D 79 -24.40 -7.04 38.68
C PHE D 79 -23.49 -6.00 39.31
N PRO D 80 -22.83 -5.12 38.50
CA PRO D 80 -21.95 -4.09 39.04
C PRO D 80 -22.71 -3.01 39.81
N GLU D 81 -22.05 -2.37 40.78
CA GLU D 81 -22.63 -1.24 41.56
C GLU D 81 -22.85 -0.04 40.64
N ASP D 82 -21.98 0.13 39.63
CA ASP D 82 -22.10 1.16 38.56
C ASP D 82 -22.74 0.55 37.31
N ASP D 83 -24.04 0.79 37.11
CA ASP D 83 -24.84 0.29 35.96
C ASP D 83 -24.83 1.33 34.83
N GLY D 84 -24.19 2.48 35.03
CA GLY D 84 -24.02 3.53 34.00
C GLY D 84 -25.11 4.59 34.03
N SER D 85 -26.01 4.55 35.03
CA SER D 85 -27.11 5.53 35.26
C SER D 85 -26.74 6.45 36.43
N GLY D 93 -43.78 10.90 38.70
CA GLY D 93 -45.05 10.89 37.94
C GLY D 93 -45.02 9.92 36.78
N ASP D 94 -43.88 9.84 36.09
CA ASP D 94 -43.61 8.87 34.99
C ASP D 94 -42.76 7.71 35.53
N ARG D 95 -42.24 7.82 36.76
CA ARG D 95 -41.51 6.75 37.49
C ARG D 95 -42.43 6.13 38.55
N ARG D 96 -42.16 4.88 38.93
CA ARG D 96 -42.90 4.16 39.99
C ARG D 96 -42.12 2.89 40.38
N THR D 97 -42.10 2.56 41.68
CA THR D 97 -41.52 1.32 42.24
C THR D 97 -42.63 0.55 42.98
N TYR D 98 -42.85 -0.70 42.60
CA TYR D 98 -43.78 -1.64 43.28
C TYR D 98 -42.96 -2.66 44.06
N VAL D 99 -43.57 -3.22 45.09
CA VAL D 99 -42.90 -4.10 46.09
C VAL D 99 -43.88 -5.22 46.46
N ALA D 100 -43.38 -6.46 46.52
CA ALA D 100 -44.10 -7.64 47.05
C ALA D 100 -43.64 -7.84 48.50
N VAL D 101 -44.60 -7.96 49.43
CA VAL D 101 -44.38 -8.02 50.90
C VAL D 101 -44.99 -9.31 51.44
N GLY D 102 -44.22 -10.06 52.25
CA GLY D 102 -44.69 -11.26 52.96
C GLY D 102 -45.28 -10.91 54.32
N ALA D 103 -45.66 -11.94 55.09
CA ALA D 103 -46.44 -11.78 56.34
C ALA D 103 -45.61 -11.06 57.40
N GLY D 104 -44.27 -11.23 57.41
CA GLY D 104 -43.38 -10.60 58.40
C GLY D 104 -42.89 -9.24 57.97
N GLY D 105 -43.40 -8.71 56.85
CA GLY D 105 -43.19 -7.34 56.36
C GLY D 105 -41.91 -7.18 55.56
N ALA D 106 -41.23 -8.29 55.23
CA ALA D 106 -40.01 -8.30 54.41
C ALA D 106 -40.42 -8.17 52.94
N VAL D 107 -39.65 -7.39 52.17
CA VAL D 107 -39.77 -7.28 50.69
C VAL D 107 -39.30 -8.60 50.09
N ALA D 108 -40.20 -9.30 49.39
CA ALA D 108 -39.95 -10.59 48.71
C ALA D 108 -39.61 -10.36 47.23
N GLY D 109 -39.83 -9.14 46.74
CA GLY D 109 -39.60 -8.77 45.34
C GLY D 109 -39.96 -7.32 45.07
N PHE D 110 -39.47 -6.76 43.97
CA PHE D 110 -39.78 -5.38 43.53
C PHE D 110 -39.68 -5.27 42.01
N THR D 111 -40.29 -4.22 41.47
CA THR D 111 -40.11 -3.75 40.08
C THR D 111 -40.09 -2.22 40.09
N ALA D 112 -39.09 -1.63 39.43
CA ALA D 112 -38.99 -0.19 39.13
C ALA D 112 -39.31 0.01 37.65
N VAL D 113 -40.29 0.84 37.35
CA VAL D 113 -40.77 1.11 35.95
C VAL D 113 -40.64 2.60 35.66
N SER D 114 -40.58 2.95 34.37
CA SER D 114 -40.24 4.30 33.85
C SER D 114 -40.97 4.51 32.52
N TYR D 115 -41.76 5.59 32.41
CA TYR D 115 -42.59 5.89 31.22
C TYR D 115 -41.93 7.02 30.41
N THR D 116 -41.84 6.83 29.09
CA THR D 116 -41.44 7.86 28.10
C THR D 116 -42.62 8.12 27.16
N PRO D 117 -43.30 9.29 27.27
CA PRO D 117 -44.47 9.58 26.45
C PRO D 117 -44.18 9.51 24.94
N TRP D 118 -42.96 9.87 24.55
CA TRP D 118 -42.52 10.00 23.12
C TRP D 118 -42.95 8.76 22.31
N ASN D 119 -42.67 7.57 22.83
CA ASN D 119 -42.95 6.27 22.13
C ASN D 119 -43.84 5.37 23.00
N GLY D 120 -44.50 5.93 24.01
CA GLY D 120 -45.47 5.22 24.86
C GLY D 120 -44.89 3.97 25.50
N ARG D 121 -43.59 3.99 25.79
CA ARG D 121 -42.83 2.82 26.32
C ARG D 121 -42.79 2.89 27.84
N LEU D 122 -43.33 1.87 28.53
CA LEU D 122 -43.01 1.61 29.95
C LEU D 122 -41.80 0.68 30.02
N THR D 123 -40.64 1.24 30.38
CA THR D 123 -39.37 0.51 30.62
C THR D 123 -39.46 -0.18 31.99
N ILE D 124 -39.39 -1.51 32.02
CA ILE D 124 -39.17 -2.30 33.27
C ILE D 124 -37.68 -2.16 33.60
N GLU D 125 -37.32 -1.09 34.31
CA GLU D 125 -35.91 -0.72 34.65
C GLU D 125 -35.28 -1.80 35.55
N ASP D 126 -36.08 -2.43 36.42
CA ASP D 126 -35.64 -3.61 37.20
C ASP D 126 -36.86 -4.40 37.67
N ILE D 127 -36.73 -5.72 37.76
CA ILE D 127 -37.73 -6.63 38.39
C ILE D 127 -36.94 -7.81 38.99
N GLU D 128 -37.03 -7.99 40.31
CA GLU D 128 -36.30 -9.05 41.05
C GLU D 128 -37.25 -9.69 42.06
N VAL D 129 -37.14 -11.01 42.21
CA VAL D 129 -37.76 -11.78 43.32
C VAL D 129 -36.63 -12.28 44.22
N ALA D 130 -36.76 -12.08 45.54
CA ALA D 130 -35.76 -12.47 46.57
C ALA D 130 -35.42 -13.96 46.41
N PRO D 131 -34.15 -14.36 46.59
CA PRO D 131 -33.71 -15.74 46.39
C PRO D 131 -34.65 -16.85 46.88
N GLY D 132 -35.23 -16.73 48.08
CA GLY D 132 -36.00 -17.82 48.71
C GLY D 132 -37.50 -17.77 48.46
N HIS D 133 -37.99 -16.96 47.51
CA HIS D 133 -39.45 -16.65 47.36
C HIS D 133 -39.94 -16.88 45.92
N ARG D 134 -39.20 -17.64 45.12
CA ARG D 134 -39.54 -17.89 43.68
C ARG D 134 -40.62 -18.98 43.61
N GLY D 135 -41.35 -19.04 42.48
CA GLY D 135 -42.39 -20.04 42.21
C GLY D 135 -43.65 -19.80 43.03
N ARG D 136 -43.91 -18.56 43.44
CA ARG D 136 -45.08 -18.15 44.29
C ARG D 136 -45.85 -17.01 43.61
N GLY D 137 -45.66 -16.78 42.32
CA GLY D 137 -46.41 -15.80 41.51
C GLY D 137 -46.06 -14.36 41.82
N ILE D 138 -44.90 -14.09 42.43
CA ILE D 138 -44.43 -12.71 42.75
C ILE D 138 -44.04 -12.01 41.44
N GLY D 139 -43.28 -12.68 40.57
CA GLY D 139 -42.87 -12.14 39.27
C GLY D 139 -44.07 -11.61 38.50
N ARG D 140 -45.06 -12.48 38.30
CA ARG D 140 -46.34 -12.23 37.60
C ARG D 140 -47.06 -11.05 38.26
N GLY D 141 -47.18 -11.07 39.59
CA GLY D 141 -47.86 -10.04 40.39
C GLY D 141 -47.23 -8.67 40.18
N LEU D 142 -45.91 -8.58 40.25
CA LEU D 142 -45.14 -7.31 40.05
C LEU D 142 -45.36 -6.80 38.63
N MET D 143 -45.29 -7.68 37.62
CA MET D 143 -45.46 -7.32 36.20
C MET D 143 -46.91 -6.87 35.94
N GLU D 144 -47.88 -7.45 36.66
CA GLU D 144 -49.31 -7.05 36.57
C GLU D 144 -49.48 -5.62 37.10
N ARG D 145 -48.74 -5.25 38.15
CA ARG D 145 -48.75 -3.87 38.72
C ARG D 145 -48.07 -2.92 37.74
N ALA D 146 -47.01 -3.37 37.05
CA ALA D 146 -46.34 -2.60 35.97
C ALA D 146 -47.34 -2.35 34.85
N ALA D 147 -48.09 -3.37 34.43
CA ALA D 147 -49.12 -3.31 33.38
C ALA D 147 -50.22 -2.30 33.75
N ASP D 148 -50.63 -2.30 35.03
CA ASP D 148 -51.67 -1.37 35.57
C ASP D 148 -51.18 0.08 35.40
N PHE D 149 -49.91 0.35 35.72
CA PHE D 149 -49.28 1.69 35.59
C PHE D 149 -49.20 2.08 34.10
N ALA D 150 -48.86 1.13 33.23
CA ALA D 150 -48.77 1.33 31.76
C ALA D 150 -50.13 1.82 31.24
N ARG D 151 -51.22 1.12 31.55
CA ARG D 151 -52.59 1.45 31.05
C ARG D 151 -53.04 2.78 31.68
N GLU D 152 -52.61 3.07 32.91
CA GLU D 152 -52.88 4.35 33.62
C GLU D 152 -52.24 5.52 32.86
N ARG D 153 -51.06 5.32 32.27
CA ARG D 153 -50.28 6.37 31.56
C ARG D 153 -50.57 6.34 30.05
N GLY D 154 -51.29 5.34 29.56
CA GLY D 154 -51.68 5.18 28.14
C GLY D 154 -50.56 4.58 27.29
N ALA D 155 -49.62 3.85 27.91
CA ALA D 155 -48.47 3.19 27.26
C ALA D 155 -48.97 2.22 26.18
N GLY D 156 -48.19 2.06 25.11
CA GLY D 156 -48.45 1.10 24.01
C GLY D 156 -47.73 -0.22 24.21
N HIS D 157 -46.60 -0.24 24.92
CA HIS D 157 -45.80 -1.48 25.14
C HIS D 157 -44.95 -1.38 26.40
N LEU D 158 -44.65 -2.54 27.00
CA LEU D 158 -43.61 -2.71 28.04
C LEU D 158 -42.31 -3.10 27.34
N TRP D 159 -41.18 -2.74 27.92
CA TRP D 159 -39.83 -2.95 27.34
C TRP D 159 -38.82 -3.15 28.46
N LEU D 160 -37.87 -4.07 28.27
CA LEU D 160 -36.77 -4.29 29.26
C LEU D 160 -35.49 -4.64 28.52
N GLU D 161 -34.37 -4.39 29.20
CA GLU D 161 -33.01 -4.82 28.81
C GLU D 161 -32.66 -6.05 29.65
N VAL D 162 -32.06 -7.06 29.02
CA VAL D 162 -31.57 -8.28 29.74
C VAL D 162 -30.27 -8.72 29.06
N THR D 163 -29.21 -8.93 29.85
CA THR D 163 -27.93 -9.46 29.35
C THR D 163 -28.18 -10.88 28.83
N ASN D 164 -27.50 -11.25 27.76
CA ASN D 164 -27.62 -12.56 27.08
C ASN D 164 -27.29 -13.71 28.06
N VAL D 165 -26.49 -13.47 29.10
CA VAL D 165 -26.07 -14.54 30.07
C VAL D 165 -27.19 -14.79 31.09
N ASN D 166 -28.17 -13.89 31.24
CA ASN D 166 -29.26 -14.01 32.24
C ASN D 166 -30.39 -14.87 31.68
N ALA D 167 -30.10 -16.16 31.45
CA ALA D 167 -31.05 -17.18 30.92
C ALA D 167 -32.24 -17.34 31.87
N PRO D 168 -32.04 -17.36 33.21
CA PRO D 168 -33.17 -17.49 34.15
C PRO D 168 -34.20 -16.36 33.97
N ALA D 169 -33.74 -15.10 33.89
CA ALA D 169 -34.60 -13.92 33.68
C ALA D 169 -35.28 -14.02 32.31
N ILE D 170 -34.53 -14.37 31.26
CA ILE D 170 -35.06 -14.48 29.87
C ILE D 170 -36.23 -15.47 29.86
N HIS D 171 -36.07 -16.64 30.52
CA HIS D 171 -37.13 -17.66 30.62
C HIS D 171 -38.33 -17.09 31.38
N ALA D 172 -38.08 -16.39 32.49
CA ALA D 172 -39.12 -15.71 33.30
C ALA D 172 -39.88 -14.71 32.41
N TYR D 173 -39.17 -13.88 31.64
CA TYR D 173 -39.78 -12.82 30.81
C TYR D 173 -40.60 -13.44 29.69
N LEU D 174 -40.10 -14.51 29.05
CA LEU D 174 -40.83 -15.26 27.98
C LEU D 174 -42.14 -15.80 28.55
N ARG D 175 -42.09 -16.39 29.74
CA ARG D 175 -43.26 -16.93 30.49
C ARG D 175 -44.33 -15.84 30.67
N LEU D 176 -43.92 -14.60 30.97
CA LEU D 176 -44.83 -13.46 31.27
C LEU D 176 -45.33 -12.79 29.99
N GLY D 177 -44.89 -13.22 28.81
CA GLY D 177 -45.44 -12.78 27.51
C GLY D 177 -44.50 -11.88 26.71
N PHE D 178 -43.31 -11.58 27.23
CA PHE D 178 -42.28 -10.78 26.50
C PHE D 178 -41.70 -11.63 25.35
N THR D 179 -41.34 -10.97 24.25
CA THR D 179 -40.59 -11.55 23.11
C THR D 179 -39.43 -10.61 22.79
N PHE D 180 -38.36 -11.13 22.18
CA PHE D 180 -37.19 -10.33 21.74
C PHE D 180 -37.65 -9.33 20.67
N CYS D 181 -37.38 -8.05 20.88
CA CYS D 181 -37.69 -6.96 19.92
C CYS D 181 -36.39 -6.34 19.39
N GLY D 182 -35.23 -6.78 19.90
CA GLY D 182 -33.93 -6.33 19.38
C GLY D 182 -32.78 -6.66 20.32
N LEU D 183 -31.66 -5.97 20.12
CA LEU D 183 -30.43 -6.11 20.92
C LEU D 183 -29.45 -4.99 20.55
N ASP D 184 -28.39 -4.83 21.34
CA ASP D 184 -27.22 -3.97 21.04
C ASP D 184 -25.98 -4.73 21.51
N THR D 185 -25.23 -5.32 20.60
CA THR D 185 -24.05 -6.17 20.89
C THR D 185 -22.87 -5.30 21.33
N ALA D 186 -22.98 -3.97 21.22
CA ALA D 186 -21.90 -3.01 21.52
C ALA D 186 -22.15 -2.28 22.84
N LEU D 187 -23.30 -2.48 23.50
CA LEU D 187 -23.73 -1.63 24.66
C LEU D 187 -22.78 -1.80 25.85
N TYR D 188 -22.25 -3.00 26.07
CA TYR D 188 -21.46 -3.35 27.29
C TYR D 188 -19.96 -3.26 26.99
N LEU D 189 -19.55 -2.90 25.77
CA LEU D 189 -18.13 -2.68 25.42
C LEU D 189 -17.56 -1.62 26.37
N GLY D 190 -16.37 -1.86 26.92
CA GLY D 190 -15.69 -0.93 27.84
C GLY D 190 -16.27 -0.94 29.24
N THR D 191 -17.26 -1.79 29.53
CA THR D 191 -17.87 -1.93 30.88
C THR D 191 -17.32 -3.18 31.56
N GLU D 192 -17.64 -3.35 32.85
CA GLU D 192 -17.35 -4.58 33.64
C GLU D 192 -17.98 -5.81 32.98
N SER D 193 -19.04 -5.62 32.18
CA SER D 193 -19.84 -6.70 31.55
C SER D 193 -19.42 -6.96 30.09
N GLU D 194 -18.29 -6.40 29.63
CA GLU D 194 -17.75 -6.62 28.26
C GLU D 194 -17.65 -8.14 28.01
N GLY D 195 -18.03 -8.59 26.81
CA GLY D 195 -18.20 -10.01 26.47
C GLY D 195 -19.66 -10.43 26.44
N GLU D 196 -20.54 -9.68 27.14
CA GLU D 196 -22.00 -9.89 27.13
C GLU D 196 -22.64 -8.96 26.10
N GLN D 197 -23.86 -9.28 25.68
CA GLN D 197 -24.67 -8.46 24.75
C GLN D 197 -25.97 -8.07 25.45
N ALA D 198 -26.39 -6.82 25.28
CA ALA D 198 -27.69 -6.31 25.78
C ALA D 198 -28.78 -6.82 24.83
N LEU D 199 -29.70 -7.65 25.32
CA LEU D 199 -30.90 -8.10 24.55
C LEU D 199 -32.10 -7.27 25.00
N TYR D 200 -32.96 -6.91 24.04
CA TYR D 200 -34.16 -6.08 24.29
C TYR D 200 -35.40 -6.95 24.05
N MET D 201 -36.34 -6.88 24.99
CA MET D 201 -37.63 -7.60 24.92
C MET D 201 -38.76 -6.59 25.14
N SER D 202 -39.91 -6.86 24.54
CA SER D 202 -41.11 -5.99 24.64
C SER D 202 -42.35 -6.87 24.70
N MET D 203 -43.48 -6.28 25.09
CA MET D 203 -44.82 -6.88 24.91
C MET D 203 -45.83 -5.74 24.84
N PRO D 204 -46.92 -5.87 24.03
CA PRO D 204 -47.97 -4.86 23.99
C PRO D 204 -48.79 -4.82 25.29
N CYS D 205 -49.58 -3.76 25.49
CA CYS D 205 -50.66 -3.70 26.51
C CYS D 205 -51.83 -2.85 25.97
N THR E 28 16.96 -8.97 -13.99
CA THR E 28 17.78 -10.22 -14.16
C THR E 28 16.84 -11.44 -14.15
N TYR E 29 15.79 -11.42 -13.34
CA TYR E 29 14.82 -12.53 -13.16
C TYR E 29 13.39 -12.03 -13.33
N ALA E 30 12.61 -12.78 -14.12
CA ALA E 30 11.15 -12.59 -14.27
C ALA E 30 10.41 -13.56 -13.33
N PHE E 31 9.23 -13.18 -12.87
CA PHE E 31 8.34 -14.01 -12.01
C PHE E 31 6.99 -14.19 -12.70
N ARG E 32 6.44 -15.40 -12.60
CA ARG E 32 5.13 -15.76 -13.20
C ARG E 32 4.58 -16.99 -12.48
N VAL E 33 3.27 -17.25 -12.67
CA VAL E 33 2.61 -18.51 -12.24
C VAL E 33 3.35 -19.65 -12.94
N ALA E 34 3.55 -20.77 -12.23
CA ALA E 34 4.25 -21.98 -12.74
C ALA E 34 3.35 -22.66 -13.78
N ARG E 35 3.96 -23.21 -14.83
CA ARG E 35 3.29 -23.97 -15.92
C ARG E 35 3.85 -25.39 -15.92
N PRO E 36 3.16 -26.37 -16.53
CA PRO E 36 3.57 -27.78 -16.49
C PRO E 36 5.07 -28.08 -16.70
N GLU E 37 5.76 -27.31 -17.55
CA GLU E 37 7.18 -27.52 -17.89
C GLU E 37 8.08 -27.09 -16.72
N ASP E 38 7.56 -26.31 -15.78
CA ASP E 38 8.30 -25.80 -14.59
C ASP E 38 8.25 -26.82 -13.46
N VAL E 39 7.26 -27.71 -13.45
CA VAL E 39 6.97 -28.68 -12.35
C VAL E 39 8.21 -29.56 -12.13
N GLU E 40 8.86 -30.00 -13.22
CA GLU E 40 10.01 -30.94 -13.15
C GLU E 40 11.24 -30.19 -12.64
N ALA E 41 11.40 -28.92 -13.02
CA ALA E 41 12.51 -28.04 -12.55
C ALA E 41 12.33 -27.72 -11.05
N ILE E 42 11.09 -27.47 -10.62
CA ILE E 42 10.70 -27.20 -9.21
C ILE E 42 11.12 -28.40 -8.34
N ALA E 43 10.90 -29.62 -8.83
CA ALA E 43 11.14 -30.90 -8.11
C ALA E 43 12.63 -31.05 -7.78
N ALA E 44 13.53 -30.59 -8.67
CA ALA E 44 15.00 -30.69 -8.52
C ALA E 44 15.51 -29.73 -7.44
N ILE E 45 14.77 -28.67 -7.12
CA ILE E 45 15.10 -27.67 -6.06
C ILE E 45 14.48 -28.16 -4.75
N ASP E 46 15.17 -29.08 -4.06
CA ASP E 46 14.65 -29.85 -2.90
C ASP E 46 14.83 -29.06 -1.59
N GLY E 47 15.72 -28.07 -1.59
CA GLY E 47 15.91 -27.12 -0.48
C GLY E 47 16.99 -27.59 0.48
N SER E 48 17.69 -28.67 0.16
CA SER E 48 18.83 -29.20 0.93
C SER E 48 19.82 -28.07 1.19
N PHE E 49 20.34 -27.99 2.41
CA PHE E 49 21.21 -26.88 2.87
C PHE E 49 22.28 -27.41 3.82
N THR E 50 23.32 -26.59 4.00
CA THR E 50 24.37 -26.74 5.03
C THR E 50 24.25 -25.52 5.95
N THR E 51 24.48 -25.70 7.25
CA THR E 51 24.38 -24.62 8.27
C THR E 51 25.45 -24.85 9.33
N GLY E 52 26.11 -23.77 9.75
CA GLY E 52 27.06 -23.74 10.89
C GLY E 52 26.37 -23.41 12.20
N THR E 53 25.06 -23.15 12.16
CA THR E 53 24.24 -22.83 13.36
C THR E 53 22.89 -23.55 13.28
N VAL E 54 22.30 -23.80 14.45
CA VAL E 54 20.90 -24.29 14.60
C VAL E 54 20.23 -23.44 15.67
N PHE E 55 18.89 -23.38 15.67
CA PHE E 55 18.10 -22.76 16.75
C PHE E 55 17.76 -23.86 17.76
N GLN E 56 18.38 -23.81 18.93
CA GLN E 56 18.10 -24.75 20.06
C GLN E 56 16.77 -24.36 20.71
N VAL E 57 15.87 -25.32 20.90
CA VAL E 57 14.57 -25.12 21.59
C VAL E 57 14.71 -25.65 23.02
N ALA E 58 14.54 -24.78 24.02
CA ALA E 58 14.51 -25.13 25.45
C ALA E 58 13.05 -25.17 25.91
N VAL E 59 12.61 -26.32 26.42
CA VAL E 59 11.21 -26.55 26.90
C VAL E 59 11.22 -26.44 28.43
N ALA E 60 10.48 -25.45 28.96
CA ALA E 60 10.13 -25.30 30.39
C ALA E 60 8.66 -25.65 30.56
N PRO E 61 8.18 -25.92 31.80
CA PRO E 61 6.75 -26.15 32.03
C PRO E 61 5.87 -24.95 31.64
N ASP E 62 6.45 -23.75 31.60
CA ASP E 62 5.73 -22.47 31.39
C ASP E 62 6.16 -21.77 30.10
N GLY E 63 6.97 -22.39 29.22
CA GLY E 63 7.31 -21.74 27.95
C GLY E 63 8.41 -22.41 27.15
N PHE E 64 8.82 -21.73 26.08
CA PHE E 64 9.80 -22.19 25.06
C PHE E 64 10.74 -21.04 24.72
N THR E 65 12.04 -21.34 24.63
CA THR E 65 13.11 -20.35 24.31
C THR E 65 13.88 -20.87 23.10
N LEU E 66 14.19 -19.98 22.14
CA LEU E 66 15.01 -20.23 20.92
C LEU E 66 16.33 -19.48 21.08
N ARG E 67 17.46 -20.18 21.02
CA ARG E 67 18.80 -19.53 21.00
C ARG E 67 19.61 -20.16 19.86
N GLU E 68 20.12 -19.32 18.96
CA GLU E 68 20.99 -19.75 17.85
C GLU E 68 22.34 -20.20 18.45
N VAL E 69 22.78 -21.40 18.10
CA VAL E 69 24.04 -22.02 18.61
C VAL E 69 24.85 -22.51 17.41
N ALA E 70 26.16 -22.26 17.42
CA ALA E 70 27.12 -22.77 16.42
C ALA E 70 27.22 -24.29 16.57
N VAL E 71 27.33 -25.00 15.46
CA VAL E 71 27.55 -26.48 15.43
C VAL E 71 28.77 -26.75 14.53
N ASP E 72 29.61 -27.68 14.97
CA ASP E 72 30.91 -28.02 14.35
C ASP E 72 31.06 -29.54 14.39
N PRO E 73 31.19 -30.25 13.25
CA PRO E 73 31.18 -29.64 11.91
C PRO E 73 29.78 -29.21 11.45
N PRO E 74 29.68 -28.50 10.31
CA PRO E 74 28.39 -28.02 9.80
C PRO E 74 27.40 -29.17 9.57
N LEU E 75 26.13 -28.94 9.93
CA LEU E 75 25.00 -29.86 9.66
C LEU E 75 24.67 -29.80 8.16
N VAL E 76 24.59 -30.97 7.51
CA VAL E 76 24.04 -31.15 6.14
C VAL E 76 22.63 -31.71 6.29
N LYS E 77 21.61 -30.94 5.85
CA LYS E 77 20.18 -31.33 5.96
C LYS E 77 19.64 -31.57 4.55
N VAL E 78 19.29 -32.83 4.27
CA VAL E 78 18.53 -33.23 3.05
C VAL E 78 17.10 -33.47 3.55
N PHE E 79 16.13 -32.81 2.93
CA PHE E 79 14.69 -33.00 3.24
C PHE E 79 14.26 -34.38 2.74
N PRO E 80 13.43 -35.13 3.49
CA PRO E 80 12.97 -36.45 3.07
C PRO E 80 12.02 -36.38 1.86
N GLU E 81 11.98 -37.43 1.05
CA GLU E 81 11.05 -37.56 -0.11
C GLU E 81 9.61 -37.63 0.40
N ASP E 82 9.40 -38.26 1.57
CA ASP E 82 8.09 -38.34 2.28
C ASP E 82 8.02 -37.25 3.36
N ASP E 83 7.32 -36.16 3.07
CA ASP E 83 7.12 -35.00 3.97
C ASP E 83 5.84 -35.17 4.79
N GLY E 84 5.08 -36.26 4.55
CA GLY E 84 3.85 -36.60 5.31
C GLY E 84 2.58 -36.05 4.69
N SER E 85 2.66 -35.45 3.49
CA SER E 85 1.51 -34.90 2.73
C SER E 85 1.13 -35.84 1.58
N GLY E 93 -7.55 -23.03 -7.00
CA GLY E 93 -8.20 -21.74 -6.71
C GLY E 93 -7.69 -21.11 -5.42
N ASP E 94 -7.48 -21.94 -4.40
CA ASP E 94 -6.89 -21.55 -3.09
C ASP E 94 -5.40 -21.95 -3.05
N ARG E 95 -4.94 -22.73 -4.04
CA ARG E 95 -3.51 -23.11 -4.24
C ARG E 95 -2.92 -22.28 -5.38
N ARG E 96 -1.60 -22.09 -5.37
CA ARG E 96 -0.84 -21.38 -6.44
C ARG E 96 0.66 -21.63 -6.25
N THR E 97 1.38 -21.81 -7.37
CA THR E 97 2.86 -21.94 -7.42
C THR E 97 3.42 -20.80 -8.29
N TYR E 98 4.33 -20.01 -7.74
CA TYR E 98 5.09 -18.96 -8.47
C TYR E 98 6.51 -19.44 -8.70
N VAL E 99 7.15 -18.90 -9.72
CA VAL E 99 8.48 -19.35 -10.23
C VAL E 99 9.26 -18.11 -10.64
N ALA E 100 10.55 -18.07 -10.27
CA ALA E 100 11.53 -17.08 -10.75
C ALA E 100 12.32 -17.72 -11.90
N VAL E 101 12.42 -17.01 -13.03
CA VAL E 101 13.03 -17.51 -14.30
C VAL E 101 14.15 -16.56 -14.71
N GLY E 102 15.32 -17.10 -15.03
CA GLY E 102 16.47 -16.36 -15.58
C GLY E 102 16.41 -16.25 -17.09
N ALA E 103 17.34 -15.51 -17.69
CA ALA E 103 17.65 -15.58 -19.13
C ALA E 103 18.15 -17.01 -19.40
N GLY E 104 17.67 -17.63 -20.47
CA GLY E 104 17.91 -19.06 -20.76
C GLY E 104 16.85 -19.96 -20.13
N GLY E 105 15.93 -19.41 -19.32
CA GLY E 105 14.60 -20.03 -19.08
C GLY E 105 14.61 -21.06 -17.96
N ALA E 106 15.71 -21.12 -17.20
CA ALA E 106 15.86 -22.02 -16.03
C ALA E 106 15.12 -21.40 -14.84
N VAL E 107 14.44 -22.24 -14.06
CA VAL E 107 13.80 -21.85 -12.76
C VAL E 107 14.92 -21.61 -11.76
N ALA E 108 15.03 -20.37 -11.26
CA ALA E 108 16.05 -19.92 -10.27
C ALA E 108 15.46 -19.99 -8.86
N GLY E 109 14.15 -20.19 -8.74
CA GLY E 109 13.44 -20.24 -7.45
C GLY E 109 11.95 -20.45 -7.65
N PHE E 110 11.26 -20.88 -6.60
CA PHE E 110 9.79 -21.06 -6.59
C PHE E 110 9.23 -20.86 -5.17
N THR E 111 7.93 -20.62 -5.11
CA THR E 111 7.12 -20.68 -3.87
C THR E 111 5.77 -21.32 -4.22
N ALA E 112 5.35 -22.28 -3.41
CA ALA E 112 4.01 -22.90 -3.42
C ALA E 112 3.25 -22.38 -2.20
N VAL E 113 2.08 -21.78 -2.43
CA VAL E 113 1.25 -21.16 -1.36
C VAL E 113 -0.13 -21.82 -1.36
N SER E 114 -0.84 -21.73 -0.24
CA SER E 114 -2.10 -22.45 0.07
C SER E 114 -2.96 -21.60 1.00
N TYR E 115 -4.20 -21.32 0.60
CA TYR E 115 -5.14 -20.44 1.36
C TYR E 115 -6.18 -21.30 2.07
N THR E 116 -6.42 -21.02 3.36
CA THR E 116 -7.52 -21.58 4.18
C THR E 116 -8.43 -20.43 4.60
N PRO E 117 -9.66 -20.32 4.02
CA PRO E 117 -10.56 -19.21 4.33
C PRO E 117 -10.92 -19.12 5.82
N TRP E 118 -10.96 -20.27 6.51
CA TRP E 118 -11.39 -20.42 7.92
C TRP E 118 -10.70 -19.37 8.81
N ASN E 119 -9.37 -19.22 8.68
CA ASN E 119 -8.55 -18.31 9.52
C ASN E 119 -7.76 -17.33 8.63
N GLY E 120 -8.14 -17.20 7.36
CA GLY E 120 -7.54 -16.22 6.43
C GLY E 120 -6.04 -16.39 6.29
N ARG E 121 -5.53 -17.61 6.46
CA ARG E 121 -4.08 -17.93 6.47
C ARG E 121 -3.62 -18.32 5.06
N LEU E 122 -2.68 -17.58 4.48
CA LEU E 122 -1.88 -18.06 3.32
C LEU E 122 -0.64 -18.78 3.86
N THR E 123 -0.64 -20.11 3.79
CA THR E 123 0.50 -20.99 4.14
C THR E 123 1.53 -20.93 3.00
N ILE E 124 2.75 -20.46 3.29
CA ILE E 124 3.92 -20.60 2.38
C ILE E 124 4.39 -22.06 2.53
N GLU E 125 3.80 -22.98 1.76
CA GLU E 125 4.04 -24.44 1.82
C GLU E 125 5.48 -24.75 1.45
N ASP E 126 6.07 -23.99 0.52
CA ASP E 126 7.51 -24.07 0.20
C ASP E 126 7.97 -22.76 -0.46
N ILE E 127 9.22 -22.37 -0.21
CA ILE E 127 9.90 -21.25 -0.92
C ILE E 127 11.39 -21.61 -0.96
N GLU E 128 11.95 -21.74 -2.16
CA GLU E 128 13.37 -22.12 -2.38
C GLU E 128 13.96 -21.24 -3.48
N VAL E 129 15.21 -20.83 -3.30
CA VAL E 129 16.06 -20.19 -4.36
C VAL E 129 17.16 -21.20 -4.69
N ALA E 130 17.37 -21.45 -5.99
CA ALA E 130 18.38 -22.40 -6.53
C ALA E 130 19.75 -22.07 -5.96
N PRO E 131 20.58 -23.08 -5.62
CA PRO E 131 21.90 -22.86 -5.00
C PRO E 131 22.72 -21.67 -5.50
N GLY E 132 22.83 -21.47 -6.82
CA GLY E 132 23.75 -20.47 -7.40
C GLY E 132 23.13 -19.10 -7.67
N HIS E 133 21.93 -18.79 -7.12
CA HIS E 133 21.14 -17.60 -7.53
C HIS E 133 20.72 -16.75 -6.32
N ARG E 134 21.37 -16.92 -5.16
CA ARG E 134 21.04 -16.18 -3.92
C ARG E 134 21.65 -14.76 -3.99
N GLY E 135 21.11 -13.84 -3.18
CA GLY E 135 21.57 -12.44 -3.08
C GLY E 135 21.19 -11.61 -4.29
N ARG E 136 20.13 -11.99 -5.02
CA ARG E 136 19.65 -11.32 -6.26
C ARG E 136 18.15 -10.97 -6.14
N GLY E 137 17.61 -10.94 -4.93
CA GLY E 137 16.24 -10.49 -4.64
C GLY E 137 15.16 -11.47 -5.09
N ILE E 138 15.51 -12.75 -5.34
CA ILE E 138 14.53 -13.78 -5.79
C ILE E 138 13.61 -14.12 -4.61
N GLY E 139 14.16 -14.35 -3.41
CA GLY E 139 13.38 -14.65 -2.19
C GLY E 139 12.28 -13.63 -2.00
N ARG E 140 12.67 -12.35 -1.95
CA ARG E 140 11.79 -11.16 -1.78
C ARG E 140 10.74 -11.14 -2.88
N GLY E 141 11.16 -11.31 -4.13
CA GLY E 141 10.27 -11.31 -5.32
C GLY E 141 9.19 -12.37 -5.23
N LEU E 142 9.56 -13.59 -4.87
CA LEU E 142 8.63 -14.74 -4.72
C LEU E 142 7.64 -14.45 -3.59
N MET E 143 8.11 -13.94 -2.46
CA MET E 143 7.27 -13.61 -1.28
C MET E 143 6.32 -12.46 -1.62
N GLU E 144 6.75 -11.52 -2.47
CA GLU E 144 5.91 -10.38 -2.93
C GLU E 144 4.76 -10.92 -3.79
N ARG E 145 5.01 -11.96 -4.59
CA ARG E 145 3.97 -12.64 -5.43
C ARG E 145 3.02 -13.42 -4.51
N ALA E 146 3.53 -14.03 -3.44
CA ALA E 146 2.72 -14.71 -2.39
C ALA E 146 1.80 -13.67 -1.73
N ALA E 147 2.34 -12.50 -1.37
CA ALA E 147 1.61 -11.38 -0.74
C ALA E 147 0.48 -10.90 -1.68
N ASP E 148 0.76 -10.80 -2.99
CA ASP E 148 -0.23 -10.38 -4.02
C ASP E 148 -1.42 -11.36 -4.02
N PHE E 149 -1.13 -12.66 -3.96
CA PHE E 149 -2.16 -13.74 -3.92
C PHE E 149 -2.96 -13.65 -2.62
N ALA E 150 -2.29 -13.36 -1.50
CA ALA E 150 -2.91 -13.20 -0.16
C ALA E 150 -3.97 -12.08 -0.22
N ARG E 151 -3.59 -10.90 -0.71
CA ARG E 151 -4.50 -9.72 -0.78
C ARG E 151 -5.62 -10.00 -1.78
N GLU E 152 -5.35 -10.76 -2.84
CA GLU E 152 -6.34 -11.20 -3.86
C GLU E 152 -7.42 -12.07 -3.19
N ARG E 153 -7.04 -12.90 -2.22
CA ARG E 153 -7.94 -13.87 -1.54
C ARG E 153 -8.50 -13.28 -0.25
N GLY E 154 -8.01 -12.12 0.19
CA GLY E 154 -8.45 -11.41 1.41
C GLY E 154 -7.82 -11.97 2.69
N ALA E 155 -6.67 -12.64 2.57
CA ALA E 155 -5.92 -13.25 3.69
C ALA E 155 -5.57 -12.19 4.74
N GLY E 156 -5.52 -12.59 6.01
CA GLY E 156 -5.13 -11.73 7.14
C GLY E 156 -3.65 -11.89 7.50
N HIS E 157 -3.05 -13.04 7.21
CA HIS E 157 -1.61 -13.28 7.54
C HIS E 157 -1.01 -14.35 6.62
N LEU E 158 0.30 -14.28 6.42
CA LEU E 158 1.13 -15.37 5.84
C LEU E 158 1.67 -16.20 7.00
N TRP E 159 1.92 -17.49 6.75
CA TRP E 159 2.35 -18.48 7.78
C TRP E 159 3.23 -19.54 7.11
N LEU E 160 4.29 -19.97 7.79
CA LEU E 160 5.16 -21.06 7.29
C LEU E 160 5.64 -21.91 8.46
N GLU E 161 6.02 -23.15 8.14
CA GLU E 161 6.71 -24.10 9.04
C GLU E 161 8.19 -24.09 8.66
N VAL E 162 9.08 -24.07 9.64
CA VAL E 162 10.55 -24.18 9.41
C VAL E 162 11.14 -25.01 10.56
N THR E 163 11.91 -26.04 10.21
CA THR E 163 12.65 -26.86 11.21
C THR E 163 13.67 -25.95 11.90
N ASN E 164 13.87 -26.18 13.20
CA ASN E 164 14.78 -25.37 14.07
C ASN E 164 16.22 -25.42 13.52
N VAL E 165 16.60 -26.46 12.77
CA VAL E 165 18.00 -26.61 12.25
C VAL E 165 18.20 -25.74 11.00
N ASN E 166 17.12 -25.27 10.35
CA ASN E 166 17.20 -24.48 9.09
C ASN E 166 17.43 -22.99 9.43
N ALA E 167 18.58 -22.68 10.03
CA ALA E 167 19.01 -21.31 10.42
C ALA E 167 19.07 -20.39 9.19
N PRO E 168 19.59 -20.85 8.03
CA PRO E 168 19.64 -20.01 6.84
C PRO E 168 18.24 -19.51 6.42
N ALA E 169 17.25 -20.41 6.36
CA ALA E 169 15.85 -20.07 6.02
C ALA E 169 15.27 -19.13 7.09
N ILE E 170 15.50 -19.42 8.37
CA ILE E 170 14.97 -18.60 9.50
C ILE E 170 15.47 -17.17 9.35
N HIS E 171 16.77 -16.99 9.05
CA HIS E 171 17.38 -15.65 8.84
C HIS E 171 16.72 -14.98 7.62
N ALA E 172 16.54 -15.72 6.53
CA ALA E 172 15.85 -15.24 5.30
C ALA E 172 14.44 -14.79 5.65
N TYR E 173 13.68 -15.58 6.42
CA TYR E 173 12.26 -15.29 6.74
C TYR E 173 12.18 -14.06 7.66
N LEU E 174 13.09 -13.95 8.64
CA LEU E 174 13.18 -12.76 9.54
C LEU E 174 13.41 -11.49 8.72
N ARG E 175 14.34 -11.56 7.76
CA ARG E 175 14.68 -10.46 6.81
C ARG E 175 13.44 -9.99 6.06
N LEU E 176 12.55 -10.93 5.65
CA LEU E 176 11.36 -10.65 4.82
C LEU E 176 10.17 -10.20 5.68
N GLY E 177 10.32 -10.16 7.01
CA GLY E 177 9.32 -9.56 7.91
C GLY E 177 8.56 -10.58 8.77
N PHE E 178 8.85 -11.88 8.61
CA PHE E 178 8.24 -12.95 9.46
C PHE E 178 8.81 -12.88 10.88
N THR E 179 7.98 -13.21 11.87
CA THR E 179 8.36 -13.40 13.29
C THR E 179 7.80 -14.75 13.76
N PHE E 180 8.42 -15.36 14.78
CA PHE E 180 7.95 -16.63 15.39
C PHE E 180 6.57 -16.38 16.01
N CYS E 181 5.57 -17.19 15.62
CA CYS E 181 4.19 -17.15 16.17
C CYS E 181 3.90 -18.44 16.94
N GLY E 182 4.83 -19.39 16.95
CA GLY E 182 4.70 -20.62 17.76
C GLY E 182 5.65 -21.71 17.32
N LEU E 183 5.34 -22.94 17.72
CA LEU E 183 6.13 -24.16 17.41
C LEU E 183 5.33 -25.39 17.83
N ASP E 184 5.79 -26.57 17.41
CA ASP E 184 5.30 -27.89 17.88
C ASP E 184 6.52 -28.79 18.01
N THR E 185 7.00 -29.01 19.23
CA THR E 185 8.24 -29.79 19.53
C THR E 185 7.98 -31.29 19.30
N ALA E 186 6.72 -31.69 19.10
CA ALA E 186 6.30 -33.10 18.97
C ALA E 186 6.01 -33.47 17.51
N LEU E 187 6.03 -32.52 16.58
CA LEU E 187 5.52 -32.73 15.18
C LEU E 187 6.36 -33.76 14.44
N TYR E 188 7.67 -33.79 14.67
CA TYR E 188 8.63 -34.63 13.90
C TYR E 188 8.95 -35.93 14.63
N LEU E 189 8.34 -36.16 15.81
CA LEU E 189 8.52 -37.44 16.56
C LEU E 189 8.08 -38.59 15.65
N GLY E 190 8.87 -39.66 15.58
CA GLY E 190 8.57 -40.86 14.76
C GLY E 190 8.81 -40.64 13.28
N THR E 191 9.35 -39.48 12.87
CA THR E 191 9.69 -39.16 11.45
C THR E 191 11.20 -39.31 11.25
N GLU E 192 11.66 -39.22 10.01
CA GLU E 192 13.10 -39.16 9.62
C GLU E 192 13.77 -37.96 10.29
N SER E 193 12.99 -36.91 10.65
CA SER E 193 13.51 -35.63 11.20
C SER E 193 13.40 -35.58 12.74
N GLU E 194 13.13 -36.71 13.41
CA GLU E 194 13.08 -36.81 14.89
C GLU E 194 14.38 -36.23 15.46
N GLY E 195 14.27 -35.45 16.54
CA GLY E 195 15.37 -34.64 17.12
C GLY E 195 15.24 -33.17 16.77
N GLU E 196 14.52 -32.85 15.69
CA GLU E 196 14.23 -31.46 15.25
C GLU E 196 12.86 -31.05 15.80
N GLN E 197 12.62 -29.74 15.86
CA GLN E 197 11.32 -29.13 16.28
C GLN E 197 10.79 -28.31 15.12
N ALA E 198 9.48 -28.40 14.87
CA ALA E 198 8.78 -27.56 13.89
C ALA E 198 8.56 -26.18 14.51
N LEU E 199 9.15 -25.13 13.94
CA LEU E 199 8.92 -23.73 14.36
C LEU E 199 7.94 -23.09 13.37
N TYR E 200 7.03 -22.26 13.89
CA TYR E 200 5.98 -21.58 13.10
C TYR E 200 6.27 -20.08 13.10
N MET E 201 6.21 -19.47 11.92
CA MET E 201 6.41 -18.02 11.73
C MET E 201 5.22 -17.47 10.93
N SER E 202 4.89 -16.21 11.17
CA SER E 202 3.76 -15.52 10.50
C SER E 202 4.16 -14.07 10.23
N MET E 203 3.39 -13.40 9.38
CA MET E 203 3.43 -11.93 9.24
C MET E 203 2.06 -11.47 8.73
N PRO E 204 1.57 -10.28 9.13
CA PRO E 204 0.31 -9.74 8.62
C PRO E 204 0.42 -9.34 7.14
N CYS E 205 -0.72 -9.10 6.49
CA CYS E 205 -0.81 -8.56 5.09
C CYS E 205 -1.08 -7.05 5.13
N THR F 28 -19.92 -46.60 37.82
CA THR F 28 -21.05 -45.64 37.57
C THR F 28 -21.21 -45.45 36.06
N TYR F 29 -20.11 -45.42 35.29
CA TYR F 29 -20.08 -45.15 33.83
C TYR F 29 -19.31 -46.23 33.08
N ALA F 30 -19.91 -46.75 32.00
CA ALA F 30 -19.32 -47.71 31.06
C ALA F 30 -18.83 -46.96 29.82
N PHE F 31 -17.82 -47.51 29.13
CA PHE F 31 -17.21 -46.92 27.91
C PHE F 31 -17.34 -47.92 26.76
N ARG F 32 -17.63 -47.42 25.56
CA ARG F 32 -17.71 -48.23 24.31
C ARG F 32 -17.47 -47.34 23.10
N VAL F 33 -17.16 -47.96 21.96
CA VAL F 33 -17.13 -47.29 20.63
C VAL F 33 -18.52 -46.67 20.39
N ALA F 34 -18.55 -45.46 19.85
CA ALA F 34 -19.78 -44.69 19.57
C ALA F 34 -20.51 -45.32 18.40
N ARG F 35 -21.85 -45.30 18.44
CA ARG F 35 -22.73 -45.86 17.38
C ARG F 35 -23.57 -44.71 16.81
N PRO F 36 -24.12 -44.86 15.59
CA PRO F 36 -24.94 -43.82 14.96
C PRO F 36 -25.98 -43.11 15.84
N GLU F 37 -26.58 -43.81 16.80
CA GLU F 37 -27.63 -43.27 17.71
C GLU F 37 -27.01 -42.30 18.74
N ASP F 38 -25.69 -42.37 18.94
CA ASP F 38 -24.94 -41.53 19.91
C ASP F 38 -24.58 -40.17 19.28
N VAL F 39 -24.55 -40.09 17.94
CA VAL F 39 -24.07 -38.91 17.16
C VAL F 39 -24.80 -37.63 17.60
N GLU F 40 -26.12 -37.72 17.81
CA GLU F 40 -26.97 -36.54 18.14
C GLU F 40 -26.67 -36.10 19.59
N ALA F 41 -26.43 -37.04 20.50
CA ALA F 41 -26.09 -36.78 21.91
C ALA F 41 -24.69 -36.15 21.98
N ILE F 42 -23.74 -36.66 21.19
CA ILE F 42 -22.33 -36.15 21.09
C ILE F 42 -22.36 -34.68 20.69
N ALA F 43 -23.22 -34.31 19.74
CA ALA F 43 -23.34 -32.94 19.16
C ALA F 43 -23.72 -31.92 20.24
N ALA F 44 -24.57 -32.31 21.19
CA ALA F 44 -25.08 -31.44 22.27
C ALA F 44 -24.00 -31.13 23.29
N ILE F 45 -22.98 -31.99 23.40
CA ILE F 45 -21.85 -31.84 24.36
C ILE F 45 -20.73 -31.05 23.67
N ASP F 46 -20.85 -29.71 23.61
CA ASP F 46 -19.93 -28.82 22.81
C ASP F 46 -18.72 -28.43 23.67
N GLY F 47 -18.82 -28.54 24.99
CA GLY F 47 -17.70 -28.27 25.92
C GLY F 47 -17.61 -26.82 26.36
N SER F 48 -18.65 -26.03 26.06
CA SER F 48 -18.78 -24.61 26.51
C SER F 48 -18.56 -24.54 28.03
N PHE F 49 -17.83 -23.54 28.52
CA PHE F 49 -17.35 -23.47 29.92
C PHE F 49 -17.30 -22.02 30.42
N THR F 50 -17.21 -21.88 31.74
CA THR F 50 -16.87 -20.63 32.47
C THR F 50 -15.53 -20.88 33.17
N THR F 51 -14.70 -19.85 33.30
CA THR F 51 -13.36 -19.93 33.94
C THR F 51 -13.08 -18.62 34.66
N GLY F 52 -12.48 -18.70 35.86
CA GLY F 52 -11.96 -17.56 36.64
C GLY F 52 -10.50 -17.28 36.32
N THR F 53 -9.87 -18.09 35.47
CA THR F 53 -8.45 -17.93 35.07
C THR F 53 -8.30 -18.20 33.56
N VAL F 54 -7.27 -17.62 32.95
CA VAL F 54 -6.82 -17.92 31.56
C VAL F 54 -5.29 -18.09 31.59
N PHE F 55 -4.74 -18.78 30.59
CA PHE F 55 -3.28 -18.86 30.37
C PHE F 55 -2.89 -17.72 29.42
N GLN F 56 -2.21 -16.72 29.95
CA GLN F 56 -1.71 -15.53 29.19
C GLN F 56 -0.47 -15.96 28.42
N VAL F 57 -0.43 -15.67 27.11
CA VAL F 57 0.73 -15.95 26.22
C VAL F 57 1.50 -14.65 26.04
N ALA F 58 2.77 -14.64 26.46
CA ALA F 58 3.72 -13.53 26.22
C ALA F 58 4.64 -13.92 25.06
N VAL F 59 4.65 -13.12 23.99
CA VAL F 59 5.49 -13.33 22.77
C VAL F 59 6.71 -12.43 22.88
N ALA F 60 7.91 -13.02 22.93
CA ALA F 60 9.21 -12.36 22.79
C ALA F 60 9.80 -12.75 21.43
N PRO F 61 10.82 -12.00 20.93
CA PRO F 61 11.50 -12.40 19.69
C PRO F 61 12.16 -13.79 19.77
N ASP F 62 12.46 -14.25 20.98
CA ASP F 62 13.24 -15.49 21.26
C ASP F 62 12.40 -16.54 22.01
N GLY F 63 11.09 -16.35 22.19
CA GLY F 63 10.26 -17.42 22.79
C GLY F 63 8.87 -17.00 23.24
N PHE F 64 8.22 -17.90 23.98
CA PHE F 64 6.82 -17.79 24.44
C PHE F 64 6.75 -18.24 25.90
N THR F 65 6.00 -17.50 26.71
CA THR F 65 5.77 -17.79 28.15
C THR F 65 4.27 -17.89 28.40
N LEU F 66 3.85 -18.92 29.13
CA LEU F 66 2.44 -19.17 29.56
C LEU F 66 2.37 -18.97 31.07
N ARG F 67 1.52 -18.05 31.53
CA ARG F 67 1.31 -17.80 32.99
C ARG F 67 -0.21 -17.78 33.20
N GLU F 68 -0.70 -18.59 34.13
CA GLU F 68 -2.13 -18.60 34.52
C GLU F 68 -2.41 -17.31 35.30
N VAL F 69 -3.44 -16.57 34.90
CA VAL F 69 -3.83 -15.26 35.47
C VAL F 69 -5.33 -15.31 35.77
N ALA F 70 -5.76 -14.78 36.92
CA ALA F 70 -7.18 -14.63 37.31
C ALA F 70 -7.82 -13.61 36.37
N VAL F 71 -9.09 -13.83 36.01
CA VAL F 71 -9.93 -12.85 35.28
C VAL F 71 -11.21 -12.63 36.08
N ASP F 72 -11.65 -11.37 36.17
CA ASP F 72 -12.82 -10.92 36.97
C ASP F 72 -13.54 -9.86 36.14
N PRO F 73 -14.83 -10.05 35.75
CA PRO F 73 -15.60 -11.26 36.07
C PRO F 73 -15.21 -12.49 35.27
N PRO F 74 -15.76 -13.68 35.60
CA PRO F 74 -15.44 -14.92 34.90
C PRO F 74 -15.71 -14.84 33.38
N LEU F 75 -14.79 -15.39 32.59
CA LEU F 75 -14.94 -15.54 31.12
C LEU F 75 -15.94 -16.67 30.84
N VAL F 76 -16.93 -16.38 29.99
CA VAL F 76 -17.86 -17.38 29.38
C VAL F 76 -17.36 -17.67 27.97
N LYS F 77 -16.99 -18.92 27.69
CA LYS F 77 -16.56 -19.36 26.33
C LYS F 77 -17.60 -20.32 25.76
N VAL F 78 -18.29 -19.90 24.71
CA VAL F 78 -19.14 -20.80 23.88
C VAL F 78 -18.36 -21.13 22.62
N PHE F 79 -18.14 -22.43 22.35
CA PHE F 79 -17.42 -22.90 21.15
C PHE F 79 -18.31 -22.64 19.93
N PRO F 80 -17.72 -22.20 18.80
CA PRO F 80 -18.50 -21.96 17.58
C PRO F 80 -19.00 -23.27 16.95
N GLU F 81 -20.13 -23.20 16.24
CA GLU F 81 -20.72 -24.35 15.50
C GLU F 81 -19.76 -24.75 14.35
N ASP F 82 -19.10 -23.75 13.76
CA ASP F 82 -18.08 -23.92 12.67
C ASP F 82 -16.68 -23.89 13.29
N ASP F 83 -16.06 -25.08 13.44
CA ASP F 83 -14.70 -25.24 14.02
C ASP F 83 -13.63 -25.18 12.92
N GLY F 84 -14.03 -25.05 11.65
CA GLY F 84 -13.13 -24.88 10.50
C GLY F 84 -12.70 -26.18 9.85
N SER F 85 -13.31 -27.32 10.25
CA SER F 85 -12.99 -28.69 9.75
C SER F 85 -14.08 -29.16 8.79
N GLY F 93 -10.42 -46.72 10.39
CA GLY F 93 -9.27 -47.56 10.76
C GLY F 93 -8.23 -46.78 11.57
N ASP F 94 -7.96 -45.53 11.18
CA ASP F 94 -7.06 -44.59 11.88
C ASP F 94 -7.90 -43.59 12.69
N ARG F 95 -9.23 -43.57 12.49
CA ARG F 95 -10.20 -42.74 13.25
C ARG F 95 -10.95 -43.63 14.25
N ARG F 96 -11.42 -43.06 15.35
CA ARG F 96 -12.27 -43.77 16.36
C ARG F 96 -12.93 -42.75 17.28
N THR F 97 -14.19 -43.00 17.64
CA THR F 97 -14.98 -42.20 18.61
C THR F 97 -15.41 -43.10 19.77
N TYR F 98 -15.05 -42.74 21.00
CA TYR F 98 -15.48 -43.43 22.25
C TYR F 98 -16.54 -42.56 22.94
N VAL F 99 -17.37 -43.22 23.75
CA VAL F 99 -18.53 -42.60 24.45
C VAL F 99 -18.58 -43.17 25.86
N ALA F 100 -18.84 -42.32 26.86
CA ALA F 100 -19.12 -42.70 28.25
C ALA F 100 -20.64 -42.72 28.43
N VAL F 101 -21.17 -43.82 28.98
CA VAL F 101 -22.62 -44.10 29.12
C VAL F 101 -22.94 -44.35 30.60
N GLY F 102 -24.01 -43.72 31.10
CA GLY F 102 -24.55 -43.92 32.46
C GLY F 102 -25.55 -45.07 32.50
N ALA F 103 -26.20 -45.26 33.66
CA ALA F 103 -27.08 -46.42 33.93
C ALA F 103 -28.32 -46.38 33.02
N GLY F 104 -28.82 -45.19 32.64
CA GLY F 104 -30.01 -45.05 31.78
C GLY F 104 -29.67 -45.02 30.29
N GLY F 105 -28.41 -45.24 29.93
CA GLY F 105 -27.92 -45.37 28.55
C GLY F 105 -27.62 -44.04 27.89
N ALA F 106 -27.68 -42.93 28.64
CA ALA F 106 -27.39 -41.57 28.12
C ALA F 106 -25.87 -41.37 28.05
N VAL F 107 -25.42 -40.69 26.99
CA VAL F 107 -23.99 -40.30 26.79
C VAL F 107 -23.65 -39.21 27.82
N ALA F 108 -22.69 -39.49 28.71
CA ALA F 108 -22.18 -38.57 29.74
C ALA F 108 -20.90 -37.88 29.26
N GLY F 109 -20.34 -38.34 28.13
CA GLY F 109 -19.14 -37.74 27.51
C GLY F 109 -18.63 -38.56 26.34
N PHE F 110 -17.68 -38.02 25.58
CA PHE F 110 -17.10 -38.65 24.36
C PHE F 110 -15.67 -38.16 24.12
N THR F 111 -14.93 -38.91 23.31
CA THR F 111 -13.63 -38.49 22.72
C THR F 111 -13.58 -39.01 21.29
N ALA F 112 -13.21 -38.14 20.34
CA ALA F 112 -12.89 -38.49 18.95
C ALA F 112 -11.37 -38.39 18.79
N VAL F 113 -10.73 -39.47 18.33
CA VAL F 113 -9.25 -39.55 18.15
C VAL F 113 -8.94 -39.88 16.69
N SER F 114 -7.72 -39.56 16.27
CA SER F 114 -7.27 -39.59 14.85
C SER F 114 -5.77 -39.90 14.81
N TYR F 115 -5.38 -40.96 14.09
CA TYR F 115 -3.98 -41.43 14.00
C TYR F 115 -3.38 -41.01 12.66
N THR F 116 -2.16 -40.46 12.70
CA THR F 116 -1.31 -40.15 11.52
C THR F 116 -0.05 -41.00 11.62
N PRO F 117 0.13 -42.05 10.80
CA PRO F 117 1.30 -42.93 10.88
C PRO F 117 2.62 -42.16 10.69
N TRP F 118 2.59 -41.09 9.88
CA TRP F 118 3.75 -40.26 9.49
C TRP F 118 4.63 -39.92 10.71
N ASN F 119 4.01 -39.43 11.80
CA ASN F 119 4.72 -38.99 13.03
C ASN F 119 4.17 -39.74 14.25
N GLY F 120 3.45 -40.85 14.05
CA GLY F 120 2.94 -41.72 15.12
C GLY F 120 2.09 -40.96 16.14
N ARG F 121 1.40 -39.91 15.70
CA ARG F 121 0.61 -39.00 16.56
C ARG F 121 -0.85 -39.47 16.61
N LEU F 122 -1.36 -39.80 17.80
CA LEU F 122 -2.83 -39.88 18.04
C LEU F 122 -3.31 -38.50 18.50
N THR F 123 -3.99 -37.78 17.60
CA THR F 123 -4.65 -36.48 17.87
C THR F 123 -5.95 -36.74 18.64
N ILE F 124 -6.06 -36.22 19.87
CA ILE F 124 -7.35 -36.15 20.62
C ILE F 124 -8.10 -34.97 20.00
N GLU F 125 -8.85 -35.23 18.92
CA GLU F 125 -9.57 -34.21 18.12
C GLU F 125 -10.65 -33.54 18.96
N ASP F 126 -11.28 -34.29 19.88
CA ASP F 126 -12.20 -33.72 20.89
C ASP F 126 -12.31 -34.68 22.07
N ILE F 127 -12.49 -34.13 23.27
CA ILE F 127 -12.84 -34.88 24.50
C ILE F 127 -13.69 -33.96 25.38
N GLU F 128 -14.93 -34.36 25.64
CA GLU F 128 -15.90 -33.55 26.42
C GLU F 128 -16.66 -34.45 27.39
N VAL F 129 -16.94 -33.92 28.57
CA VAL F 129 -17.85 -34.53 29.59
C VAL F 129 -19.09 -33.63 29.69
N ALA F 130 -20.28 -34.23 29.66
CA ALA F 130 -21.60 -33.54 29.74
C ALA F 130 -21.62 -32.63 30.97
N PRO F 131 -22.23 -31.43 30.89
CA PRO F 131 -22.29 -30.47 31.99
C PRO F 131 -22.47 -31.04 33.41
N GLY F 132 -23.40 -31.99 33.61
CA GLY F 132 -23.79 -32.45 34.97
C GLY F 132 -23.05 -33.69 35.46
N HIS F 133 -21.95 -34.10 34.80
CA HIS F 133 -21.31 -35.43 35.04
C HIS F 133 -19.81 -35.29 35.30
N ARG F 134 -19.32 -34.10 35.66
CA ARG F 134 -17.86 -33.87 35.90
C ARG F 134 -17.48 -34.36 37.30
N GLY F 135 -16.18 -34.59 37.52
CA GLY F 135 -15.60 -35.06 38.79
C GLY F 135 -15.95 -36.52 39.09
N ARG F 136 -16.21 -37.33 38.06
CA ARG F 136 -16.61 -38.76 38.20
C ARG F 136 -15.69 -39.67 37.36
N GLY F 137 -14.51 -39.18 36.95
CA GLY F 137 -13.48 -39.98 36.26
C GLY F 137 -13.86 -40.35 34.83
N ILE F 138 -14.78 -39.61 34.21
CA ILE F 138 -15.17 -39.82 32.78
C ILE F 138 -14.03 -39.36 31.87
N GLY F 139 -13.47 -38.17 32.14
CA GLY F 139 -12.30 -37.64 31.41
C GLY F 139 -11.19 -38.67 31.31
N ARG F 140 -10.74 -39.16 32.47
CA ARG F 140 -9.69 -40.21 32.65
C ARG F 140 -10.05 -41.45 31.86
N GLY F 141 -11.29 -41.93 32.00
CA GLY F 141 -11.78 -43.16 31.33
C GLY F 141 -11.70 -43.04 29.82
N LEU F 142 -12.16 -41.91 29.27
CA LEU F 142 -12.17 -41.62 27.81
C LEU F 142 -10.72 -41.57 27.29
N MET F 143 -9.83 -40.90 28.04
CA MET F 143 -8.40 -40.74 27.66
C MET F 143 -7.70 -42.11 27.73
N GLU F 144 -8.10 -42.98 28.68
CA GLU F 144 -7.55 -44.35 28.81
C GLU F 144 -7.93 -45.17 27.57
N ARG F 145 -9.14 -44.97 27.03
CA ARG F 145 -9.61 -45.63 25.78
C ARG F 145 -8.84 -45.09 24.59
N ALA F 146 -8.54 -43.78 24.58
CA ALA F 146 -7.68 -43.14 23.56
C ALA F 146 -6.28 -43.77 23.61
N ALA F 147 -5.72 -43.93 24.80
CA ALA F 147 -4.38 -44.53 25.04
C ALA F 147 -4.35 -45.98 24.53
N ASP F 148 -5.44 -46.74 24.76
CA ASP F 148 -5.56 -48.16 24.31
C ASP F 148 -5.49 -48.20 22.79
N PHE F 149 -6.17 -47.29 22.10
CA PHE F 149 -6.17 -47.17 20.62
C PHE F 149 -4.77 -46.79 20.12
N ALA F 150 -4.10 -45.88 20.83
CA ALA F 150 -2.72 -45.41 20.50
C ALA F 150 -1.78 -46.61 20.49
N ARG F 151 -1.77 -47.42 21.56
CA ARG F 151 -0.86 -48.59 21.70
C ARG F 151 -1.24 -49.66 20.66
N GLU F 152 -2.53 -49.77 20.33
CA GLU F 152 -3.06 -50.69 19.28
C GLU F 152 -2.48 -50.31 17.91
N ARG F 153 -2.29 -49.01 17.63
CA ARG F 153 -1.83 -48.48 16.32
C ARG F 153 -0.31 -48.26 16.32
N GLY F 154 0.33 -48.39 17.49
CA GLY F 154 1.80 -48.22 17.66
C GLY F 154 2.21 -46.76 17.75
N ALA F 155 1.30 -45.86 18.14
CA ALA F 155 1.52 -44.40 18.29
C ALA F 155 2.68 -44.15 19.26
N GLY F 156 3.44 -43.08 19.04
CA GLY F 156 4.53 -42.63 19.92
C GLY F 156 4.09 -41.58 20.92
N HIS F 157 3.04 -40.80 20.61
CA HIS F 157 2.52 -39.74 21.51
C HIS F 157 1.05 -39.44 21.23
N LEU F 158 0.35 -38.97 22.25
CA LEU F 158 -0.98 -38.32 22.14
C LEU F 158 -0.74 -36.82 22.02
N TRP F 159 -1.66 -36.12 21.35
CA TRP F 159 -1.54 -34.67 21.05
C TRP F 159 -2.94 -34.06 21.00
N LEU F 160 -3.10 -32.85 21.53
CA LEU F 160 -4.38 -32.11 21.47
C LEU F 160 -4.12 -30.62 21.31
N GLU F 161 -5.11 -29.92 20.79
CA GLU F 161 -5.20 -28.44 20.72
C GLU F 161 -6.12 -27.97 21.85
N VAL F 162 -5.75 -26.90 22.53
CA VAL F 162 -6.61 -26.27 23.59
C VAL F 162 -6.39 -24.76 23.52
N THR F 163 -7.46 -23.98 23.47
CA THR F 163 -7.40 -22.50 23.51
C THR F 163 -6.83 -22.09 24.88
N ASN F 164 -6.03 -21.03 24.90
CA ASN F 164 -5.33 -20.52 26.10
C ASN F 164 -6.34 -20.14 27.20
N VAL F 165 -7.58 -19.80 26.83
CA VAL F 165 -8.62 -19.36 27.81
C VAL F 165 -9.24 -20.57 28.51
N ASN F 166 -9.08 -21.79 27.98
CA ASN F 166 -9.71 -23.02 28.54
C ASN F 166 -8.83 -23.59 29.65
N ALA F 167 -8.68 -22.84 30.75
CA ALA F 167 -7.90 -23.23 31.95
C ALA F 167 -8.46 -24.51 32.57
N PRO F 168 -9.79 -24.71 32.66
CA PRO F 168 -10.34 -25.94 33.22
C PRO F 168 -9.86 -27.19 32.46
N ALA F 169 -9.93 -27.17 31.13
CA ALA F 169 -9.48 -28.28 30.26
C ALA F 169 -7.96 -28.47 30.44
N ILE F 170 -7.19 -27.37 30.43
CA ILE F 170 -5.70 -27.41 30.57
C ILE F 170 -5.34 -28.12 31.88
N HIS F 171 -6.02 -27.78 32.97
CA HIS F 171 -5.81 -28.42 34.30
C HIS F 171 -6.18 -29.90 34.22
N ALA F 172 -7.29 -30.24 33.59
CA ALA F 172 -7.73 -31.63 33.34
C ALA F 172 -6.63 -32.38 32.57
N TYR F 173 -6.11 -31.79 31.49
CA TYR F 173 -5.11 -32.45 30.61
C TYR F 173 -3.78 -32.61 31.38
N LEU F 174 -3.36 -31.62 32.17
CA LEU F 174 -2.14 -31.70 33.04
C LEU F 174 -2.27 -32.86 34.02
N ARG F 175 -3.44 -32.99 34.65
CA ARG F 175 -3.80 -34.08 35.60
C ARG F 175 -3.61 -35.46 34.93
N LEU F 176 -3.98 -35.58 33.65
CA LEU F 176 -3.95 -36.85 32.88
C LEU F 176 -2.55 -37.13 32.31
N GLY F 177 -1.59 -36.22 32.49
CA GLY F 177 -0.16 -36.46 32.15
C GLY F 177 0.33 -35.64 30.96
N PHE F 178 -0.54 -34.85 30.31
CA PHE F 178 -0.15 -33.96 29.18
C PHE F 178 0.72 -32.81 29.69
N THR F 179 1.66 -32.37 28.86
CA THR F 179 2.49 -31.14 29.04
C THR F 179 2.44 -30.34 27.73
N PHE F 180 2.69 -29.03 27.80
CA PHE F 180 2.75 -28.15 26.62
C PHE F 180 3.92 -28.58 25.73
N CYS F 181 3.66 -28.83 24.45
CA CYS F 181 4.68 -29.14 23.43
C CYS F 181 4.75 -28.03 22.38
N GLY F 182 3.91 -27.00 22.50
CA GLY F 182 4.02 -25.79 21.67
C GLY F 182 2.73 -24.99 21.62
N LEU F 183 2.57 -24.17 20.57
CA LEU F 183 1.41 -23.28 20.38
C LEU F 183 1.48 -22.67 18.97
N ASP F 184 0.39 -22.03 18.55
CA ASP F 184 0.32 -21.19 17.33
C ASP F 184 -0.55 -19.98 17.68
N THR F 185 0.07 -18.83 17.92
CA THR F 185 -0.59 -17.57 18.34
C THR F 185 -1.39 -16.96 17.17
N ALA F 186 -1.22 -17.49 15.95
CA ALA F 186 -1.83 -16.96 14.72
C ALA F 186 -2.99 -17.84 14.24
N LEU F 187 -3.25 -18.98 14.88
CA LEU F 187 -4.19 -20.02 14.34
C LEU F 187 -5.63 -19.47 14.30
N TYR F 188 -6.02 -18.66 15.28
CA TYR F 188 -7.41 -18.19 15.47
C TYR F 188 -7.62 -16.81 14.84
N LEU F 189 -6.59 -16.21 14.24
CA LEU F 189 -6.72 -14.93 13.50
C LEU F 189 -7.78 -15.10 12.42
N GLY F 190 -8.69 -14.13 12.30
CA GLY F 190 -9.77 -14.15 11.29
C GLY F 190 -10.91 -15.10 11.64
N THR F 191 -10.88 -15.76 12.80
CA THR F 191 -11.94 -16.67 13.29
C THR F 191 -12.80 -15.95 14.33
N GLU F 192 -13.90 -16.58 14.73
CA GLU F 192 -14.77 -16.15 15.87
C GLU F 192 -13.95 -16.08 17.17
N SER F 193 -12.84 -16.83 17.27
CA SER F 193 -12.00 -16.96 18.49
C SER F 193 -10.77 -16.04 18.44
N GLU F 194 -10.70 -15.09 17.49
CA GLU F 194 -9.58 -14.11 17.40
C GLU F 194 -9.39 -13.43 18.76
N GLY F 195 -8.13 -13.24 19.18
CA GLY F 195 -7.76 -12.79 20.54
C GLY F 195 -7.26 -13.93 21.41
N GLU F 196 -7.63 -15.18 21.08
CA GLU F 196 -7.16 -16.40 21.78
C GLU F 196 -5.97 -16.97 21.03
N GLN F 197 -5.19 -17.82 21.69
CA GLN F 197 -4.04 -18.55 21.10
C GLN F 197 -4.32 -20.05 21.20
N ALA F 198 -4.01 -20.80 20.15
CA ALA F 198 -4.06 -22.28 20.13
C ALA F 198 -2.82 -22.79 20.86
N LEU F 199 -3.00 -23.48 22.00
CA LEU F 199 -1.90 -24.15 22.74
C LEU F 199 -1.93 -25.64 22.40
N TYR F 200 -0.74 -26.23 22.25
CA TYR F 200 -0.56 -27.66 21.88
C TYR F 200 0.03 -28.38 23.09
N MET F 201 -0.55 -29.53 23.41
CA MET F 201 -0.09 -30.41 24.51
C MET F 201 0.09 -31.82 23.96
N SER F 202 1.01 -32.57 24.54
CA SER F 202 1.33 -33.95 24.13
C SER F 202 1.65 -34.78 25.37
N MET F 203 1.65 -36.10 25.22
CA MET F 203 2.25 -37.02 26.20
C MET F 203 2.69 -38.28 25.47
N PRO F 204 3.81 -38.92 25.88
CA PRO F 204 4.23 -40.19 25.30
C PRO F 204 3.28 -41.34 25.65
N CYS F 205 3.38 -42.47 24.93
CA CYS F 205 2.60 -43.71 25.20
C CYS F 205 3.48 -44.72 25.96
N THR G 28 17.91 -8.35 15.27
CA THR G 28 19.12 -9.22 15.42
C THR G 28 20.38 -8.33 15.47
N TYR G 29 20.40 -7.22 14.70
CA TYR G 29 21.57 -6.31 14.58
C TYR G 29 21.17 -4.86 14.84
N ALA G 30 21.95 -4.17 15.67
CA ALA G 30 21.83 -2.73 15.98
C ALA G 30 22.87 -1.97 15.17
N PHE G 31 22.60 -0.68 14.89
CA PHE G 31 23.49 0.22 14.09
C PHE G 31 23.84 1.43 14.95
N ARG G 32 25.09 1.89 14.86
CA ARG G 32 25.58 3.10 15.55
C ARG G 32 26.80 3.68 14.81
N VAL G 33 27.14 4.93 15.10
CA VAL G 33 28.42 5.56 14.66
C VAL G 33 29.57 4.71 15.21
N ALA G 34 30.61 4.50 14.41
CA ALA G 34 31.78 3.67 14.76
C ALA G 34 32.64 4.41 15.77
N ARG G 35 33.25 3.67 16.70
CA ARG G 35 34.11 4.22 17.78
C ARG G 35 35.51 3.62 17.60
N PRO G 36 36.56 4.26 18.17
CA PRO G 36 37.94 3.78 18.02
C PRO G 36 38.19 2.27 18.20
N GLU G 37 37.44 1.60 19.07
CA GLU G 37 37.60 0.14 19.36
C GLU G 37 37.07 -0.70 18.19
N ASP G 38 36.24 -0.11 17.32
CA ASP G 38 35.63 -0.79 16.13
C ASP G 38 36.62 -0.78 14.95
N VAL G 39 37.59 0.14 14.94
CA VAL G 39 38.53 0.37 13.81
C VAL G 39 39.24 -0.93 13.41
N GLU G 40 39.67 -1.73 14.39
CA GLU G 40 40.45 -2.97 14.13
C GLU G 40 39.52 -4.05 13.56
N ALA G 41 38.26 -4.11 14.01
CA ALA G 41 37.24 -5.05 13.51
C ALA G 41 36.85 -4.67 12.07
N ILE G 42 36.71 -3.37 11.80
CA ILE G 42 36.38 -2.80 10.46
C ILE G 42 37.44 -3.24 9.45
N ALA G 43 38.72 -3.20 9.85
CA ALA G 43 39.90 -3.50 8.99
C ALA G 43 39.84 -4.96 8.49
N ALA G 44 39.37 -5.88 9.33
CA ALA G 44 39.30 -7.34 9.02
C ALA G 44 38.21 -7.63 7.97
N ILE G 45 37.20 -6.75 7.87
CA ILE G 45 36.07 -6.90 6.90
C ILE G 45 36.45 -6.19 5.60
N ASP G 46 37.25 -6.85 4.75
CA ASP G 46 37.85 -6.24 3.52
C ASP G 46 36.88 -6.38 2.33
N GLY G 47 35.92 -7.31 2.41
CA GLY G 47 34.88 -7.50 1.38
C GLY G 47 35.29 -8.47 0.28
N SER G 48 36.40 -9.19 0.48
CA SER G 48 36.89 -10.25 -0.46
C SER G 48 35.74 -11.24 -0.72
N PHE G 49 35.58 -11.67 -1.98
CA PHE G 49 34.40 -12.44 -2.44
C PHE G 49 34.80 -13.45 -3.52
N THR G 50 33.89 -14.41 -3.76
CA THR G 50 33.88 -15.33 -4.91
C THR G 50 32.61 -15.02 -5.71
N THR G 51 32.66 -15.16 -7.04
CA THR G 51 31.54 -14.87 -7.95
C THR G 51 31.59 -15.86 -9.13
N GLY G 52 30.41 -16.36 -9.53
CA GLY G 52 30.21 -17.18 -10.74
C GLY G 52 29.88 -16.32 -11.96
N THR G 53 29.75 -15.00 -11.79
CA THR G 53 29.45 -14.04 -12.88
C THR G 53 30.30 -12.78 -12.72
N VAL G 54 30.54 -12.08 -13.83
CA VAL G 54 31.16 -10.73 -13.87
C VAL G 54 30.33 -9.86 -14.83
N PHE G 55 30.40 -8.54 -14.68
CA PHE G 55 29.82 -7.58 -15.64
C PHE G 55 30.91 -7.24 -16.67
N GLN G 56 30.74 -7.73 -17.90
CA GLN G 56 31.67 -7.50 -19.04
C GLN G 56 31.41 -6.10 -19.59
N VAL G 57 32.46 -5.31 -19.76
CA VAL G 57 32.39 -3.94 -20.34
C VAL G 57 32.83 -4.02 -21.80
N ALA G 58 31.94 -3.65 -22.73
CA ALA G 58 32.23 -3.50 -24.17
C ALA G 58 32.42 -2.01 -24.47
N VAL G 59 33.59 -1.62 -24.98
CA VAL G 59 33.93 -0.23 -25.37
C VAL G 59 33.76 -0.09 -26.88
N ALA G 60 32.84 0.77 -27.30
CA ALA G 60 32.66 1.25 -28.69
C ALA G 60 33.14 2.69 -28.78
N PRO G 61 33.40 3.24 -29.99
CA PRO G 61 33.75 4.65 -30.15
C PRO G 61 32.65 5.61 -29.63
N ASP G 62 31.40 5.13 -29.57
CA ASP G 62 30.20 5.94 -29.25
C ASP G 62 29.52 5.48 -27.95
N GLY G 63 30.11 4.58 -27.17
CA GLY G 63 29.51 4.22 -25.86
C GLY G 63 30.07 2.97 -25.21
N PHE G 64 29.38 2.53 -24.14
CA PHE G 64 29.78 1.42 -23.25
C PHE G 64 28.55 0.56 -22.95
N THR G 65 28.73 -0.77 -22.99
CA THR G 65 27.67 -1.76 -22.70
C THR G 65 28.16 -2.67 -21.58
N LEU G 66 27.29 -2.94 -20.60
CA LEU G 66 27.50 -3.87 -19.46
C LEU G 66 26.59 -5.07 -19.66
N ARG G 67 27.15 -6.28 -19.69
CA ARG G 67 26.37 -7.54 -19.79
C ARG G 67 26.94 -8.49 -18.74
N GLU G 68 26.09 -9.01 -17.85
CA GLU G 68 26.48 -10.03 -16.86
C GLU G 68 26.75 -11.34 -17.61
N VAL G 69 27.92 -11.95 -17.38
CA VAL G 69 28.37 -13.20 -18.05
C VAL G 69 28.84 -14.17 -16.96
N ALA G 70 28.51 -15.45 -17.10
CA ALA G 70 28.99 -16.54 -16.22
C ALA G 70 30.49 -16.71 -16.45
N VAL G 71 31.23 -17.01 -15.38
CA VAL G 71 32.67 -17.40 -15.45
C VAL G 71 32.83 -18.74 -14.72
N ASP G 72 33.63 -19.62 -15.32
CA ASP G 72 33.87 -21.01 -14.85
C ASP G 72 35.35 -21.31 -15.04
N PRO G 73 36.14 -21.61 -13.98
CA PRO G 73 35.65 -21.67 -12.59
C PRO G 73 35.38 -20.31 -11.97
N PRO G 74 34.79 -20.27 -10.75
CA PRO G 74 34.49 -19.00 -10.07
C PRO G 74 35.72 -18.11 -9.87
N LEU G 75 35.56 -16.82 -10.09
CA LEU G 75 36.58 -15.79 -9.80
C LEU G 75 36.67 -15.58 -8.29
N VAL G 76 37.88 -15.62 -7.75
CA VAL G 76 38.23 -15.22 -6.35
C VAL G 76 38.85 -13.82 -6.42
N LYS G 77 38.21 -12.83 -5.78
CA LYS G 77 38.73 -11.44 -5.72
C LYS G 77 39.11 -11.13 -4.27
N VAL G 78 40.42 -10.96 -4.01
CA VAL G 78 40.92 -10.38 -2.74
C VAL G 78 41.26 -8.93 -2.99
N PHE G 79 40.67 -8.00 -2.22
CA PHE G 79 40.95 -6.55 -2.35
C PHE G 79 42.35 -6.28 -1.84
N PRO G 80 43.12 -5.39 -2.51
CA PRO G 80 44.48 -5.05 -2.08
C PRO G 80 44.48 -4.26 -0.77
N GLU G 81 45.55 -4.38 0.03
CA GLU G 81 45.74 -3.61 1.29
C GLU G 81 45.90 -2.12 0.95
N ASP G 82 46.53 -1.83 -0.19
CA ASP G 82 46.74 -0.45 -0.73
C ASP G 82 45.68 -0.17 -1.79
N ASP G 83 44.64 0.60 -1.44
CA ASP G 83 43.51 0.96 -2.34
C ASP G 83 43.82 2.28 -3.08
N GLY G 84 44.96 2.92 -2.78
CA GLY G 84 45.44 4.13 -3.48
C GLY G 84 44.97 5.42 -2.83
N SER G 85 44.35 5.35 -1.64
CA SER G 85 43.79 6.51 -0.89
C SER G 85 44.71 6.85 0.29
N GLY G 93 32.79 16.06 9.99
CA GLY G 93 31.53 16.79 9.78
C GLY G 93 30.86 16.40 8.46
N ASP G 94 31.66 16.21 7.41
CA ASP G 94 31.22 15.74 6.07
C ASP G 94 31.57 14.24 5.91
N ARG G 95 32.35 13.69 6.85
CA ARG G 95 32.71 12.24 6.91
C ARG G 95 31.89 11.58 8.03
N ARG G 96 31.64 10.27 7.90
CA ARG G 96 30.95 9.46 8.95
C ARG G 96 31.14 7.97 8.65
N THR G 97 31.36 7.18 9.69
CA THR G 97 31.48 5.70 9.64
C THR G 97 30.39 5.08 10.54
N TYR G 98 29.54 4.23 9.97
CA TYR G 98 28.51 3.45 10.69
C TYR G 98 28.97 1.99 10.80
N VAL G 99 28.44 1.30 11.79
CA VAL G 99 28.82 -0.09 12.15
C VAL G 99 27.55 -0.84 12.52
N ALA G 100 27.41 -2.08 12.05
CA ALA G 100 26.36 -3.04 12.44
C ALA G 100 26.93 -3.96 13.52
N VAL G 101 26.22 -4.09 14.65
CA VAL G 101 26.66 -4.83 15.87
C VAL G 101 25.63 -5.93 16.18
N GLY G 102 26.11 -7.13 16.48
CA GLY G 102 25.30 -8.29 16.92
C GLY G 102 25.14 -8.31 18.44
N ALA G 103 24.53 -9.37 18.96
CA ALA G 103 24.15 -9.48 20.38
C ALA G 103 25.40 -9.52 21.29
N GLY G 104 26.53 -10.05 20.82
CA GLY G 104 27.77 -10.15 21.61
C GLY G 104 28.68 -8.95 21.44
N GLY G 105 28.21 -7.91 20.71
CA GLY G 105 28.90 -6.63 20.53
C GLY G 105 29.94 -6.64 19.41
N ALA G 106 30.01 -7.72 18.64
CA ALA G 106 30.94 -7.86 17.49
C ALA G 106 30.39 -7.10 16.28
N VAL G 107 31.27 -6.43 15.54
CA VAL G 107 30.95 -5.72 14.28
C VAL G 107 30.63 -6.78 13.21
N ALA G 108 29.40 -6.77 12.68
CA ALA G 108 28.90 -7.67 11.61
C ALA G 108 29.00 -6.98 10.25
N GLY G 109 29.30 -5.68 10.24
CA GLY G 109 29.48 -4.89 9.00
C GLY G 109 29.65 -3.40 9.27
N PHE G 110 30.02 -2.63 8.25
CA PHE G 110 30.27 -1.17 8.36
C PHE G 110 30.01 -0.48 7.01
N THR G 111 29.85 0.84 7.05
CA THR G 111 29.86 1.73 5.88
C THR G 111 30.59 3.03 6.27
N ALA G 112 31.53 3.47 5.45
CA ALA G 112 32.18 4.79 5.53
C ALA G 112 31.62 5.66 4.39
N VAL G 113 31.07 6.82 4.73
CA VAL G 113 30.45 7.76 3.75
C VAL G 113 31.17 9.12 3.84
N SER G 114 31.07 9.91 2.77
CA SER G 114 31.84 11.16 2.54
C SER G 114 30.99 12.11 1.71
N TYR G 115 30.76 13.33 2.21
CA TYR G 115 29.92 14.36 1.56
C TYR G 115 30.79 15.43 0.90
N THR G 116 30.47 15.77 -0.34
CA THR G 116 31.06 16.92 -1.10
C THR G 116 29.93 17.90 -1.40
N PRO G 117 29.89 19.07 -0.73
CA PRO G 117 28.82 20.05 -0.95
C PRO G 117 28.72 20.51 -2.41
N TRP G 118 29.85 20.56 -3.11
CA TRP G 118 30.00 21.06 -4.50
C TRP G 118 28.91 20.49 -5.40
N ASN G 119 28.69 19.17 -5.37
CA ASN G 119 27.71 18.46 -6.24
C ASN G 119 26.72 17.66 -5.39
N GLY G 120 26.62 17.95 -4.09
CA GLY G 120 25.66 17.34 -3.15
C GLY G 120 25.75 15.82 -3.14
N ARG G 121 26.93 15.27 -3.38
CA ARG G 121 27.18 13.81 -3.51
C ARG G 121 27.59 13.23 -2.16
N LEU G 122 26.82 12.28 -1.62
CA LEU G 122 27.31 11.38 -0.54
C LEU G 122 27.94 10.15 -1.20
N THR G 123 29.28 10.08 -1.17
CA THR G 123 30.07 8.92 -1.65
C THR G 123 30.01 7.83 -0.59
N ILE G 124 29.46 6.66 -0.93
CA ILE G 124 29.59 5.42 -0.11
C ILE G 124 31.00 4.89 -0.38
N GLU G 125 31.99 5.38 0.39
CA GLU G 125 33.44 5.09 0.21
C GLU G 125 33.69 3.60 0.45
N ASP G 126 32.96 2.99 1.38
CA ASP G 126 32.98 1.52 1.58
C ASP G 126 31.69 1.08 2.28
N ILE G 127 31.22 -0.12 1.95
CA ILE G 127 30.12 -0.82 2.68
C ILE G 127 30.39 -2.32 2.58
N GLU G 128 30.58 -2.97 3.73
CA GLU G 128 30.92 -4.42 3.79
C GLU G 128 30.12 -5.07 4.92
N VAL G 129 29.69 -6.32 4.69
CA VAL G 129 29.08 -7.22 5.71
C VAL G 129 30.08 -8.36 5.94
N ALA G 130 30.33 -8.68 7.21
CA ALA G 130 31.26 -9.76 7.66
C ALA G 130 30.89 -11.07 6.99
N PRO G 131 31.87 -11.90 6.58
CA PRO G 131 31.62 -13.17 5.89
C PRO G 131 30.40 -13.99 6.34
N GLY G 132 30.20 -14.18 7.65
CA GLY G 132 29.19 -15.12 8.19
C GLY G 132 27.84 -14.49 8.51
N HIS G 133 27.56 -13.25 8.06
CA HIS G 133 26.40 -12.45 8.53
C HIS G 133 25.58 -11.91 7.34
N ARG G 134 25.72 -12.48 6.14
CA ARG G 134 24.99 -12.03 4.94
C ARG G 134 23.56 -12.57 4.94
N GLY G 135 22.67 -11.93 4.18
CA GLY G 135 21.24 -12.30 4.05
C GLY G 135 20.44 -11.98 5.30
N ARG G 136 20.86 -11.00 6.10
CA ARG G 136 20.20 -10.62 7.38
C ARG G 136 19.88 -9.12 7.41
N GLY G 137 19.88 -8.45 6.25
CA GLY G 137 19.45 -7.04 6.11
C GLY G 137 20.44 -6.05 6.72
N ILE G 138 21.71 -6.44 6.88
CA ILE G 138 22.79 -5.54 7.40
C ILE G 138 23.12 -4.51 6.31
N GLY G 139 23.30 -4.96 5.06
CA GLY G 139 23.53 -4.08 3.90
C GLY G 139 22.53 -2.94 3.85
N ARG G 140 21.23 -3.28 3.83
CA ARG G 140 20.06 -2.37 3.81
C ARG G 140 20.15 -1.40 4.99
N GLY G 141 20.38 -1.94 6.21
CA GLY G 141 20.45 -1.14 7.44
C GLY G 141 21.55 -0.09 7.39
N LEU G 142 22.74 -0.49 6.94
CA LEU G 142 23.92 0.41 6.81
C LEU G 142 23.63 1.51 5.78
N MET G 143 23.04 1.15 4.64
CA MET G 143 22.69 2.08 3.54
C MET G 143 21.59 3.04 4.01
N GLU G 144 20.68 2.58 4.86
CA GLU G 144 19.60 3.42 5.45
C GLU G 144 20.23 4.49 6.35
N ARG G 145 21.29 4.14 7.09
CA ARG G 145 22.06 5.09 7.95
C ARG G 145 22.81 6.08 7.07
N ALA G 146 23.36 5.63 5.94
CA ALA G 146 24.01 6.49 4.93
C ALA G 146 22.98 7.50 4.39
N ALA G 147 21.78 7.02 4.06
CA ALA G 147 20.66 7.84 3.51
C ALA G 147 20.25 8.90 4.55
N ASP G 148 20.20 8.53 5.83
CA ASP G 148 19.85 9.45 6.95
C ASP G 148 20.87 10.60 6.99
N PHE G 149 22.15 10.29 6.86
CA PHE G 149 23.26 11.27 6.86
C PHE G 149 23.15 12.18 5.62
N ALA G 150 22.80 11.61 4.47
CA ALA G 150 22.62 12.33 3.19
C ALA G 150 21.55 13.41 3.37
N ARG G 151 20.38 13.05 3.88
CA ARG G 151 19.22 13.98 4.06
C ARG G 151 19.58 15.02 5.12
N GLU G 152 20.37 14.63 6.13
CA GLU G 152 20.88 15.54 7.21
C GLU G 152 21.78 16.62 6.60
N ARG G 153 22.57 16.29 5.56
CA ARG G 153 23.56 17.20 4.93
C ARG G 153 22.95 17.90 3.70
N GLY G 154 21.75 17.49 3.27
CA GLY G 154 21.02 18.05 2.12
C GLY G 154 21.52 17.51 0.78
N ALA G 155 22.14 16.33 0.78
CA ALA G 155 22.69 15.64 -0.41
C ALA G 155 21.59 15.44 -1.45
N GLY G 156 21.95 15.48 -2.74
CA GLY G 156 21.03 15.23 -3.87
C GLY G 156 21.09 13.79 -4.35
N HIS G 157 22.21 13.09 -4.14
CA HIS G 157 22.38 11.68 -4.57
C HIS G 157 23.44 10.96 -3.73
N LEU G 158 23.29 9.65 -3.63
CA LEU G 158 24.34 8.72 -3.14
C LEU G 158 25.10 8.21 -4.36
N TRP G 159 26.38 7.87 -4.19
CA TRP G 159 27.30 7.46 -5.27
C TRP G 159 28.32 6.47 -4.72
N LEU G 160 28.65 5.43 -5.48
CA LEU G 160 29.69 4.45 -5.10
C LEU G 160 30.46 3.99 -6.34
N GLU G 161 31.67 3.50 -6.10
CA GLU G 161 32.53 2.80 -7.07
C GLU G 161 32.42 1.30 -6.81
N VAL G 162 32.32 0.49 -7.85
CA VAL G 162 32.32 -0.99 -7.75
C VAL G 162 33.05 -1.56 -8.96
N THR G 163 34.02 -2.45 -8.75
CA THR G 163 34.72 -3.16 -9.83
C THR G 163 33.71 -4.02 -10.59
N ASN G 164 33.87 -4.12 -11.90
CA ASN G 164 32.95 -4.85 -12.82
C ASN G 164 32.85 -6.32 -12.43
N VAL G 165 33.89 -6.89 -11.77
CA VAL G 165 33.92 -8.33 -11.40
C VAL G 165 33.08 -8.57 -10.14
N ASN G 166 32.74 -7.53 -9.37
CA ASN G 166 32.00 -7.66 -8.08
C ASN G 166 30.48 -7.73 -8.34
N ALA G 167 30.03 -8.78 -9.04
CA ALA G 167 28.62 -9.04 -9.38
C ALA G 167 27.76 -9.15 -8.12
N PRO G 168 28.23 -9.82 -7.03
CA PRO G 168 27.45 -9.92 -5.80
C PRO G 168 27.11 -8.54 -5.22
N ALA G 169 28.09 -7.64 -5.12
CA ALA G 169 27.91 -6.26 -4.63
C ALA G 169 26.97 -5.49 -5.57
N ILE G 170 27.17 -5.61 -6.89
CA ILE G 170 26.35 -4.91 -7.92
C ILE G 170 24.88 -5.32 -7.73
N HIS G 171 24.61 -6.60 -7.55
CA HIS G 171 23.23 -7.13 -7.30
C HIS G 171 22.69 -6.56 -6.00
N ALA G 172 23.49 -6.53 -4.94
CA ALA G 172 23.15 -5.91 -3.64
C ALA G 172 22.77 -4.44 -3.85
N TYR G 173 23.59 -3.69 -4.58
CA TYR G 173 23.40 -2.23 -4.79
C TYR G 173 22.14 -1.99 -5.64
N LEU G 174 21.90 -2.81 -6.68
CA LEU G 174 20.67 -2.75 -7.53
C LEU G 174 19.43 -2.96 -6.67
N ARG G 175 19.47 -3.95 -5.78
CA ARG G 175 18.39 -4.29 -4.81
C ARG G 175 18.07 -3.06 -3.94
N LEU G 176 19.07 -2.29 -3.53
CA LEU G 176 18.94 -1.13 -2.61
C LEU G 176 18.53 0.14 -3.38
N GLY G 177 18.41 0.09 -4.70
CA GLY G 177 17.86 1.18 -5.54
C GLY G 177 18.89 1.90 -6.39
N PHE G 178 20.18 1.53 -6.31
CA PHE G 178 21.27 2.10 -7.16
C PHE G 178 21.10 1.65 -8.61
N THR G 179 21.47 2.53 -9.54
CA THR G 179 21.58 2.25 -11.00
C THR G 179 22.95 2.75 -11.47
N PHE G 180 23.47 2.21 -12.57
CA PHE G 180 24.75 2.65 -13.18
C PHE G 180 24.58 4.09 -13.67
N CYS G 181 25.48 4.98 -13.24
CA CYS G 181 25.55 6.39 -13.69
C CYS G 181 26.84 6.64 -14.49
N GLY G 182 27.70 5.62 -14.62
CA GLY G 182 28.88 5.70 -15.50
C GLY G 182 29.93 4.67 -15.15
N LEU G 183 31.17 4.93 -15.57
CA LEU G 183 32.34 4.03 -15.38
C LEU G 183 33.62 4.78 -15.78
N ASP G 184 34.77 4.20 -15.44
CA ASP G 184 36.11 4.63 -15.92
C ASP G 184 36.91 3.35 -16.17
N THR G 185 37.06 2.97 -17.44
CA THR G 185 37.73 1.71 -17.88
C THR G 185 39.25 1.83 -17.68
N ALA G 186 39.75 3.04 -17.38
CA ALA G 186 41.20 3.33 -17.27
C ALA G 186 41.63 3.48 -15.80
N LEU G 187 40.70 3.44 -14.83
CA LEU G 187 40.99 3.82 -13.42
C LEU G 187 41.98 2.84 -12.78
N TYR G 188 41.90 1.55 -13.14
CA TYR G 188 42.68 0.47 -12.49
C TYR G 188 43.95 0.15 -13.28
N LEU G 189 44.20 0.83 -14.41
CA LEU G 189 45.45 0.66 -15.19
C LEU G 189 46.64 0.94 -14.26
N GLY G 190 47.66 0.09 -14.29
CA GLY G 190 48.88 0.23 -13.47
C GLY G 190 48.67 -0.15 -12.01
N THR G 191 47.48 -0.63 -11.62
CA THR G 191 47.16 -1.10 -10.25
C THR G 191 47.20 -2.63 -10.20
N GLU G 192 47.12 -3.19 -9.00
CA GLU G 192 46.96 -4.65 -8.74
C GLU G 192 45.69 -5.16 -9.43
N SER G 193 44.70 -4.29 -9.69
CA SER G 193 43.37 -4.66 -10.25
C SER G 193 43.29 -4.41 -11.76
N GLU G 194 44.42 -4.17 -12.43
CA GLU G 194 44.49 -3.98 -13.91
C GLU G 194 43.78 -5.17 -14.58
N GLY G 195 42.98 -4.91 -15.63
CA GLY G 195 42.09 -5.89 -16.27
C GLY G 195 40.64 -5.70 -15.86
N GLU G 196 40.39 -5.07 -14.72
CA GLU G 196 39.03 -4.73 -14.22
C GLU G 196 38.70 -3.29 -14.63
N GLN G 197 37.42 -2.94 -14.61
CA GLN G 197 36.92 -1.57 -14.88
C GLN G 197 36.18 -1.08 -13.64
N ALA G 198 36.38 0.19 -13.28
CA ALA G 198 35.64 0.87 -12.19
C ALA G 198 34.26 1.25 -12.73
N LEU G 199 33.19 0.69 -12.18
CA LEU G 199 31.79 1.06 -12.52
C LEU G 199 31.26 2.00 -11.44
N TYR G 200 30.49 3.00 -11.85
CA TYR G 200 29.92 4.04 -10.97
C TYR G 200 28.41 3.85 -10.93
N MET G 201 27.85 3.86 -9.72
CA MET G 201 26.39 3.74 -9.48
C MET G 201 25.96 4.89 -8.58
N SER G 202 24.72 5.33 -8.74
CA SER G 202 24.14 6.44 -7.96
C SER G 202 22.67 6.13 -7.67
N MET G 203 22.09 6.87 -6.73
CA MET G 203 20.62 6.92 -6.54
C MET G 203 20.27 8.27 -5.92
N PRO G 204 19.11 8.86 -6.28
CA PRO G 204 18.66 10.10 -5.65
C PRO G 204 18.27 9.91 -4.18
N CYS G 205 18.14 11.01 -3.42
CA CYS G 205 17.65 11.00 -2.01
C CYS G 205 16.18 11.40 -1.95
N THR H 28 56.71 29.72 -34.76
CA THR H 28 55.80 30.86 -34.43
C THR H 28 55.61 30.94 -32.90
N TYR H 29 55.55 29.79 -32.22
CA TYR H 29 55.30 29.69 -30.76
C TYR H 29 56.37 28.82 -30.10
N ALA H 30 56.91 29.31 -28.97
CA ALA H 30 57.80 28.55 -28.07
C ALA H 30 56.99 27.98 -26.91
N PHE H 31 57.42 26.85 -26.37
CA PHE H 31 56.80 26.17 -25.20
C PHE H 31 57.84 26.04 -24.09
N ARG H 32 57.39 26.27 -22.85
CA ARG H 32 58.26 26.16 -21.65
C ARG H 32 57.37 25.95 -20.41
N VAL H 33 57.99 25.52 -19.31
CA VAL H 33 57.33 25.45 -17.97
C VAL H 33 56.88 26.88 -17.64
N ALA H 34 55.70 27.03 -17.03
CA ALA H 34 55.11 28.31 -16.63
C ALA H 34 55.91 28.90 -15.47
N ARG H 35 56.06 30.23 -15.46
CA ARG H 35 56.77 31.00 -14.40
C ARG H 35 55.76 31.96 -13.79
N PRO H 36 56.01 32.51 -12.57
CA PRO H 36 55.05 33.37 -11.87
C PRO H 36 54.33 34.44 -12.69
N GLU H 37 55.00 35.04 -13.68
CA GLU H 37 54.44 36.14 -14.53
C GLU H 37 53.41 35.57 -15.52
N ASP H 38 53.43 34.26 -15.76
CA ASP H 38 52.50 33.56 -16.70
C ASP H 38 51.18 33.23 -16.00
N VAL H 39 51.18 33.12 -14.66
CA VAL H 39 50.03 32.65 -13.84
C VAL H 39 48.83 33.57 -14.09
N GLU H 40 49.06 34.89 -14.19
CA GLU H 40 47.98 35.90 -14.34
C GLU H 40 47.42 35.83 -15.77
N ALA H 41 48.28 35.57 -16.77
CA ALA H 41 47.88 35.40 -18.19
C ALA H 41 47.07 34.10 -18.35
N ILE H 42 47.49 33.03 -17.69
CA ILE H 42 46.80 31.70 -17.67
C ILE H 42 45.37 31.88 -17.16
N ALA H 43 45.18 32.68 -16.10
CA ALA H 43 43.89 32.93 -15.42
C ALA H 43 42.87 33.55 -16.39
N ALA H 44 43.31 34.42 -17.30
CA ALA H 44 42.46 35.14 -18.28
C ALA H 44 41.94 34.19 -19.36
N ILE H 45 42.64 33.06 -19.60
CA ILE H 45 42.25 32.03 -20.60
C ILE H 45 41.35 31.00 -19.88
N ASP H 46 40.05 31.32 -19.77
CA ASP H 46 39.07 30.60 -18.92
C ASP H 46 38.47 29.40 -19.68
N GLY H 47 38.58 29.38 -21.01
CA GLY H 47 38.19 28.24 -21.86
C GLY H 47 36.76 28.35 -22.34
N SER H 48 36.09 29.47 -22.05
CA SER H 48 34.72 29.76 -22.53
C SER H 48 34.66 29.56 -24.04
N PHE H 49 33.59 28.93 -24.52
CA PHE H 49 33.44 28.55 -25.95
C PHE H 49 31.98 28.68 -26.38
N THR H 50 31.79 28.71 -27.70
CA THR H 50 30.49 28.60 -28.38
C THR H 50 30.53 27.31 -29.21
N THR H 51 29.41 26.60 -29.32
CA THR H 51 29.30 25.32 -30.05
C THR H 51 27.91 25.24 -30.70
N GLY H 52 27.88 24.77 -31.95
CA GLY H 52 26.64 24.46 -32.69
C GLY H 52 26.21 23.01 -32.51
N THR H 53 27.00 22.22 -31.76
CA THR H 53 26.71 20.80 -31.47
C THR H 53 27.03 20.49 -30.01
N VAL H 54 26.36 19.47 -29.47
CA VAL H 54 26.66 18.87 -28.14
C VAL H 54 26.66 17.34 -28.31
N PHE H 55 27.33 16.62 -27.42
CA PHE H 55 27.27 15.14 -27.35
C PHE H 55 26.14 14.78 -26.38
N GLN H 56 25.03 14.25 -26.90
CA GLN H 56 23.88 13.75 -26.10
C GLN H 56 24.27 12.41 -25.47
N VAL H 57 24.06 12.27 -24.16
CA VAL H 57 24.29 10.99 -23.42
C VAL H 57 22.92 10.31 -23.22
N ALA H 58 22.76 9.10 -23.77
CA ALA H 58 21.57 8.24 -23.57
C ALA H 58 21.92 7.16 -22.54
N VAL H 59 21.17 7.12 -21.43
CA VAL H 59 21.37 6.15 -20.31
C VAL H 59 20.36 5.03 -20.46
N ALA H 60 20.85 3.80 -20.66
CA ALA H 60 20.08 2.54 -20.60
C ALA H 60 20.48 1.80 -19.32
N PRO H 61 19.69 0.81 -18.86
CA PRO H 61 20.06 0.00 -17.70
C PRO H 61 21.39 -0.75 -17.89
N ASP H 62 21.78 -0.99 -19.15
CA ASP H 62 22.95 -1.83 -19.53
C ASP H 62 24.04 -1.01 -20.25
N GLY H 63 23.95 0.32 -20.33
CA GLY H 63 25.02 1.09 -20.99
C GLY H 63 24.70 2.55 -21.26
N PHE H 64 25.63 3.20 -21.98
CA PHE H 64 25.64 4.65 -22.28
C PHE H 64 26.04 4.84 -23.74
N THR H 65 25.33 5.73 -24.45
CA THR H 65 25.56 6.05 -25.89
C THR H 65 25.76 7.54 -26.02
N LEU H 66 26.76 7.96 -26.81
CA LEU H 66 27.10 9.37 -27.14
C LEU H 66 26.77 9.60 -28.62
N ARG H 67 25.91 10.57 -28.92
CA ARG H 67 25.61 10.97 -30.32
C ARG H 67 25.72 12.49 -30.39
N GLU H 68 26.54 13.00 -31.31
CA GLU H 68 26.69 14.46 -31.57
C GLU H 68 25.39 14.94 -32.22
N VAL H 69 24.80 16.00 -31.68
CA VAL H 69 23.51 16.60 -32.15
C VAL H 69 23.71 18.10 -32.32
N ALA H 70 23.20 18.66 -33.42
CA ALA H 70 23.19 20.12 -33.69
C ALA H 70 22.26 20.78 -32.68
N VAL H 71 22.61 21.97 -32.21
CA VAL H 71 21.76 22.82 -31.33
C VAL H 71 21.67 24.21 -31.96
N ASP H 72 20.47 24.79 -31.92
CA ASP H 72 20.12 26.07 -32.56
C ASP H 72 19.21 26.84 -31.59
N PRO H 73 19.59 28.05 -31.12
CA PRO H 73 20.86 28.70 -31.48
C PRO H 73 22.08 28.09 -30.78
N PRO H 74 23.31 28.51 -31.15
CA PRO H 74 24.52 27.97 -30.55
C PRO H 74 24.56 28.15 -29.02
N LEU H 75 25.04 27.12 -28.32
CA LEU H 75 25.28 27.16 -26.85
C LEU H 75 26.53 28.02 -26.58
N VAL H 76 26.41 28.99 -25.68
CA VAL H 76 27.54 29.76 -25.10
C VAL H 76 27.82 29.18 -23.71
N LYS H 77 29.01 28.60 -23.51
CA LYS H 77 29.41 27.95 -22.24
C LYS H 77 30.54 28.77 -21.60
N VAL H 78 30.25 29.39 -20.46
CA VAL H 78 31.26 30.03 -19.57
C VAL H 78 31.46 29.05 -18.41
N PHE H 79 32.71 28.67 -18.16
CA PHE H 79 33.08 27.78 -17.03
C PHE H 79 32.92 28.56 -15.73
N PRO H 80 32.36 27.94 -14.67
CA PRO H 80 32.15 28.63 -13.39
C PRO H 80 33.48 28.96 -12.68
N GLU H 81 33.48 30.01 -11.86
CA GLU H 81 34.63 30.43 -11.02
C GLU H 81 34.92 29.34 -9.98
N ASP H 82 33.87 28.68 -9.48
CA ASP H 82 33.94 27.52 -8.54
C ASP H 82 33.82 26.21 -9.33
N ASP H 83 34.95 25.54 -9.59
CA ASP H 83 35.02 24.26 -10.33
C ASP H 83 34.97 23.08 -9.35
N GLY H 84 34.93 23.36 -8.03
CA GLY H 84 34.81 22.34 -6.97
C GLY H 84 36.15 21.85 -6.44
N SER H 85 37.26 22.46 -6.86
CA SER H 85 38.64 22.13 -6.42
C SER H 85 39.14 23.19 -5.42
N GLY H 93 56.09 18.56 -7.87
CA GLY H 93 56.88 17.40 -8.35
C GLY H 93 56.05 16.45 -9.20
N ASP H 94 54.79 16.24 -8.82
CA ASP H 94 53.78 15.44 -9.57
C ASP H 94 52.84 16.39 -10.33
N ARG H 95 52.91 17.70 -10.06
CA ARG H 95 52.18 18.77 -10.79
C ARG H 95 53.14 19.49 -11.74
N ARG H 96 52.60 20.09 -12.81
CA ARG H 96 53.36 20.90 -13.79
C ARG H 96 52.40 21.69 -14.67
N THR H 97 52.75 22.93 -15.00
CA THR H 97 52.03 23.81 -15.95
C THR H 97 52.96 24.19 -17.10
N TYR H 98 52.56 23.90 -18.34
CA TYR H 98 53.26 24.31 -19.57
C TYR H 98 52.49 25.45 -20.22
N VAL H 99 53.20 26.26 -21.01
CA VAL H 99 52.70 27.53 -21.59
C VAL H 99 53.25 27.65 -23.00
N ALA H 100 52.41 28.05 -23.96
CA ALA H 100 52.79 28.42 -25.34
C ALA H 100 52.89 29.94 -25.40
N VAL H 101 54.02 30.46 -25.90
CA VAL H 101 54.37 31.91 -25.91
C VAL H 101 54.63 32.35 -27.35
N GLY H 102 54.02 33.45 -27.77
CA GLY H 102 54.25 34.09 -29.08
C GLY H 102 55.39 35.09 -29.03
N ALA H 103 55.64 35.77 -30.15
CA ALA H 103 56.83 36.64 -30.35
C ALA H 103 56.79 37.83 -29.39
N GLY H 104 55.60 38.36 -29.03
CA GLY H 104 55.44 39.51 -28.13
C GLY H 104 55.36 39.13 -26.67
N GLY H 105 55.56 37.85 -26.35
CA GLY H 105 55.70 37.30 -24.99
C GLY H 105 54.36 37.02 -24.32
N ALA H 106 53.26 37.10 -25.08
CA ALA H 106 51.90 36.77 -24.61
C ALA H 106 51.74 35.25 -24.60
N VAL H 107 51.07 34.74 -23.56
CA VAL H 107 50.65 33.31 -23.45
C VAL H 107 49.55 33.08 -24.47
N ALA H 108 49.77 32.18 -25.45
CA ALA H 108 48.82 31.82 -26.53
C ALA H 108 48.07 30.54 -26.13
N GLY H 109 48.51 29.87 -25.07
CA GLY H 109 47.90 28.60 -24.61
C GLY H 109 48.64 28.06 -23.40
N PHE H 110 48.00 27.16 -22.66
CA PHE H 110 48.60 26.46 -21.49
C PHE H 110 47.97 25.07 -21.31
N THR H 111 48.67 24.23 -20.57
CA THR H 111 48.15 22.96 -20.03
C THR H 111 48.69 22.79 -18.60
N ALA H 112 47.82 22.45 -17.66
CA ALA H 112 48.14 22.05 -16.28
C ALA H 112 47.90 20.54 -16.18
N VAL H 113 48.94 19.80 -15.78
CA VAL H 113 48.90 18.31 -15.66
C VAL H 113 49.23 17.90 -14.23
N SER H 114 48.81 16.69 -13.86
CA SER H 114 48.81 16.17 -12.47
C SER H 114 49.00 14.64 -12.50
N TYR H 115 50.02 14.14 -11.82
CA TYR H 115 50.39 12.70 -11.81
C TYR H 115 49.93 12.05 -10.50
N THR H 116 49.28 10.88 -10.61
CA THR H 116 48.93 9.99 -9.46
C THR H 116 49.67 8.67 -9.65
N PRO H 117 50.71 8.38 -8.83
CA PRO H 117 51.51 7.16 -9.00
C PRO H 117 50.66 5.88 -8.90
N TRP H 118 49.60 5.92 -8.07
CA TRP H 118 48.73 4.76 -7.73
C TRP H 118 48.32 4.00 -9.01
N ASN H 119 47.85 4.72 -10.05
CA ASN H 119 47.35 4.13 -11.31
C ASN H 119 48.12 4.70 -12.52
N GLY H 120 49.27 5.33 -12.28
CA GLY H 120 50.16 5.84 -13.34
C GLY H 120 49.45 6.80 -14.29
N ARG H 121 48.45 7.54 -13.79
CA ARG H 121 47.59 8.45 -14.58
C ARG H 121 48.17 9.86 -14.57
N LEU H 122 48.51 10.41 -15.73
CA LEU H 122 48.70 11.89 -15.89
C LEU H 122 47.35 12.50 -16.29
N THR H 123 46.70 13.19 -15.34
CA THR H 123 45.46 13.97 -15.54
C THR H 123 45.80 15.28 -16.25
N ILE H 124 45.27 15.49 -17.45
CA ILE H 124 45.27 16.83 -18.12
C ILE H 124 44.19 17.66 -17.44
N GLU H 125 44.55 18.32 -16.34
CA GLU H 125 43.61 19.10 -15.47
C GLU H 125 43.03 20.28 -16.25
N ASP H 126 43.80 20.87 -17.16
CA ASP H 126 43.30 21.90 -18.10
C ASP H 126 44.24 21.98 -19.31
N ILE H 127 43.67 22.27 -20.48
CA ILE H 127 44.43 22.60 -21.72
C ILE H 127 43.57 23.59 -22.52
N GLU H 128 44.08 24.80 -22.76
CA GLU H 128 43.36 25.87 -23.47
C GLU H 128 44.32 26.54 -24.46
N VAL H 129 43.81 26.89 -25.64
CA VAL H 129 44.48 27.78 -26.63
C VAL H 129 43.68 29.08 -26.67
N ALA H 130 44.36 30.23 -26.58
CA ALA H 130 43.77 31.59 -26.60
C ALA H 130 42.88 31.75 -27.82
N PRO H 131 41.72 32.43 -27.70
CA PRO H 131 40.76 32.58 -28.81
C PRO H 131 41.35 32.81 -30.22
N GLY H 132 42.35 33.70 -30.36
CA GLY H 132 42.83 34.13 -31.69
C GLY H 132 44.04 33.34 -32.21
N HIS H 133 44.37 32.19 -31.62
CA HIS H 133 45.66 31.47 -31.87
C HIS H 133 45.43 29.99 -32.23
N ARG H 134 44.22 29.62 -32.63
CA ARG H 134 43.88 28.21 -32.99
C ARG H 134 44.39 27.91 -34.41
N GLY H 135 44.56 26.62 -34.73
CA GLY H 135 45.00 26.12 -36.04
C GLY H 135 46.47 26.40 -36.31
N ARG H 136 47.29 26.53 -35.26
CA ARG H 136 48.75 26.82 -35.34
C ARG H 136 49.55 25.79 -34.54
N GLY H 137 48.97 24.63 -34.23
CA GLY H 137 49.65 23.49 -33.61
C GLY H 137 49.99 23.70 -32.15
N ILE H 138 49.33 24.65 -31.47
CA ILE H 138 49.57 24.94 -30.02
C ILE H 138 49.00 23.78 -29.18
N GLY H 139 47.77 23.34 -29.48
CA GLY H 139 47.12 22.21 -28.79
C GLY H 139 48.05 21.01 -28.74
N ARG H 140 48.49 20.57 -29.93
CA ARG H 140 49.41 19.43 -30.16
C ARG H 140 50.71 19.63 -29.38
N GLY H 141 51.30 20.82 -29.48
CA GLY H 141 52.55 21.20 -28.80
C GLY H 141 52.45 21.06 -27.30
N LEU H 142 51.38 21.59 -26.70
CA LEU H 142 51.11 21.53 -25.25
C LEU H 142 50.94 20.07 -24.81
N MET H 143 50.18 19.28 -25.57
CA MET H 143 49.91 17.85 -25.26
C MET H 143 51.21 17.04 -25.39
N GLU H 144 52.09 17.41 -26.32
CA GLU H 144 53.43 16.77 -26.51
C GLU H 144 54.29 17.02 -25.26
N ARG H 145 54.20 18.20 -24.66
CA ARG H 145 54.92 18.57 -23.42
C ARG H 145 54.32 17.79 -22.23
N ALA H 146 52.99 17.59 -22.22
CA ALA H 146 52.29 16.75 -21.23
C ALA H 146 52.80 15.30 -21.35
N ALA H 147 52.91 14.79 -22.57
CA ALA H 147 53.40 13.42 -22.88
C ALA H 147 54.84 13.26 -22.38
N ASP H 148 55.68 14.28 -22.57
CA ASP H 148 57.11 14.29 -22.12
C ASP H 148 57.16 14.13 -20.60
N PHE H 149 56.30 14.85 -19.87
CA PHE H 149 56.20 14.79 -18.39
C PHE H 149 55.71 13.41 -17.96
N ALA H 150 54.74 12.84 -18.68
CA ALA H 150 54.17 11.50 -18.42
C ALA H 150 55.30 10.46 -18.46
N ARG H 151 56.09 10.43 -19.54
CA ARG H 151 57.18 9.44 -19.74
C ARG H 151 58.29 9.68 -18.70
N GLU H 152 58.50 10.94 -18.31
CA GLU H 152 59.48 11.35 -17.25
C GLU H 152 59.07 10.72 -15.90
N ARG H 153 57.76 10.63 -15.62
CA ARG H 153 57.21 10.14 -14.32
C ARG H 153 56.86 8.65 -14.41
N GLY H 154 56.93 8.05 -15.61
CA GLY H 154 56.65 6.62 -15.86
C GLY H 154 55.16 6.31 -15.97
N ALA H 155 54.35 7.32 -16.30
CA ALA H 155 52.87 7.22 -16.46
C ALA H 155 52.52 6.15 -17.50
N GLY H 156 51.39 5.47 -17.31
CA GLY H 156 50.85 4.47 -18.26
C GLY H 156 49.83 5.07 -19.21
N HIS H 157 49.13 6.14 -18.81
CA HIS H 157 48.09 6.78 -19.66
C HIS H 157 47.89 8.26 -19.28
N LEU H 158 47.45 9.06 -20.25
CA LEU H 158 46.91 10.41 -20.04
C LEU H 158 45.39 10.29 -19.89
N TRP H 159 44.78 11.20 -19.13
CA TRP H 159 43.34 11.17 -18.80
C TRP H 159 42.83 12.61 -18.65
N LEU H 160 41.62 12.90 -19.12
CA LEU H 160 40.99 14.23 -18.93
C LEU H 160 39.48 14.06 -18.73
N GLU H 161 38.88 15.06 -18.11
CA GLU H 161 37.42 15.24 -17.97
C GLU H 161 37.00 16.30 -19.00
N VAL H 162 35.89 16.06 -19.69
CA VAL H 162 35.29 17.04 -20.64
C VAL H 162 33.77 16.95 -20.53
N THR H 163 33.11 18.07 -20.33
CA THR H 163 31.62 18.16 -20.33
C THR H 163 31.12 17.77 -21.72
N ASN H 164 30.00 17.06 -21.76
CA ASN H 164 29.37 16.55 -23.01
C ASN H 164 29.05 17.71 -23.97
N VAL H 165 28.85 18.93 -23.48
CA VAL H 165 28.47 20.10 -24.34
C VAL H 165 29.72 20.67 -25.03
N ASN H 166 30.93 20.34 -24.57
CA ASN H 166 32.20 20.90 -25.12
C ASN H 166 32.63 20.07 -26.34
N ALA H 167 31.83 20.11 -27.42
CA ALA H 167 32.07 19.40 -28.69
C ALA H 167 33.38 19.86 -29.33
N PRO H 168 33.72 21.18 -29.32
CA PRO H 168 34.99 21.65 -29.89
C PRO H 168 36.21 20.97 -29.23
N ALA H 169 36.24 20.92 -27.90
CA ALA H 169 37.32 20.27 -27.12
C ALA H 169 37.35 18.77 -27.43
N ILE H 170 36.18 18.11 -27.43
CA ILE H 170 36.06 16.65 -27.70
C ILE H 170 36.69 16.33 -29.06
N HIS H 171 36.37 17.13 -30.09
CA HIS H 171 36.94 16.97 -31.45
C HIS H 171 38.46 17.16 -31.40
N ALA H 172 38.93 18.20 -30.70
CA ALA H 172 40.37 18.48 -30.50
C ALA H 172 41.03 17.27 -29.83
N TYR H 173 40.44 16.72 -28.77
CA TYR H 173 41.03 15.60 -27.99
C TYR H 173 41.07 14.33 -28.84
N LEU H 174 40.00 14.05 -29.62
CA LEU H 174 39.94 12.90 -30.56
C LEU H 174 41.08 13.01 -31.58
N ARG H 175 41.29 14.20 -32.15
CA ARG H 175 42.36 14.53 -33.12
C ARG H 175 43.74 14.18 -32.53
N LEU H 176 43.95 14.45 -31.23
CA LEU H 176 45.26 14.27 -30.54
C LEU H 176 45.44 12.82 -30.06
N GLY H 177 44.46 11.94 -30.26
CA GLY H 177 44.61 10.49 -30.02
C GLY H 177 43.82 9.98 -28.81
N PHE H 178 43.11 10.85 -28.08
CA PHE H 178 42.24 10.46 -26.95
C PHE H 178 41.00 9.72 -27.47
N THR H 179 40.53 8.75 -26.69
CA THR H 179 39.24 8.04 -26.91
C THR H 179 38.47 8.05 -25.59
N PHE H 180 37.13 7.94 -25.64
CA PHE H 180 36.27 7.86 -24.44
C PHE H 180 36.61 6.60 -23.68
N CYS H 181 36.94 6.72 -22.39
CA CYS H 181 37.22 5.59 -21.47
C CYS H 181 36.14 5.51 -20.38
N GLY H 182 35.19 6.44 -20.37
CA GLY H 182 34.05 6.39 -19.44
C GLY H 182 33.32 7.70 -19.33
N LEU H 183 32.54 7.85 -18.26
CA LEU H 183 31.74 9.07 -17.94
C LEU H 183 31.18 8.93 -16.52
N ASP H 184 30.65 10.03 -16.00
CA ASP H 184 29.85 10.07 -14.75
C ASP H 184 28.71 11.06 -14.98
N THR H 185 27.50 10.55 -15.22
CA THR H 185 26.30 11.35 -15.56
C THR H 185 25.78 12.10 -14.32
N ALA H 186 26.32 11.78 -13.13
CA ALA H 186 25.88 12.33 -11.83
C ALA H 186 26.85 13.38 -11.28
N LEU H 187 28.00 13.59 -11.92
CA LEU H 187 29.12 14.40 -11.35
C LEU H 187 28.71 15.86 -11.18
N TYR H 188 27.90 16.40 -12.09
CA TYR H 188 27.56 17.85 -12.15
C TYR H 188 26.21 18.11 -11.48
N LEU H 189 25.54 17.09 -10.94
CA LEU H 189 24.27 17.26 -10.19
C LEU H 189 24.53 18.22 -9.02
N GLY H 190 23.65 19.19 -8.81
CA GLY H 190 23.76 20.18 -7.73
C GLY H 190 24.80 21.26 -7.99
N THR H 191 25.44 21.27 -9.17
CA THR H 191 26.43 22.30 -9.58
C THR H 191 25.75 23.29 -10.53
N GLU H 192 26.46 24.38 -10.87
CA GLU H 192 26.06 25.36 -11.90
C GLU H 192 25.90 24.67 -13.26
N SER H 193 26.57 23.52 -13.47
CA SER H 193 26.61 22.78 -14.76
C SER H 193 25.60 21.61 -14.78
N GLU H 194 24.67 21.53 -13.83
CA GLU H 194 23.59 20.49 -13.78
C GLU H 194 22.87 20.49 -15.13
N GLY H 195 22.57 19.30 -15.66
CA GLY H 195 22.06 19.10 -17.03
C GLY H 195 23.15 18.59 -17.98
N GLU H 196 24.41 18.82 -17.65
CA GLU H 196 25.60 18.31 -18.39
C GLU H 196 26.08 17.01 -17.75
N GLN H 197 26.83 16.21 -18.50
CA GLN H 197 27.46 14.96 -18.04
C GLN H 197 28.98 15.10 -18.19
N ALA H 198 29.73 14.63 -17.19
CA ALA H 198 31.20 14.56 -17.23
C ALA H 198 31.58 13.35 -18.08
N LEU H 199 32.25 13.57 -19.22
CA LEU H 199 32.81 12.47 -20.07
C LEU H 199 34.30 12.35 -19.78
N TYR H 200 34.80 11.12 -19.73
CA TYR H 200 36.22 10.79 -19.43
C TYR H 200 36.86 10.23 -20.70
N MET H 201 38.05 10.74 -21.02
CA MET H 201 38.85 10.30 -22.19
C MET H 201 40.26 9.98 -21.70
N SER H 202 40.91 9.04 -22.36
CA SER H 202 42.28 8.59 -22.02
C SER H 202 43.04 8.30 -23.31
N MET H 203 44.36 8.18 -23.20
CA MET H 203 45.23 7.59 -24.26
C MET H 203 46.47 7.02 -23.60
N PRO H 204 47.03 5.90 -24.11
CA PRO H 204 48.28 5.34 -23.57
C PRO H 204 49.49 6.25 -23.87
N CYS H 205 50.61 6.00 -23.20
CA CYS H 205 51.92 6.67 -23.44
C CYS H 205 52.82 5.80 -24.32
N10 OI9 I . -12.83 12.05 -28.37
C17 OI9 I . -15.68 12.83 -25.24
C18 OI9 I . -17.19 12.83 -25.40
C19 OI9 I . -15.03 12.97 -26.60
C20 OI9 I . -17.64 14.06 -26.17
C21 OI9 I . -16.93 14.15 -27.47
C22 OI9 I . -11.52 11.88 -29.04
C23 OI9 I . -10.53 12.19 -27.95
C24 OI9 I . -11.17 10.58 -29.67
C25 OI9 I . -12.62 12.71 -27.24
C26 OI9 I . -17.11 15.48 -28.17
C27 OI9 I . -9.69 10.67 -30.10
C28 OI9 I . -9.41 12.70 -28.58
C29 OI9 I . -14.71 11.56 -23.34
C30 OI9 I . -14.30 10.21 -22.75
C31 OI9 I . -15.35 9.72 -21.71
C32 OI9 I . -18.36 15.97 -24.99
C33 OI9 I . -16.62 9.25 -22.44
C34 OI9 I . -17.92 9.84 -21.83
C35 OI9 I . -19.16 9.12 -22.42
N09 OI9 I . -13.58 13.11 -26.41
N11 OI9 I . -15.23 11.57 -24.58
N12 OI9 I . -11.31 12.92 -26.96
N13 OI9 I . -8.96 11.93 -29.68
N14 OI9 I . -15.55 10.70 -20.64
N15 OI9 I . -18.15 17.12 -24.41
N16 OI9 I . -19.34 9.32 -23.88
O01 OI9 I . -15.51 14.16 -27.22
O02 OI9 I . -17.30 15.23 -25.42
O03 OI9 I . -17.61 11.66 -26.10
O04 OI9 I . -11.37 9.53 -28.74
O05 OI9 I . -18.44 15.53 -28.73
O06 OI9 I . -8.82 13.71 -28.22
O07 OI9 I . -14.56 12.58 -22.68
O08 OI9 I . -19.50 15.57 -25.17
N10 OI9 J . 4.40 12.23 -28.33
C17 OI9 J . 7.14 15.48 -28.12
C18 OI9 J . 8.64 15.35 -28.02
C19 OI9 J . 6.49 14.20 -27.66
C20 OI9 J . 9.04 14.99 -26.60
C21 OI9 J . 8.32 13.75 -26.13
C22 OI9 J . 3.13 11.49 -28.37
C23 OI9 J . 2.09 12.58 -28.35
C24 OI9 J . 2.80 10.53 -29.47
C25 OI9 J . 4.12 13.48 -27.94
C26 OI9 J . 8.54 13.56 -24.65
C27 OI9 J . 1.42 9.92 -29.08
C28 OI9 J . 0.97 12.08 -27.73
C29 OI9 J . 6.26 16.88 -29.96
C30 OI9 J . 5.96 16.88 -31.45
C31 OI9 J . 6.09 18.27 -32.11
C32 OI9 J . 9.67 16.81 -25.19
C33 OI9 J . 7.49 18.60 -32.58
C34 OI9 J . 8.56 18.35 -31.51
C35 OI9 J . 9.93 18.78 -32.06
N09 OI9 J . 5.04 14.41 -27.67
N11 OI9 J . 6.77 15.71 -29.51
N12 OI9 J . 2.81 13.76 -27.84
N13 OI9 J . 0.63 10.74 -28.08
N14 OI9 J . 5.52 19.37 -31.31
N15 OI9 J . 9.40 17.62 -24.18
N16 OI9 J . 10.81 17.65 -32.45
O01 OI9 J . 6.89 13.91 -26.32
O02 OI9 J . 8.65 16.07 -25.73
O03 OI9 J . 9.07 14.33 -28.90
O04 OI9 J . 2.68 11.20 -30.72
O05 OI9 J . 9.71 12.76 -24.48
O06 OI9 J . 0.31 12.76 -26.95
O07 OI9 J . 6.01 17.86 -29.26
O08 OI9 J . 10.82 16.71 -25.61
N10 OI9 K . -35.20 9.84 19.43
C17 OI9 K . -34.96 9.54 15.19
C18 OI9 K . -35.79 10.32 14.22
C19 OI9 K . -35.65 9.50 16.52
C20 OI9 K . -37.19 9.73 14.12
C21 OI9 K . -37.81 9.62 15.49
C22 OI9 K . -34.97 9.58 20.83
C23 OI9 K . -33.92 8.49 20.83
C24 OI9 K . -34.51 10.65 21.77
C25 OI9 K . -34.71 8.80 18.73
C26 OI9 K . -39.04 8.75 15.41
C27 OI9 K . -34.65 10.00 23.16
C28 OI9 K . -34.11 7.74 21.97
C29 OI9 K . -32.51 9.69 14.98
C30 OI9 K . -31.30 10.57 15.27
C31 OI9 K . -30.17 10.48 14.22
C32 OI9 K . -37.50 8.18 12.35
C33 OI9 K . -30.34 11.48 13.08
C34 OI9 K . -31.65 11.28 12.32
C35 OI9 K . -31.79 12.35 11.21
N09 OI9 K . -34.85 8.65 17.42
N11 OI9 K . -33.69 10.22 15.37
N12 OI9 K . -34.01 7.91 19.48
N13 OI9 K . -34.46 8.48 23.14
N14 OI9 K . -29.89 9.12 13.73
N15 OI9 K . -37.47 6.95 11.87
N16 OI9 K . -32.74 13.43 11.55
O01 OI9 K . -36.92 8.90 16.38
O02 OI9 K . -37.06 8.38 13.62
O03 OI9 K . -35.89 11.67 14.65
O04 OI9 K . -33.16 10.97 21.57
O05 OI9 K . -40.17 9.62 15.13
O06 OI9 K . -33.88 6.52 21.99
O07 OI9 K . -32.38 8.58 14.46
O08 OI9 K . -37.93 9.09 11.66
N10 OI9 L . -27.11 0.81 31.84
C17 OI9 L . -27.48 -3.27 33.07
C18 OI9 L . -26.66 -3.89 34.17
C19 OI9 L . -26.77 -2.05 32.56
C20 OI9 L . -25.27 -4.20 33.65
C21 OI9 L . -24.64 -2.94 33.10
C22 OI9 L . -27.35 2.05 31.08
C23 OI9 L . -28.43 1.65 30.10
C24 OI9 L . -27.75 3.30 31.77
C25 OI9 L . -27.65 -0.19 31.14
C26 OI9 L . -23.35 -3.19 32.36
C27 OI9 L . -27.91 4.35 30.65
C28 OI9 L . -28.24 2.42 28.99
C29 OI9 L . -29.92 -3.44 33.16
C30 OI9 L . -31.24 -2.94 33.78
C31 OI9 L . -31.82 -3.97 34.79
C32 OI9 L . -24.76 -6.33 32.69
C33 OI9 L . -30.96 -3.95 36.07
C34 OI9 L . -30.56 -5.36 36.53
C35 OI9 L . -29.94 -5.30 37.97
N09 OI9 L . -27.54 -1.48 31.44
N11 OI9 L . -28.79 -2.89 33.61
N12 OI9 L . -28.35 0.20 30.06
N13 OI9 L . -28.00 3.78 29.26
N14 OI9 L . -32.02 -5.27 34.14
N15 OI9 L . -24.62 -7.11 31.64
N16 OI9 L . -28.74 -4.45 38.05
O01 OI9 L . -25.47 -2.38 32.06
O02 OI9 L . -25.40 -5.13 32.56
O03 OI9 L . -26.56 -2.95 35.23
O04 OI9 L . -28.97 3.11 32.44
O05 OI9 L . -22.35 -3.45 33.36
O06 OI9 L . -28.32 1.99 27.86
O07 OI9 L . -29.94 -4.28 32.26
O08 OI9 L . -24.31 -6.69 33.77
N10 OI9 M . 4.57 -32.29 7.08
C17 OI9 M . 8.48 -30.55 6.61
C18 OI9 M . 9.67 -31.27 6.01
C19 OI9 M . 7.43 -31.55 7.03
C20 OI9 M . 10.18 -32.32 7.00
C21 OI9 M . 9.06 -33.22 7.42
C22 OI9 M . 3.15 -32.42 7.44
C23 OI9 M . 2.80 -31.08 8.04
C24 OI9 M . 2.13 -32.75 6.38
C25 OI9 M . 5.03 -31.21 7.71
C26 OI9 M . 9.44 -34.15 8.58
C27 OI9 M . 0.76 -32.72 7.08
C28 OI9 M . 1.80 -31.32 8.95
C29 OI9 M . 7.88 -28.31 5.83
C30 OI9 M . 7.18 -27.46 4.77
C31 OI9 M . 8.19 -26.72 3.87
C32 OI9 M . 11.98 -31.66 8.40
C33 OI9 M . 8.87 -27.74 2.95
C34 OI9 M . 10.42 -27.61 2.95
C35 OI9 M . 11.03 -28.51 1.82
N09 OI9 M . 6.32 -30.85 7.69
N11 OI9 M . 7.88 -29.63 5.63
N12 OI9 M . 4.08 -30.49 8.36
N13 OI9 M . 0.74 -32.13 8.48
N14 OI9 M . 9.04 -25.84 4.67
N15 OI9 M . 12.46 -31.19 9.53
N16 OI9 M . 10.77 -29.96 1.97
O01 OI9 M . 7.99 -32.42 7.98
O02 OI9 M . 10.64 -31.65 8.17
O03 OI9 M . 9.29 -31.87 4.78
O04 OI9 M . 2.19 -31.80 5.34
O05 OI9 M . 10.47 -35.02 8.10
O06 OI9 M . 1.79 -30.83 10.08
O07 OI9 M . 8.40 -27.77 6.81
O08 OI9 M . 12.75 -32.09 7.55
N10 OI9 N . -10.06 -26.08 13.76
C17 OI9 N . -11.15 -25.26 17.81
C18 OI9 N . -12.44 -24.58 18.22
C19 OI9 N . -10.87 -24.91 16.38
C20 OI9 N . -12.36 -23.08 17.99
C21 OI9 N . -11.99 -22.79 16.56
C22 OI9 N . -9.23 -26.48 12.60
C23 OI9 N . -7.94 -26.95 13.23
C24 OI9 N . -9.71 -27.50 11.61
C25 OI9 N . -9.23 -25.92 14.81
C26 OI9 N . -11.66 -21.32 16.40
C27 OI9 N . -8.61 -27.51 10.50
C28 OI9 N . -6.92 -26.74 12.31
C29 OI9 N . -10.45 -27.44 18.77
C30 OI9 N . -10.65 -28.95 18.76
C31 OI9 N . -11.20 -29.36 20.13
C32 OI9 N . -11.63 -21.81 19.88
C33 OI9 N . -12.45 -28.51 20.37
C34 OI9 N . -12.90 -28.68 21.83
C35 OI9 N . -14.44 -28.55 22.01
N09 OI9 N . -9.57 -25.46 16.01
N11 OI9 N . -11.24 -26.73 17.93
N12 OI9 N . -7.97 -26.31 14.55
N13 OI9 N . -7.23 -27.04 10.96
N14 OI9 N . -10.14 -29.19 21.16
N15 OI9 N . -10.67 -21.21 20.56
N16 OI9 N . -15.12 -27.69 21.04
O01 OI9 N . -10.76 -23.48 16.25
O02 OI9 N . -11.29 -22.56 18.80
O03 OI9 N . -13.49 -25.12 17.45
O04 OI9 N . -9.80 -28.77 12.18
O05 OI9 N . -12.89 -20.64 16.09
O06 OI9 N . -5.79 -26.41 12.67
O07 OI9 N . -9.68 -26.93 19.57
O08 OI9 N . -12.79 -21.70 20.23
N10 OI9 O . 41.05 4.02 -4.99
C17 OI9 O . 39.09 0.24 -5.03
C18 OI9 O . 39.70 -1.05 -4.57
C19 OI9 O . 40.19 1.22 -5.39
C20 OI9 O . 40.64 -1.61 -5.61
C21 OI9 O . 41.67 -0.58 -6.01
C22 OI9 O . 41.25 5.46 -5.21
C23 OI9 O . 39.94 5.95 -5.79
C24 OI9 O . 41.67 6.37 -4.10
C25 OI9 O . 39.99 3.68 -5.74
C26 OI9 O . 42.42 -1.04 -7.25
C27 OI9 O . 41.94 7.73 -4.75
C28 OI9 O . 40.21 7.03 -6.58
C29 OI9 O . 36.95 0.88 -3.96
C30 OI9 O . 36.30 1.42 -2.68
C31 OI9 O . 35.01 0.63 -2.33
C32 OI9 O . 39.71 -3.19 -7.12
C33 OI9 O . 35.20 -0.88 -2.30
C34 OI9 O . 36.32 -1.19 -1.31
C35 OI9 O . 36.23 -2.67 -0.92
N09 OI9 O . 39.56 2.43 -5.91
N11 OI9 O . 38.30 0.79 -3.91
N12 OI9 O . 39.34 4.71 -6.31
N13 OI9 O . 41.19 7.95 -6.08
N14 OI9 O . 33.93 0.94 -3.27
N15 OI9 O . 39.10 -3.46 -8.25
N16 OI9 O . 37.39 -3.05 -0.10
O01 OI9 O . 41.02 0.65 -6.42
O02 OI9 O . 39.86 -1.89 -6.78
O03 OI9 O . 40.40 -0.83 -3.36
O04 OI9 O . 40.65 6.51 -3.17
O05 OI9 O . 43.58 -1.75 -6.81
O06 OI9 O . 39.58 7.26 -7.61
O07 OI9 O . 36.25 0.55 -4.93
O08 OI9 O . 40.13 -4.10 -6.41
N10 OI9 P . 35.58 19.48 -10.62
C17 OI9 P . 34.96 20.99 -14.60
C18 OI9 P . 34.41 22.36 -14.91
C19 OI9 P . 34.62 20.62 -13.16
C20 OI9 P . 32.93 22.43 -14.55
C21 OI9 P . 32.68 21.98 -13.14
C22 OI9 P . 35.92 18.57 -9.53
C23 OI9 P . 36.37 17.32 -10.26
C24 OI9 P . 37.00 18.91 -8.56
C25 OI9 P . 35.48 18.75 -11.74
C26 OI9 P . 31.19 21.81 -12.85
C27 OI9 P . 37.14 17.69 -7.61
C28 OI9 P . 36.09 16.26 -9.45
C29 OI9 P . 36.99 20.18 -15.72
C30 OI9 P . 38.52 20.20 -15.80
C31 OI9 P . 39.01 21.03 -17.01
C32 OI9 P . 31.38 22.07 -16.31
C33 OI9 P . 38.75 22.51 -16.70
C34 OI9 P . 38.01 23.25 -17.82
C35 OI9 P . 38.04 24.78 -17.52
N09 OI9 P . 35.08 19.25 -12.89
N11 OI9 P . 36.42 20.97 -14.78
N12 OI9 P . 35.83 17.46 -11.59
N13 OI9 P . 36.48 16.42 -8.11
N14 OI9 P . 38.49 20.48 -18.27
N15 OI9 P . 30.63 21.29 -17.07
N16 OI9 P . 37.36 25.15 -16.24
O01 OI9 P . 33.22 20.65 -12.96
O02 OI9 P . 32.22 21.51 -15.41
O03 OI9 P . 35.11 23.32 -14.16
O04 OI9 P . 38.22 19.14 -9.26
O05 OI9 P . 30.56 23.10 -13.02
O06 OI9 P . 35.58 15.22 -9.86
O07 OI9 P . 36.36 19.44 -16.47
O08 OI9 P . 31.33 23.29 -16.46
#